data_2DH8
#
_entry.id   2DH8
#
_entity_poly.entity_id   1
_entity_poly.type   'polypeptide(L)'
_entity_poly.pdbx_seq_one_letter_code
;GSSGSSGMNNSGADEIGKLFVGGLDWSTTQETLRSYFSQYGEVVDCVIMKDKTTNQSRGFGFVKFKDPNCVGTVLASRPH
TLDGRNIDPKPCTPRGMQPSGPSSG
;
_entity_poly.pdbx_strand_id   A
#
# COMPACT_ATOMS: atom_id res chain seq x y z
N GLY A 1 17.96 -21.94 -0.82
CA GLY A 1 18.96 -21.38 -1.72
C GLY A 1 20.31 -22.04 -1.55
N SER A 2 21.15 -21.94 -2.58
CA SER A 2 22.49 -22.53 -2.54
C SER A 2 23.51 -21.52 -2.02
N SER A 3 23.63 -20.40 -2.70
CA SER A 3 24.57 -19.36 -2.30
C SER A 3 23.89 -18.29 -1.46
N GLY A 4 22.88 -17.64 -2.04
CA GLY A 4 22.16 -16.60 -1.31
C GLY A 4 21.53 -17.12 -0.04
N SER A 5 21.52 -16.28 0.99
CA SER A 5 20.94 -16.67 2.27
C SER A 5 19.59 -15.98 2.49
N SER A 6 18.52 -16.73 2.32
CA SER A 6 17.17 -16.20 2.48
C SER A 6 16.84 -16.01 3.96
N GLY A 7 16.93 -17.10 4.72
CA GLY A 7 16.64 -17.04 6.14
C GLY A 7 15.37 -17.78 6.50
N MET A 8 14.89 -17.57 7.73
CA MET A 8 13.68 -18.23 8.21
C MET A 8 12.44 -17.45 7.75
N ASN A 9 11.27 -18.03 8.01
CA ASN A 9 10.01 -17.40 7.64
C ASN A 9 9.23 -16.96 8.87
N ASN A 10 8.74 -15.72 8.86
CA ASN A 10 7.98 -15.18 9.98
C ASN A 10 6.68 -14.54 9.50
N SER A 11 5.69 -14.51 10.37
CA SER A 11 4.39 -13.94 10.04
C SER A 11 4.25 -12.53 10.63
N GLY A 12 4.33 -12.45 11.96
CA GLY A 12 4.20 -11.17 12.63
C GLY A 12 3.01 -10.36 12.14
N ALA A 13 1.88 -10.49 12.83
CA ALA A 13 0.67 -9.77 12.46
C ALA A 13 0.87 -8.26 12.58
N ASP A 14 1.38 -7.65 11.52
CA ASP A 14 1.62 -6.20 11.51
C ASP A 14 1.64 -5.68 10.08
N GLU A 15 0.74 -4.74 9.80
CA GLU A 15 0.65 -4.15 8.47
C GLU A 15 0.17 -5.16 7.44
N ILE A 16 -0.64 -6.12 7.90
CA ILE A 16 -1.16 -7.16 7.03
C ILE A 16 -2.16 -6.58 6.04
N GLY A 17 -3.21 -5.96 6.56
CA GLY A 17 -4.23 -5.36 5.70
C GLY A 17 -3.84 -3.99 5.21
N LYS A 18 -2.57 -3.63 5.38
CA LYS A 18 -2.07 -2.33 4.95
C LYS A 18 -1.44 -2.41 3.57
N LEU A 19 -1.46 -1.30 2.86
CA LEU A 19 -0.88 -1.25 1.52
C LEU A 19 -0.13 0.06 1.29
N PHE A 20 1.20 -0.04 1.15
CA PHE A 20 2.03 1.14 0.94
C PHE A 20 2.17 1.44 -0.55
N VAL A 21 1.55 2.54 -0.98
CA VAL A 21 1.60 2.94 -2.38
C VAL A 21 2.83 3.79 -2.66
N GLY A 22 3.69 3.31 -3.57
CA GLY A 22 4.89 4.05 -3.91
C GLY A 22 4.86 4.57 -5.33
N GLY A 23 4.90 5.89 -5.47
CA GLY A 23 4.87 6.51 -6.79
C GLY A 23 3.68 7.43 -6.98
N LEU A 24 3.31 8.13 -5.92
CA LEU A 24 2.18 9.05 -5.97
C LEU A 24 2.55 10.32 -6.74
N ASP A 25 1.57 11.21 -6.90
CA ASP A 25 1.80 12.46 -7.63
C ASP A 25 1.30 13.65 -6.80
N TRP A 26 2.11 14.70 -6.75
CA TRP A 26 1.76 15.90 -6.00
C TRP A 26 0.26 16.19 -6.11
N SER A 27 -0.30 15.90 -7.28
CA SER A 27 -1.72 16.13 -7.53
C SER A 27 -2.58 15.10 -6.81
N THR A 28 -2.16 13.85 -6.88
CA THR A 28 -2.88 12.76 -6.24
C THR A 28 -3.41 13.19 -4.87
N THR A 29 -4.67 12.84 -4.59
CA THR A 29 -5.29 13.19 -3.33
C THR A 29 -5.73 11.95 -2.57
N GLN A 30 -6.10 12.12 -1.31
CA GLN A 30 -6.54 11.01 -0.48
C GLN A 30 -7.94 10.56 -0.88
N GLU A 31 -8.79 11.51 -1.24
CA GLU A 31 -10.16 11.22 -1.64
C GLU A 31 -10.18 10.27 -2.84
N THR A 32 -9.64 10.73 -3.97
CA THR A 32 -9.60 9.92 -5.18
C THR A 32 -8.82 8.63 -4.95
N LEU A 33 -7.72 8.72 -4.21
CA LEU A 33 -6.89 7.56 -3.92
C LEU A 33 -7.72 6.46 -3.25
N ARG A 34 -8.56 6.86 -2.30
CA ARG A 34 -9.40 5.92 -1.58
C ARG A 34 -10.22 5.07 -2.55
N SER A 35 -11.01 5.73 -3.38
CA SER A 35 -11.84 5.03 -4.36
C SER A 35 -11.00 4.16 -5.28
N TYR A 36 -9.97 4.75 -5.86
CA TYR A 36 -9.08 4.02 -6.77
C TYR A 36 -8.77 2.63 -6.21
N PHE A 37 -8.49 2.57 -4.91
CA PHE A 37 -8.18 1.30 -4.26
C PHE A 37 -9.43 0.63 -3.73
N SER A 38 -10.46 1.44 -3.45
CA SER A 38 -11.72 0.92 -2.93
C SER A 38 -12.32 -0.11 -3.89
N GLN A 39 -12.14 0.13 -5.18
CA GLN A 39 -12.66 -0.78 -6.20
C GLN A 39 -12.13 -2.20 -6.00
N TYR A 40 -10.96 -2.29 -5.39
CA TYR A 40 -10.35 -3.60 -5.14
C TYR A 40 -10.75 -4.13 -3.77
N GLY A 41 -10.63 -3.28 -2.75
CA GLY A 41 -10.98 -3.68 -1.40
C GLY A 41 -11.55 -2.53 -0.59
N GLU A 42 -12.49 -2.84 0.30
CA GLU A 42 -13.11 -1.83 1.14
C GLU A 42 -12.05 -1.02 1.89
N VAL A 43 -11.79 0.18 1.39
CA VAL A 43 -10.80 1.06 2.00
C VAL A 43 -11.24 1.48 3.40
N VAL A 44 -10.41 1.16 4.40
CA VAL A 44 -10.72 1.52 5.78
C VAL A 44 -10.07 2.85 6.17
N ASP A 45 -8.86 3.06 5.70
CA ASP A 45 -8.13 4.29 6.00
C ASP A 45 -7.11 4.59 4.90
N CYS A 46 -7.17 5.79 4.34
CA CYS A 46 -6.26 6.21 3.29
C CYS A 46 -5.40 7.38 3.74
N VAL A 47 -4.10 7.28 3.52
CA VAL A 47 -3.17 8.33 3.90
C VAL A 47 -2.21 8.67 2.77
N ILE A 48 -1.90 9.95 2.62
CA ILE A 48 -1.01 10.40 1.57
C ILE A 48 0.03 11.38 2.11
N MET A 49 1.24 10.89 2.33
CA MET A 49 2.32 11.72 2.85
C MET A 49 2.51 12.97 2.00
N LYS A 50 2.76 14.09 2.66
CA LYS A 50 2.95 15.36 1.96
C LYS A 50 4.21 16.07 2.45
N ASP A 51 4.56 17.17 1.81
CA ASP A 51 5.73 17.94 2.18
C ASP A 51 5.51 18.67 3.51
N LYS A 52 6.57 19.28 4.03
CA LYS A 52 6.48 20.01 5.29
C LYS A 52 5.91 21.41 5.08
N THR A 53 6.41 22.10 4.05
CA THR A 53 5.94 23.44 3.74
C THR A 53 5.01 23.43 2.53
N THR A 54 5.45 22.79 1.45
CA THR A 54 4.65 22.71 0.23
C THR A 54 3.37 21.90 0.47
N ASN A 55 3.40 21.03 1.48
CA ASN A 55 2.25 20.21 1.80
C ASN A 55 1.69 19.54 0.55
N GLN A 56 2.58 18.97 -0.25
CA GLN A 56 2.17 18.29 -1.48
C GLN A 56 2.60 16.82 -1.46
N SER A 57 1.73 15.96 -2.00
CA SER A 57 2.02 14.53 -2.03
C SER A 57 3.41 14.27 -2.59
N ARG A 58 4.36 14.02 -1.70
CA ARG A 58 5.74 13.76 -2.11
C ARG A 58 5.79 12.69 -3.18
N GLY A 59 5.11 11.57 -2.94
CA GLY A 59 5.09 10.49 -3.91
C GLY A 59 4.95 9.13 -3.25
N PHE A 60 4.15 9.08 -2.19
CA PHE A 60 3.93 7.82 -1.47
C PHE A 60 2.87 8.00 -0.39
N GLY A 61 2.25 6.90 0.02
CA GLY A 61 1.22 6.95 1.04
C GLY A 61 0.90 5.59 1.62
N PHE A 62 -0.34 5.40 2.04
CA PHE A 62 -0.77 4.13 2.62
C PHE A 62 -2.26 3.90 2.37
N VAL A 63 -2.68 2.64 2.48
CA VAL A 63 -4.07 2.29 2.27
C VAL A 63 -4.45 1.05 3.07
N LYS A 64 -5.46 1.20 3.93
CA LYS A 64 -5.93 0.08 4.76
C LYS A 64 -7.08 -0.65 4.10
N PHE A 65 -7.21 -1.94 4.40
CA PHE A 65 -8.28 -2.75 3.83
C PHE A 65 -8.99 -3.55 4.91
N LYS A 66 -10.32 -3.41 4.98
CA LYS A 66 -11.11 -4.13 5.96
C LYS A 66 -10.64 -5.58 6.10
N ASP A 67 -10.18 -6.15 5.00
CA ASP A 67 -9.69 -7.53 5.00
C ASP A 67 -8.24 -7.60 4.54
N PRO A 68 -7.44 -8.43 5.21
CA PRO A 68 -6.02 -8.61 4.89
C PRO A 68 -5.82 -9.32 3.56
N ASN A 69 -6.92 -9.74 2.93
CA ASN A 69 -6.86 -10.44 1.65
C ASN A 69 -6.91 -9.45 0.49
N CYS A 70 -7.55 -8.31 0.71
CA CYS A 70 -7.67 -7.29 -0.31
C CYS A 70 -6.31 -6.87 -0.82
N VAL A 71 -5.33 -6.77 0.08
CA VAL A 71 -3.98 -6.38 -0.28
C VAL A 71 -3.45 -7.23 -1.43
N GLY A 72 -3.59 -8.55 -1.30
CA GLY A 72 -3.12 -9.45 -2.33
C GLY A 72 -3.77 -9.19 -3.67
N THR A 73 -5.11 -9.17 -3.69
CA THR A 73 -5.85 -8.92 -4.92
C THR A 73 -5.20 -7.83 -5.75
N VAL A 74 -4.80 -6.75 -5.08
CA VAL A 74 -4.16 -5.62 -5.76
C VAL A 74 -2.74 -5.97 -6.18
N LEU A 75 -2.00 -6.60 -5.28
CA LEU A 75 -0.62 -6.99 -5.56
C LEU A 75 -0.54 -7.84 -6.82
N ALA A 76 -1.65 -8.48 -7.17
CA ALA A 76 -1.72 -9.31 -8.36
C ALA A 76 -2.15 -8.52 -9.59
N SER A 77 -2.84 -7.41 -9.34
CA SER A 77 -3.32 -6.56 -10.43
C SER A 77 -2.20 -5.65 -10.93
N ARG A 78 -1.11 -5.58 -10.18
CA ARG A 78 0.03 -4.75 -10.55
C ARG A 78 0.49 -5.07 -11.96
N PRO A 79 1.18 -4.10 -12.59
CA PRO A 79 1.48 -2.81 -11.97
C PRO A 79 0.23 -1.94 -11.80
N HIS A 80 0.41 -0.74 -11.29
CA HIS A 80 -0.70 0.19 -11.07
C HIS A 80 -0.34 1.59 -11.57
N THR A 81 -1.37 2.40 -11.83
CA THR A 81 -1.17 3.75 -12.31
C THR A 81 -2.41 4.60 -12.08
N LEU A 82 -2.35 5.48 -11.09
CA LEU A 82 -3.47 6.35 -10.77
C LEU A 82 -3.13 7.82 -11.07
N ASP A 83 -4.16 8.60 -11.35
CA ASP A 83 -3.97 10.02 -11.66
C ASP A 83 -2.78 10.22 -12.60
N GLY A 84 -2.81 9.52 -13.74
CA GLY A 84 -1.73 9.63 -14.70
C GLY A 84 -0.36 9.54 -14.05
N ARG A 85 -0.27 8.75 -13.00
CA ARG A 85 1.00 8.57 -12.28
C ARG A 85 1.28 7.10 -12.02
N ASN A 86 2.44 6.64 -12.45
CA ASN A 86 2.83 5.24 -12.26
C ASN A 86 3.10 4.94 -10.79
N ILE A 87 2.18 4.23 -10.16
CA ILE A 87 2.31 3.87 -8.75
C ILE A 87 2.49 2.37 -8.57
N ASP A 88 2.88 1.96 -7.37
CA ASP A 88 3.08 0.54 -7.08
C ASP A 88 2.86 0.27 -5.60
N PRO A 89 1.78 -0.47 -5.28
CA PRO A 89 1.43 -0.82 -3.90
C PRO A 89 2.41 -1.82 -3.29
N LYS A 90 2.32 -2.00 -1.99
CA LYS A 90 3.21 -2.94 -1.28
C LYS A 90 2.52 -3.52 -0.05
N PRO A 91 2.80 -4.80 0.24
CA PRO A 91 2.22 -5.50 1.39
C PRO A 91 2.74 -4.96 2.72
N CYS A 92 3.58 -3.94 2.65
CA CYS A 92 4.14 -3.34 3.86
C CYS A 92 4.99 -4.35 4.62
N THR A 93 5.56 -5.31 3.90
CA THR A 93 6.39 -6.33 4.51
C THR A 93 7.81 -6.31 3.94
N PRO A 94 8.78 -6.78 4.74
CA PRO A 94 10.18 -6.83 4.34
C PRO A 94 10.44 -7.87 3.25
N ARG A 95 11.45 -7.63 2.43
CA ARG A 95 11.81 -8.55 1.35
C ARG A 95 11.77 -10.00 1.83
N GLY A 96 11.78 -10.93 0.88
CA GLY A 96 11.75 -12.34 1.23
C GLY A 96 10.51 -13.04 0.71
N MET A 97 10.29 -14.27 1.18
CA MET A 97 9.12 -15.05 0.75
C MET A 97 8.18 -15.29 1.92
N GLN A 98 6.96 -15.73 1.61
CA GLN A 98 5.95 -16.00 2.63
C GLN A 98 5.20 -17.28 2.33
N PRO A 99 4.90 -18.06 3.38
CA PRO A 99 4.18 -19.33 3.25
C PRO A 99 2.72 -19.12 2.86
N SER A 100 2.33 -17.86 2.70
CA SER A 100 0.95 -17.53 2.33
C SER A 100 0.38 -18.58 1.39
N GLY A 101 1.05 -18.78 0.25
CA GLY A 101 0.59 -19.75 -0.71
C GLY A 101 -0.11 -19.12 -1.90
N PRO A 102 -0.79 -19.94 -2.71
CA PRO A 102 -1.52 -19.46 -3.89
C PRO A 102 -2.74 -18.64 -3.53
N SER A 103 -3.04 -18.55 -2.24
CA SER A 103 -4.19 -17.81 -1.75
C SER A 103 -4.35 -16.51 -2.54
N SER A 104 -5.28 -16.51 -3.50
CA SER A 104 -5.54 -15.34 -4.33
C SER A 104 -6.72 -15.59 -5.25
N GLY A 105 -7.24 -14.51 -5.83
CA GLY A 105 -8.37 -14.62 -6.73
C GLY A 105 -8.22 -13.76 -7.97
N GLY A 1 11.11 -14.78 -10.70
CA GLY A 1 11.83 -15.81 -11.44
C GLY A 1 11.12 -17.15 -11.39
N SER A 2 11.86 -18.22 -11.64
CA SER A 2 11.30 -19.57 -11.64
C SER A 2 11.71 -20.32 -10.38
N SER A 3 11.65 -19.63 -9.24
CA SER A 3 12.01 -20.24 -7.96
C SER A 3 11.51 -19.38 -6.79
N GLY A 4 10.98 -20.04 -5.77
CA GLY A 4 10.48 -19.32 -4.61
C GLY A 4 10.32 -20.23 -3.40
N SER A 5 11.42 -20.82 -2.96
CA SER A 5 11.39 -21.72 -1.81
C SER A 5 10.42 -21.21 -0.75
N SER A 6 10.62 -19.97 -0.32
CA SER A 6 9.76 -19.37 0.71
C SER A 6 9.89 -17.84 0.69
N GLY A 7 8.86 -17.17 0.20
CA GLY A 7 8.88 -15.73 0.14
C GLY A 7 7.76 -15.10 0.94
N MET A 8 6.53 -15.31 0.49
CA MET A 8 5.36 -14.76 1.19
C MET A 8 5.45 -14.99 2.69
N ASN A 9 5.05 -13.99 3.47
CA ASN A 9 5.09 -14.08 4.92
C ASN A 9 3.83 -13.50 5.54
N ASN A 10 3.56 -13.89 6.78
CA ASN A 10 2.37 -13.39 7.49
C ASN A 10 2.50 -13.63 8.99
N SER A 11 2.47 -12.55 9.76
CA SER A 11 2.58 -12.64 11.22
C SER A 11 2.20 -11.32 11.87
N GLY A 12 1.32 -11.40 12.87
CA GLY A 12 0.88 -10.20 13.57
C GLY A 12 0.03 -9.30 12.69
N ALA A 13 -1.16 -8.97 13.17
CA ALA A 13 -2.06 -8.11 12.42
C ALA A 13 -1.77 -6.64 12.68
N ASP A 14 -0.79 -6.10 11.96
CA ASP A 14 -0.41 -4.70 12.11
C ASP A 14 -0.36 -3.99 10.75
N GLU A 15 0.52 -4.47 9.88
CA GLU A 15 0.65 -3.88 8.55
C GLU A 15 0.27 -4.89 7.46
N ILE A 16 -0.42 -5.95 7.87
CA ILE A 16 -0.85 -6.98 6.93
C ILE A 16 -1.84 -6.42 5.92
N GLY A 17 -2.94 -5.87 6.42
CA GLY A 17 -3.95 -5.32 5.54
C GLY A 17 -3.60 -3.91 5.08
N LYS A 18 -2.36 -3.51 5.29
CA LYS A 18 -1.90 -2.19 4.89
C LYS A 18 -1.21 -2.23 3.53
N LEU A 19 -1.59 -1.31 2.64
CA LEU A 19 -1.02 -1.25 1.31
C LEU A 19 -0.15 0.00 1.14
N PHE A 20 1.16 -0.19 1.14
CA PHE A 20 2.10 0.92 0.98
C PHE A 20 2.28 1.28 -0.49
N VAL A 21 1.73 2.42 -0.88
CA VAL A 21 1.82 2.88 -2.26
C VAL A 21 3.13 3.63 -2.50
N GLY A 22 3.81 3.31 -3.60
CA GLY A 22 5.06 3.96 -3.91
C GLY A 22 5.10 4.50 -5.33
N GLY A 23 4.90 5.82 -5.46
CA GLY A 23 4.91 6.43 -6.78
C GLY A 23 3.77 7.39 -6.97
N LEU A 24 3.29 7.98 -5.87
CA LEU A 24 2.17 8.92 -5.92
C LEU A 24 2.59 10.22 -6.60
N ASP A 25 1.62 11.07 -6.88
CA ASP A 25 1.89 12.36 -7.52
C ASP A 25 1.35 13.51 -6.69
N TRP A 26 2.13 14.59 -6.60
CA TRP A 26 1.73 15.76 -5.83
C TRP A 26 0.25 16.07 -6.03
N SER A 27 -0.25 15.77 -7.23
CA SER A 27 -1.65 16.02 -7.55
C SER A 27 -2.56 15.01 -6.85
N THR A 28 -2.21 13.73 -6.96
CA THR A 28 -2.99 12.67 -6.34
C THR A 28 -3.48 13.08 -4.96
N THR A 29 -4.75 12.81 -4.68
CA THR A 29 -5.35 13.15 -3.39
C THR A 29 -5.79 11.91 -2.64
N GLN A 30 -6.08 12.07 -1.35
CA GLN A 30 -6.52 10.95 -0.53
C GLN A 30 -7.93 10.51 -0.91
N GLU A 31 -8.76 11.49 -1.31
CA GLU A 31 -10.13 11.20 -1.70
C GLU A 31 -10.18 10.24 -2.88
N THR A 32 -9.67 10.68 -4.03
CA THR A 32 -9.65 9.87 -5.23
C THR A 32 -8.90 8.56 -5.00
N LEU A 33 -7.82 8.62 -4.23
CA LEU A 33 -7.03 7.44 -3.92
C LEU A 33 -7.87 6.37 -3.27
N ARG A 34 -8.65 6.75 -2.26
CA ARG A 34 -9.51 5.83 -1.55
C ARG A 34 -10.33 4.98 -2.52
N SER A 35 -11.05 5.65 -3.42
CA SER A 35 -11.86 4.96 -4.41
C SER A 35 -11.00 4.04 -5.28
N TYR A 36 -10.04 4.63 -5.98
CA TYR A 36 -9.16 3.87 -6.86
C TYR A 36 -8.83 2.51 -6.25
N PHE A 37 -8.59 2.50 -4.94
CA PHE A 37 -8.24 1.27 -4.24
C PHE A 37 -9.51 0.60 -3.70
N SER A 38 -10.54 1.39 -3.45
CA SER A 38 -11.80 0.88 -2.93
C SER A 38 -12.39 -0.16 -3.88
N GLN A 39 -12.34 0.13 -5.17
CA GLN A 39 -12.88 -0.76 -6.18
C GLN A 39 -12.32 -2.18 -6.00
N TYR A 40 -11.14 -2.27 -5.41
CA TYR A 40 -10.51 -3.56 -5.17
C TYR A 40 -10.87 -4.10 -3.78
N GLY A 41 -10.66 -3.28 -2.77
CA GLY A 41 -10.96 -3.68 -1.41
C GLY A 41 -11.57 -2.56 -0.58
N GLU A 42 -12.47 -2.92 0.32
CA GLU A 42 -13.13 -1.93 1.17
C GLU A 42 -12.10 -1.09 1.91
N VAL A 43 -11.85 0.11 1.39
CA VAL A 43 -10.88 1.02 2.00
C VAL A 43 -11.34 1.45 3.39
N VAL A 44 -10.50 1.23 4.39
CA VAL A 44 -10.82 1.59 5.77
C VAL A 44 -10.23 2.96 6.12
N ASP A 45 -8.99 3.18 5.69
CA ASP A 45 -8.30 4.44 5.96
C ASP A 45 -7.19 4.69 4.95
N CYS A 46 -7.30 5.79 4.23
CA CYS A 46 -6.31 6.15 3.22
C CYS A 46 -5.44 7.30 3.69
N VAL A 47 -4.14 7.23 3.38
CA VAL A 47 -3.20 8.27 3.78
C VAL A 47 -2.25 8.61 2.65
N ILE A 48 -1.89 9.89 2.55
CA ILE A 48 -0.98 10.35 1.51
C ILE A 48 0.08 11.28 2.08
N MET A 49 1.30 10.77 2.21
CA MET A 49 2.41 11.56 2.73
C MET A 49 2.63 12.82 1.90
N LYS A 50 2.70 13.96 2.57
CA LYS A 50 2.90 15.24 1.89
C LYS A 50 4.13 15.96 2.44
N ASP A 51 4.56 17.00 1.75
CA ASP A 51 5.72 17.77 2.16
C ASP A 51 5.41 18.60 3.41
N LYS A 52 6.46 19.10 4.06
CA LYS A 52 6.29 19.90 5.26
C LYS A 52 5.75 21.29 4.93
N THR A 53 6.45 21.99 4.05
CA THR A 53 6.03 23.33 3.64
C THR A 53 5.12 23.28 2.41
N THR A 54 5.62 22.68 1.34
CA THR A 54 4.86 22.55 0.10
C THR A 54 3.54 21.82 0.35
N ASN A 55 3.56 20.89 1.29
CA ASN A 55 2.36 20.12 1.62
C ASN A 55 1.82 19.41 0.39
N GLN A 56 2.72 18.87 -0.42
CA GLN A 56 2.34 18.16 -1.64
C GLN A 56 2.74 16.68 -1.57
N SER A 57 1.87 15.82 -2.09
CA SER A 57 2.14 14.38 -2.08
C SER A 57 3.51 14.08 -2.66
N ARG A 58 4.50 13.91 -1.77
CA ARG A 58 5.87 13.62 -2.20
C ARG A 58 5.87 12.53 -3.28
N GLY A 59 5.12 11.47 -3.05
CA GLY A 59 5.06 10.38 -4.01
C GLY A 59 4.90 9.03 -3.35
N PHE A 60 4.16 8.99 -2.24
CA PHE A 60 3.93 7.75 -1.51
C PHE A 60 2.90 7.95 -0.40
N GLY A 61 2.22 6.88 -0.03
CA GLY A 61 1.22 6.96 1.01
C GLY A 61 0.90 5.60 1.62
N PHE A 62 -0.34 5.43 2.05
CA PHE A 62 -0.77 4.17 2.65
C PHE A 62 -2.28 3.96 2.46
N VAL A 63 -2.72 2.71 2.54
CA VAL A 63 -4.12 2.38 2.37
C VAL A 63 -4.49 1.14 3.18
N LYS A 64 -5.45 1.29 4.08
CA LYS A 64 -5.90 0.19 4.92
C LYS A 64 -7.07 -0.55 4.27
N PHE A 65 -7.11 -1.86 4.45
CA PHE A 65 -8.18 -2.68 3.90
C PHE A 65 -8.88 -3.48 4.98
N LYS A 66 -10.20 -3.36 5.05
CA LYS A 66 -11.00 -4.07 6.04
C LYS A 66 -10.45 -5.47 6.27
N ASP A 67 -10.04 -6.14 5.18
CA ASP A 67 -9.50 -7.48 5.26
C ASP A 67 -8.12 -7.55 4.61
N PRO A 68 -7.22 -8.34 5.21
CA PRO A 68 -5.85 -8.51 4.71
C PRO A 68 -5.81 -9.28 3.40
N ASN A 69 -6.99 -9.64 2.89
CA ASN A 69 -7.07 -10.39 1.64
C ASN A 69 -7.11 -9.44 0.44
N CYS A 70 -7.64 -8.24 0.65
CA CYS A 70 -7.74 -7.25 -0.41
C CYS A 70 -6.35 -6.89 -0.93
N VAL A 71 -5.39 -6.77 -0.02
CA VAL A 71 -4.02 -6.42 -0.38
C VAL A 71 -3.53 -7.28 -1.54
N GLY A 72 -3.63 -8.60 -1.39
CA GLY A 72 -3.19 -9.51 -2.43
C GLY A 72 -3.85 -9.22 -3.76
N THR A 73 -5.18 -9.23 -3.77
CA THR A 73 -5.93 -8.98 -4.99
C THR A 73 -5.34 -7.81 -5.77
N VAL A 74 -5.01 -6.74 -5.05
CA VAL A 74 -4.43 -5.55 -5.67
C VAL A 74 -2.99 -5.79 -6.09
N LEU A 75 -2.23 -6.45 -5.23
CA LEU A 75 -0.83 -6.75 -5.50
C LEU A 75 -0.69 -7.46 -6.84
N ALA A 76 -1.53 -8.46 -7.07
CA ALA A 76 -1.49 -9.22 -8.31
C ALA A 76 -1.92 -8.36 -9.50
N SER A 77 -2.74 -7.35 -9.22
CA SER A 77 -3.23 -6.45 -10.26
C SER A 77 -2.10 -5.59 -10.80
N ARG A 78 -1.02 -5.48 -10.03
CA ARG A 78 0.13 -4.67 -10.43
C ARG A 78 0.56 -5.02 -11.86
N PRO A 79 1.22 -4.07 -12.52
CA PRO A 79 1.54 -2.76 -11.93
C PRO A 79 0.28 -1.90 -11.74
N HIS A 80 0.48 -0.68 -11.25
CA HIS A 80 -0.63 0.24 -11.03
C HIS A 80 -0.29 1.63 -11.55
N THR A 81 -1.32 2.44 -11.80
CA THR A 81 -1.14 3.79 -12.31
C THR A 81 -2.40 4.63 -12.11
N LEU A 82 -2.33 5.54 -11.15
CA LEU A 82 -3.46 6.42 -10.84
C LEU A 82 -3.11 7.87 -11.11
N ASP A 83 -4.13 8.68 -11.37
CA ASP A 83 -3.93 10.11 -11.63
C ASP A 83 -2.73 10.32 -12.56
N GLY A 84 -2.75 9.65 -13.70
CA GLY A 84 -1.66 9.78 -14.65
C GLY A 84 -0.29 9.68 -13.99
N ARG A 85 -0.19 8.84 -12.95
CA ARG A 85 1.05 8.65 -12.23
C ARG A 85 1.32 7.17 -11.98
N ASN A 86 2.50 6.72 -12.38
CA ASN A 86 2.88 5.32 -12.20
C ASN A 86 3.12 5.01 -10.73
N ILE A 87 2.19 4.29 -10.12
CA ILE A 87 2.32 3.92 -8.70
C ILE A 87 2.45 2.41 -8.55
N ASP A 88 2.85 1.99 -7.35
CA ASP A 88 3.02 0.56 -7.06
C ASP A 88 2.81 0.28 -5.57
N PRO A 89 1.72 -0.43 -5.25
CA PRO A 89 1.38 -0.78 -3.87
C PRO A 89 2.34 -1.81 -3.28
N LYS A 90 2.32 -1.93 -1.96
CA LYS A 90 3.19 -2.88 -1.26
C LYS A 90 2.49 -3.49 -0.06
N PRO A 91 2.76 -4.77 0.20
CA PRO A 91 2.16 -5.50 1.32
C PRO A 91 2.68 -5.01 2.68
N CYS A 92 3.65 -4.09 2.64
CA CYS A 92 4.22 -3.54 3.86
C CYS A 92 4.89 -4.64 4.68
N THR A 93 5.81 -5.37 4.04
CA THR A 93 6.52 -6.45 4.70
C THR A 93 8.01 -6.39 4.39
N PRO A 94 8.84 -6.91 5.32
CA PRO A 94 10.29 -6.93 5.16
C PRO A 94 10.74 -7.90 4.07
N ARG A 95 11.57 -7.41 3.15
CA ARG A 95 12.07 -8.24 2.06
C ARG A 95 13.16 -9.19 2.55
N GLY A 96 13.55 -10.14 1.70
CA GLY A 96 14.59 -11.08 2.07
C GLY A 96 14.09 -12.14 3.04
N MET A 97 14.86 -12.40 4.08
CA MET A 97 14.49 -13.39 5.09
C MET A 97 15.00 -12.97 6.47
N GLN A 98 14.16 -13.17 7.49
CA GLN A 98 14.51 -12.82 8.85
C GLN A 98 15.40 -13.89 9.48
N PRO A 99 16.17 -13.50 10.50
CA PRO A 99 17.07 -14.42 11.20
C PRO A 99 16.32 -15.44 12.04
N SER A 100 15.00 -15.34 12.03
CA SER A 100 14.15 -16.26 12.80
C SER A 100 14.78 -17.65 12.85
N GLY A 101 14.74 -18.28 14.03
CA GLY A 101 15.30 -19.60 14.18
C GLY A 101 14.24 -20.64 14.47
N PRO A 102 14.03 -20.95 15.76
CA PRO A 102 13.05 -21.94 16.19
C PRO A 102 11.61 -21.46 15.97
N SER A 103 10.66 -22.34 16.28
CA SER A 103 9.24 -22.00 16.12
C SER A 103 8.45 -22.39 17.35
N SER A 104 7.98 -21.39 18.09
CA SER A 104 7.20 -21.63 19.30
C SER A 104 5.73 -21.85 18.97
N GLY A 105 5.37 -23.10 18.70
CA GLY A 105 4.00 -23.42 18.36
C GLY A 105 3.77 -23.58 16.88
N GLY A 1 -2.14 -14.71 -18.87
CA GLY A 1 -1.51 -14.24 -17.64
C GLY A 1 -1.92 -15.06 -16.44
N SER A 2 -0.94 -15.41 -15.61
CA SER A 2 -1.19 -16.20 -14.41
C SER A 2 -1.41 -15.30 -13.20
N SER A 3 -2.34 -15.69 -12.33
CA SER A 3 -2.65 -14.91 -11.13
C SER A 3 -1.38 -14.59 -10.36
N GLY A 4 -0.66 -15.64 -9.95
CA GLY A 4 0.57 -15.45 -9.20
C GLY A 4 0.38 -14.53 -8.01
N SER A 5 -0.33 -15.01 -7.00
CA SER A 5 -0.58 -14.22 -5.80
C SER A 5 0.44 -14.54 -4.71
N SER A 6 1.69 -14.68 -5.11
CA SER A 6 2.77 -14.99 -4.17
C SER A 6 3.49 -13.71 -3.72
N GLY A 7 3.51 -13.49 -2.40
CA GLY A 7 4.15 -12.31 -1.87
C GLY A 7 3.56 -11.87 -0.54
N MET A 8 3.91 -12.59 0.52
CA MET A 8 3.39 -12.28 1.86
C MET A 8 4.33 -12.81 2.94
N ASN A 9 4.29 -12.19 4.11
CA ASN A 9 5.13 -12.61 5.22
C ASN A 9 4.30 -12.78 6.49
N ASN A 10 4.78 -13.64 7.39
CA ASN A 10 4.09 -13.90 8.64
C ASN A 10 4.49 -12.89 9.71
N SER A 11 5.79 -12.75 9.92
CA SER A 11 6.32 -11.82 10.92
C SER A 11 5.54 -10.50 10.89
N GLY A 12 5.32 -9.92 12.06
CA GLY A 12 4.59 -8.67 12.14
C GLY A 12 3.20 -8.76 11.53
N ALA A 13 2.20 -8.98 12.38
CA ALA A 13 0.83 -9.09 11.92
C ALA A 13 0.07 -7.78 12.14
N ASP A 14 0.71 -6.67 11.82
CA ASP A 14 0.10 -5.35 11.99
C ASP A 14 -0.12 -4.69 10.63
N GLU A 15 0.87 -4.78 9.76
CA GLU A 15 0.79 -4.18 8.44
C GLU A 15 0.28 -5.20 7.41
N ILE A 16 -0.62 -6.06 7.85
CA ILE A 16 -1.18 -7.09 6.97
C ILE A 16 -2.14 -6.48 5.96
N GLY A 17 -3.20 -5.85 6.47
CA GLY A 17 -4.19 -5.23 5.60
C GLY A 17 -3.78 -3.85 5.16
N LYS A 18 -2.48 -3.56 5.24
CA LYS A 18 -1.96 -2.26 4.83
C LYS A 18 -1.30 -2.33 3.46
N LEU A 19 -1.52 -1.30 2.65
CA LEU A 19 -0.96 -1.24 1.31
C LEU A 19 -0.11 0.02 1.12
N PHE A 20 1.20 -0.16 1.11
CA PHE A 20 2.12 0.96 0.93
C PHE A 20 2.27 1.31 -0.54
N VAL A 21 1.80 2.50 -0.92
CA VAL A 21 1.89 2.95 -2.30
C VAL A 21 3.22 3.68 -2.55
N GLY A 22 3.84 3.37 -3.69
CA GLY A 22 5.11 4.00 -4.02
C GLY A 22 5.11 4.55 -5.44
N GLY A 23 4.96 5.86 -5.56
CA GLY A 23 4.95 6.48 -6.87
C GLY A 23 3.79 7.45 -7.05
N LEU A 24 3.29 7.98 -5.94
CA LEU A 24 2.18 8.92 -5.97
C LEU A 24 2.59 10.23 -6.62
N ASP A 25 1.60 11.02 -7.03
CA ASP A 25 1.86 12.31 -7.67
C ASP A 25 1.34 13.45 -6.80
N TRP A 26 2.13 14.52 -6.72
CA TRP A 26 1.75 15.69 -5.92
C TRP A 26 0.26 15.99 -6.07
N SER A 27 -0.28 15.70 -7.25
CA SER A 27 -1.70 15.94 -7.52
C SER A 27 -2.58 14.95 -6.78
N THR A 28 -2.25 13.66 -6.90
CA THR A 28 -3.01 12.61 -6.24
C THR A 28 -3.52 13.07 -4.88
N THR A 29 -4.74 12.68 -4.54
CA THR A 29 -5.34 13.05 -3.27
C THR A 29 -5.85 11.83 -2.52
N GLN A 30 -6.02 11.97 -1.21
CA GLN A 30 -6.50 10.87 -0.38
C GLN A 30 -7.90 10.44 -0.80
N GLU A 31 -8.75 11.43 -1.11
CA GLU A 31 -10.12 11.14 -1.53
C GLU A 31 -10.14 10.20 -2.72
N THR A 32 -9.61 10.66 -3.84
CA THR A 32 -9.56 9.86 -5.06
C THR A 32 -8.82 8.55 -4.84
N LEU A 33 -7.73 8.61 -4.09
CA LEU A 33 -6.93 7.43 -3.78
C LEU A 33 -7.78 6.35 -3.12
N ARG A 34 -8.65 6.76 -2.21
CA ARG A 34 -9.52 5.83 -1.50
C ARG A 34 -10.35 5.02 -2.49
N SER A 35 -11.00 5.72 -3.43
CA SER A 35 -11.83 5.07 -4.44
C SER A 35 -11.00 4.16 -5.33
N TYR A 36 -10.02 4.75 -6.00
CA TYR A 36 -9.14 4.01 -6.90
C TYR A 36 -8.83 2.63 -6.32
N PHE A 37 -8.57 2.58 -5.02
CA PHE A 37 -8.26 1.32 -4.35
C PHE A 37 -9.53 0.63 -3.88
N SER A 38 -10.53 1.41 -3.50
CA SER A 38 -11.80 0.87 -3.02
C SER A 38 -12.33 -0.18 -3.99
N GLN A 39 -12.30 0.15 -5.28
CA GLN A 39 -12.79 -0.77 -6.31
C GLN A 39 -12.20 -2.17 -6.11
N TYR A 40 -11.03 -2.22 -5.49
CA TYR A 40 -10.36 -3.49 -5.25
C TYR A 40 -10.70 -4.04 -3.87
N GLY A 41 -10.55 -3.21 -2.85
CA GLY A 41 -10.85 -3.62 -1.49
C GLY A 41 -11.45 -2.50 -0.67
N GLU A 42 -12.39 -2.86 0.21
CA GLU A 42 -13.05 -1.86 1.06
C GLU A 42 -12.02 -1.02 1.80
N VAL A 43 -11.79 0.19 1.31
CA VAL A 43 -10.83 1.10 1.92
C VAL A 43 -11.30 1.53 3.30
N VAL A 44 -10.47 1.28 4.31
CA VAL A 44 -10.80 1.66 5.68
C VAL A 44 -10.18 2.99 6.05
N ASP A 45 -8.94 3.21 5.62
CA ASP A 45 -8.23 4.45 5.91
C ASP A 45 -7.14 4.71 4.86
N CYS A 46 -7.23 5.88 4.21
CA CYS A 46 -6.25 6.25 3.19
C CYS A 46 -5.38 7.41 3.66
N VAL A 47 -4.07 7.24 3.54
CA VAL A 47 -3.13 8.28 3.95
C VAL A 47 -2.19 8.64 2.82
N ILE A 48 -1.83 9.93 2.74
CA ILE A 48 -0.93 10.40 1.70
C ILE A 48 0.16 11.30 2.29
N MET A 49 1.37 10.76 2.39
CA MET A 49 2.49 11.52 2.94
C MET A 49 2.72 12.79 2.14
N LYS A 50 2.91 13.91 2.84
CA LYS A 50 3.14 15.20 2.20
C LYS A 50 4.42 15.84 2.72
N ASP A 51 4.88 16.88 2.03
CA ASP A 51 6.08 17.58 2.43
C ASP A 51 5.91 18.25 3.78
N LYS A 52 7.02 18.59 4.43
CA LYS A 52 6.99 19.24 5.73
C LYS A 52 6.62 20.71 5.59
N THR A 53 6.82 21.27 4.40
CA THR A 53 6.50 22.67 4.14
C THR A 53 5.45 22.79 3.04
N THR A 54 5.85 22.50 1.81
CA THR A 54 4.94 22.58 0.67
C THR A 54 3.66 21.80 0.93
N ASN A 55 3.75 20.81 1.82
CA ASN A 55 2.60 19.98 2.15
C ASN A 55 2.00 19.35 0.90
N GLN A 56 2.86 18.94 -0.02
CA GLN A 56 2.41 18.33 -1.26
C GLN A 56 2.80 16.86 -1.32
N SER A 57 1.83 15.99 -1.61
CA SER A 57 2.06 14.56 -1.69
C SER A 57 3.39 14.27 -2.37
N ARG A 58 4.42 14.00 -1.57
CA ARG A 58 5.75 13.71 -2.10
C ARG A 58 5.67 12.68 -3.22
N GLY A 59 5.03 11.55 -2.94
CA GLY A 59 4.90 10.50 -3.94
C GLY A 59 4.73 9.13 -3.32
N PHE A 60 4.03 9.07 -2.19
CA PHE A 60 3.79 7.81 -1.50
C PHE A 60 2.82 8.00 -0.33
N GLY A 61 2.17 6.91 0.07
CA GLY A 61 1.23 6.99 1.17
C GLY A 61 0.91 5.62 1.75
N PHE A 62 -0.36 5.41 2.11
CA PHE A 62 -0.79 4.14 2.68
C PHE A 62 -2.28 3.93 2.45
N VAL A 63 -2.70 2.67 2.53
CA VAL A 63 -4.11 2.32 2.34
C VAL A 63 -4.51 1.11 3.18
N LYS A 64 -5.46 1.30 4.07
CA LYS A 64 -5.93 0.21 4.93
C LYS A 64 -7.11 -0.51 4.30
N PHE A 65 -7.10 -1.83 4.40
CA PHE A 65 -8.17 -2.65 3.83
C PHE A 65 -8.87 -3.46 4.92
N LYS A 66 -10.19 -3.31 5.00
CA LYS A 66 -10.98 -4.03 5.99
C LYS A 66 -10.45 -5.44 6.21
N ASP A 67 -10.13 -6.10 5.10
CA ASP A 67 -9.60 -7.47 5.17
C ASP A 67 -8.19 -7.53 4.58
N PRO A 68 -7.33 -8.34 5.21
CA PRO A 68 -5.94 -8.51 4.78
C PRO A 68 -5.83 -9.27 3.47
N ASN A 69 -6.98 -9.62 2.90
CA ASN A 69 -7.02 -10.36 1.64
C ASN A 69 -7.04 -9.40 0.45
N CYS A 70 -7.65 -8.23 0.66
CA CYS A 70 -7.74 -7.22 -0.40
C CYS A 70 -6.36 -6.85 -0.92
N VAL A 71 -5.39 -6.77 -0.02
CA VAL A 71 -4.03 -6.42 -0.38
C VAL A 71 -3.53 -7.27 -1.54
N GLY A 72 -3.62 -8.59 -1.37
CA GLY A 72 -3.17 -9.50 -2.42
C GLY A 72 -3.84 -9.21 -3.75
N THR A 73 -5.16 -9.24 -3.77
CA THR A 73 -5.92 -8.98 -4.98
C THR A 73 -5.32 -7.82 -5.78
N VAL A 74 -4.98 -6.75 -5.07
CA VAL A 74 -4.39 -5.57 -5.71
C VAL A 74 -2.96 -5.85 -6.16
N LEU A 75 -2.19 -6.52 -5.30
CA LEU A 75 -0.80 -6.85 -5.61
C LEU A 75 -0.70 -7.55 -6.95
N ALA A 76 -1.51 -8.61 -7.13
CA ALA A 76 -1.50 -9.36 -8.37
C ALA A 76 -1.84 -8.46 -9.56
N SER A 77 -2.70 -7.49 -9.34
CA SER A 77 -3.11 -6.56 -10.39
C SER A 77 -1.94 -5.70 -10.84
N ARG A 78 -1.01 -5.44 -9.92
CA ARG A 78 0.16 -4.63 -10.22
C ARG A 78 0.71 -4.96 -11.61
N PRO A 79 1.38 -3.98 -12.23
CA PRO A 79 1.60 -2.66 -11.62
C PRO A 79 0.31 -1.85 -11.53
N HIS A 80 0.43 -0.61 -11.06
CA HIS A 80 -0.73 0.27 -10.93
C HIS A 80 -0.41 1.66 -11.45
N THR A 81 -1.46 2.42 -11.79
CA THR A 81 -1.29 3.78 -12.30
C THR A 81 -2.53 4.62 -12.03
N LEU A 82 -2.42 5.54 -11.09
CA LEU A 82 -3.54 6.41 -10.74
C LEU A 82 -3.20 7.88 -11.04
N ASP A 83 -4.22 8.66 -11.35
CA ASP A 83 -4.03 10.07 -11.65
C ASP A 83 -2.88 10.27 -12.63
N GLY A 84 -2.87 9.49 -13.70
CA GLY A 84 -1.82 9.59 -14.70
C GLY A 84 -0.43 9.47 -14.09
N ARG A 85 -0.34 8.72 -12.99
CA ARG A 85 0.94 8.53 -12.31
C ARG A 85 1.20 7.04 -12.06
N ASN A 86 2.36 6.57 -12.50
CA ASN A 86 2.73 5.17 -12.32
C ASN A 86 3.04 4.88 -10.85
N ILE A 87 2.11 4.22 -10.18
CA ILE A 87 2.27 3.87 -8.77
C ILE A 87 2.40 2.36 -8.59
N ASP A 88 2.82 1.95 -7.40
CA ASP A 88 2.98 0.53 -7.10
C ASP A 88 2.82 0.28 -5.59
N PRO A 89 1.73 -0.41 -5.23
CA PRO A 89 1.43 -0.73 -3.83
C PRO A 89 2.40 -1.76 -3.25
N LYS A 90 2.37 -1.92 -1.95
CA LYS A 90 3.24 -2.88 -1.26
C LYS A 90 2.56 -3.46 -0.03
N PRO A 91 2.80 -4.76 0.24
CA PRO A 91 2.22 -5.45 1.38
C PRO A 91 2.81 -4.97 2.71
N CYS A 92 3.76 -4.05 2.62
CA CYS A 92 4.40 -3.51 3.82
C CYS A 92 5.14 -4.60 4.59
N THR A 93 5.79 -5.50 3.85
CA THR A 93 6.53 -6.59 4.46
C THR A 93 7.93 -6.72 3.86
N PRO A 94 8.86 -7.29 4.64
CA PRO A 94 10.24 -7.48 4.20
C PRO A 94 10.37 -8.55 3.12
N ARG A 95 11.59 -8.72 2.61
CA ARG A 95 11.84 -9.71 1.57
C ARG A 95 12.35 -11.02 2.16
N GLY A 96 11.43 -11.95 2.39
CA GLY A 96 11.81 -13.24 2.96
C GLY A 96 11.43 -14.39 2.06
N MET A 97 12.32 -15.38 1.97
CA MET A 97 12.07 -16.56 1.14
C MET A 97 11.77 -17.78 2.01
N GLN A 98 12.63 -18.03 2.99
CA GLN A 98 12.45 -19.17 3.89
C GLN A 98 11.45 -18.85 4.99
N PRO A 99 10.54 -19.80 5.26
CA PRO A 99 9.52 -19.64 6.30
C PRO A 99 10.10 -19.64 7.71
N SER A 100 11.42 -19.72 7.79
CA SER A 100 12.11 -19.74 9.08
C SER A 100 11.36 -18.89 10.11
N GLY A 101 10.92 -19.54 11.18
CA GLY A 101 10.19 -18.83 12.22
C GLY A 101 9.21 -19.71 12.95
N PRO A 102 9.73 -20.72 13.67
CA PRO A 102 8.91 -21.66 14.44
C PRO A 102 8.25 -21.01 15.64
N SER A 103 7.14 -21.58 16.09
CA SER A 103 6.42 -21.05 17.25
C SER A 103 5.31 -22.02 17.67
N SER A 104 5.53 -22.69 18.80
CA SER A 104 4.55 -23.64 19.31
C SER A 104 4.53 -23.63 20.84
N GLY A 105 3.72 -24.50 21.42
CA GLY A 105 3.62 -24.58 22.87
C GLY A 105 2.41 -23.85 23.40
N GLY A 1 12.35 10.88 -12.68
CA GLY A 1 12.33 9.58 -12.04
C GLY A 1 11.75 9.62 -10.65
N SER A 2 11.88 8.53 -9.91
CA SER A 2 11.36 8.45 -8.55
C SER A 2 12.48 8.25 -7.55
N SER A 3 12.22 8.60 -6.29
CA SER A 3 13.20 8.47 -5.23
C SER A 3 13.15 7.07 -4.61
N GLY A 4 11.95 6.63 -4.27
CA GLY A 4 11.77 5.32 -3.68
C GLY A 4 12.48 5.19 -2.35
N SER A 5 12.10 4.19 -1.55
CA SER A 5 12.71 3.97 -0.25
C SER A 5 12.44 2.55 0.24
N SER A 6 13.05 2.19 1.36
CA SER A 6 12.87 0.86 1.94
C SER A 6 12.90 0.91 3.46
N GLY A 7 12.04 0.12 4.09
CA GLY A 7 11.98 0.10 5.54
C GLY A 7 11.29 -1.13 6.07
N MET A 8 11.71 -1.59 7.25
CA MET A 8 11.11 -2.77 7.86
C MET A 8 10.55 -2.45 9.25
N ASN A 9 9.32 -2.86 9.50
CA ASN A 9 8.67 -2.61 10.78
C ASN A 9 8.73 -3.85 11.66
N ASN A 10 8.48 -3.66 12.96
CA ASN A 10 8.50 -4.77 13.91
C ASN A 10 7.62 -5.91 13.43
N SER A 11 7.60 -7.01 14.19
CA SER A 11 6.80 -8.17 13.84
C SER A 11 5.39 -8.03 14.37
N GLY A 12 4.53 -7.34 13.60
CA GLY A 12 3.16 -7.15 14.02
C GLY A 12 2.17 -7.59 12.95
N ALA A 13 0.90 -7.69 13.33
CA ALA A 13 -0.15 -8.09 12.40
C ALA A 13 -1.09 -6.93 12.09
N ASP A 14 -0.52 -5.75 11.91
CA ASP A 14 -1.30 -4.55 11.62
C ASP A 14 -1.08 -4.09 10.18
N GLU A 15 0.13 -4.34 9.67
CA GLU A 15 0.48 -3.94 8.32
C GLU A 15 -0.10 -4.93 7.30
N ILE A 16 -0.49 -6.10 7.79
CA ILE A 16 -1.06 -7.13 6.92
C ILE A 16 -2.09 -6.54 5.96
N GLY A 17 -3.13 -5.92 6.52
CA GLY A 17 -4.17 -5.33 5.69
C GLY A 17 -3.80 -3.92 5.25
N LYS A 18 -2.52 -3.58 5.34
CA LYS A 18 -2.05 -2.27 4.94
C LYS A 18 -1.37 -2.32 3.57
N LEU A 19 -1.58 -1.29 2.77
CA LEU A 19 -1.00 -1.22 1.43
C LEU A 19 -0.23 0.08 1.24
N PHE A 20 1.08 -0.03 1.08
CA PHE A 20 1.93 1.15 0.89
C PHE A 20 2.10 1.45 -0.60
N VAL A 21 1.64 2.62 -1.02
CA VAL A 21 1.75 3.03 -2.41
C VAL A 21 3.04 3.79 -2.66
N GLY A 22 3.73 3.44 -3.74
CA GLY A 22 4.98 4.09 -4.08
C GLY A 22 4.99 4.63 -5.50
N GLY A 23 4.89 5.95 -5.63
CA GLY A 23 4.90 6.56 -6.95
C GLY A 23 3.75 7.54 -7.13
N LEU A 24 3.05 7.85 -6.04
CA LEU A 24 1.93 8.77 -6.09
C LEU A 24 2.31 10.06 -6.81
N ASP A 25 1.35 10.96 -6.95
CA ASP A 25 1.57 12.23 -7.63
C ASP A 25 1.27 13.40 -6.69
N TRP A 26 2.15 14.39 -6.68
CA TRP A 26 1.97 15.56 -5.83
C TRP A 26 0.52 16.02 -5.82
N SER A 27 -0.15 15.84 -6.96
CA SER A 27 -1.55 16.23 -7.08
C SER A 27 -2.47 15.19 -6.44
N THR A 28 -2.22 13.92 -6.74
CA THR A 28 -3.03 12.85 -6.19
C THR A 28 -3.47 13.15 -4.77
N THR A 29 -4.76 12.94 -4.50
CA THR A 29 -5.31 13.20 -3.17
C THR A 29 -5.76 11.92 -2.50
N GLN A 30 -5.99 11.99 -1.19
CA GLN A 30 -6.42 10.82 -0.42
C GLN A 30 -7.82 10.39 -0.83
N GLU A 31 -8.66 11.37 -1.17
CA GLU A 31 -10.03 11.10 -1.57
C GLU A 31 -10.07 10.19 -2.80
N THR A 32 -9.57 10.71 -3.93
CA THR A 32 -9.54 9.95 -5.17
C THR A 32 -8.80 8.63 -4.99
N LEU A 33 -7.73 8.65 -4.22
CA LEU A 33 -6.94 7.45 -3.96
C LEU A 33 -7.79 6.37 -3.30
N ARG A 34 -8.58 6.78 -2.31
CA ARG A 34 -9.43 5.84 -1.59
C ARG A 34 -10.25 5.00 -2.56
N SER A 35 -10.98 5.67 -3.45
CA SER A 35 -11.81 4.98 -4.43
C SER A 35 -10.97 4.07 -5.31
N TYR A 36 -10.00 4.66 -5.99
CA TYR A 36 -9.12 3.90 -6.88
C TYR A 36 -8.82 2.52 -6.31
N PHE A 37 -8.50 2.47 -5.02
CA PHE A 37 -8.19 1.22 -4.36
C PHE A 37 -9.46 0.54 -3.86
N SER A 38 -10.47 1.35 -3.52
CA SER A 38 -11.74 0.84 -3.03
C SER A 38 -12.29 -0.23 -3.97
N GLN A 39 -12.27 0.08 -5.26
CA GLN A 39 -12.77 -0.86 -6.27
C GLN A 39 -12.20 -2.26 -6.06
N TYR A 40 -11.01 -2.31 -5.46
CA TYR A 40 -10.35 -3.58 -5.20
C TYR A 40 -10.70 -4.11 -3.81
N GLY A 41 -10.52 -3.26 -2.81
CA GLY A 41 -10.82 -3.65 -1.44
C GLY A 41 -11.44 -2.53 -0.64
N GLU A 42 -12.38 -2.88 0.24
CA GLU A 42 -13.06 -1.88 1.07
C GLU A 42 -12.05 -1.04 1.84
N VAL A 43 -11.77 0.15 1.33
CA VAL A 43 -10.83 1.06 1.97
C VAL A 43 -11.31 1.47 3.35
N VAL A 44 -10.46 1.27 4.36
CA VAL A 44 -10.81 1.62 5.73
C VAL A 44 -10.17 2.94 6.13
N ASP A 45 -8.97 3.20 5.61
CA ASP A 45 -8.25 4.43 5.92
C ASP A 45 -7.14 4.67 4.91
N CYS A 46 -7.21 5.81 4.22
CA CYS A 46 -6.20 6.16 3.22
C CYS A 46 -5.32 7.31 3.71
N VAL A 47 -4.03 7.23 3.43
CA VAL A 47 -3.09 8.27 3.83
C VAL A 47 -2.13 8.62 2.70
N ILE A 48 -1.80 9.91 2.59
CA ILE A 48 -0.88 10.38 1.56
C ILE A 48 0.17 11.31 2.13
N MET A 49 1.38 10.78 2.32
CA MET A 49 2.48 11.56 2.86
C MET A 49 2.71 12.83 2.03
N LYS A 50 2.82 13.97 2.70
CA LYS A 50 3.04 15.24 2.02
C LYS A 50 4.26 15.95 2.59
N ASP A 51 4.68 17.02 1.92
CA ASP A 51 5.83 17.79 2.35
C ASP A 51 5.50 18.61 3.59
N LYS A 52 6.53 19.19 4.21
CA LYS A 52 6.35 20.01 5.40
C LYS A 52 5.85 21.40 5.04
N THR A 53 6.51 22.02 4.07
CA THR A 53 6.14 23.36 3.62
C THR A 53 5.22 23.31 2.41
N THR A 54 5.72 22.71 1.33
CA THR A 54 4.95 22.58 0.10
C THR A 54 3.69 21.75 0.32
N ASN A 55 3.73 20.89 1.33
CA ASN A 55 2.58 20.04 1.65
C ASN A 55 2.04 19.36 0.38
N GLN A 56 2.93 18.80 -0.41
CA GLN A 56 2.55 18.12 -1.64
C GLN A 56 2.93 16.65 -1.59
N SER A 57 1.98 15.79 -1.96
CA SER A 57 2.22 14.35 -1.96
C SER A 57 3.59 14.02 -2.54
N ARG A 58 4.56 13.82 -1.65
CA ARG A 58 5.92 13.49 -2.06
C ARG A 58 5.91 12.42 -3.15
N GLY A 59 5.01 11.45 -3.03
CA GLY A 59 4.92 10.40 -4.01
C GLY A 59 4.74 9.03 -3.36
N PHE A 60 4.05 9.00 -2.23
CA PHE A 60 3.81 7.75 -1.52
C PHE A 60 2.84 7.95 -0.36
N GLY A 61 2.20 6.87 0.07
CA GLY A 61 1.25 6.95 1.16
C GLY A 61 0.93 5.59 1.76
N PHE A 62 -0.35 5.39 2.10
CA PHE A 62 -0.79 4.13 2.67
C PHE A 62 -2.28 3.91 2.45
N VAL A 63 -2.71 2.65 2.50
CA VAL A 63 -4.11 2.32 2.30
C VAL A 63 -4.51 1.12 3.15
N LYS A 64 -5.50 1.30 4.00
CA LYS A 64 -5.98 0.22 4.87
C LYS A 64 -7.15 -0.51 4.22
N PHE A 65 -7.21 -1.82 4.45
CA PHE A 65 -8.27 -2.65 3.88
C PHE A 65 -8.97 -3.44 4.98
N LYS A 66 -10.31 -3.36 5.01
CA LYS A 66 -11.10 -4.06 5.99
C LYS A 66 -10.59 -5.48 6.19
N ASP A 67 -10.19 -6.12 5.09
CA ASP A 67 -9.67 -7.49 5.14
C ASP A 67 -8.24 -7.54 4.61
N PRO A 68 -7.40 -8.36 5.25
CA PRO A 68 -6.00 -8.53 4.87
C PRO A 68 -5.84 -9.27 3.54
N ASN A 69 -6.98 -9.63 2.93
CA ASN A 69 -6.97 -10.34 1.66
C ASN A 69 -6.97 -9.36 0.50
N CYS A 70 -7.57 -8.19 0.72
CA CYS A 70 -7.64 -7.17 -0.32
C CYS A 70 -6.24 -6.80 -0.83
N VAL A 71 -5.29 -6.70 0.09
CA VAL A 71 -3.92 -6.36 -0.25
C VAL A 71 -3.42 -7.22 -1.41
N GLY A 72 -3.53 -8.54 -1.26
CA GLY A 72 -3.10 -9.46 -2.29
C GLY A 72 -3.75 -9.17 -3.63
N THR A 73 -5.08 -9.18 -3.65
CA THR A 73 -5.83 -8.93 -4.87
C THR A 73 -5.17 -7.83 -5.70
N VAL A 74 -4.82 -6.73 -5.05
CA VAL A 74 -4.18 -5.61 -5.73
C VAL A 74 -2.77 -5.97 -6.17
N LEU A 75 -2.02 -6.61 -5.29
CA LEU A 75 -0.65 -7.01 -5.59
C LEU A 75 -0.60 -7.83 -6.87
N ALA A 76 -1.70 -8.51 -7.18
CA ALA A 76 -1.77 -9.33 -8.39
C ALA A 76 -2.15 -8.48 -9.60
N SER A 77 -2.90 -7.40 -9.36
CA SER A 77 -3.33 -6.53 -10.43
C SER A 77 -2.17 -5.67 -10.93
N ARG A 78 -1.17 -5.50 -10.09
CA ARG A 78 0.00 -4.69 -10.44
C ARG A 78 0.49 -5.03 -11.84
N PRO A 79 1.16 -4.06 -12.48
CA PRO A 79 1.43 -2.75 -11.88
C PRO A 79 0.17 -1.92 -11.74
N HIS A 80 0.33 -0.69 -11.25
CA HIS A 80 -0.80 0.22 -11.07
C HIS A 80 -0.46 1.62 -11.59
N THR A 81 -1.48 2.42 -11.81
CA THR A 81 -1.30 3.78 -12.30
C THR A 81 -2.55 4.63 -12.08
N LEU A 82 -2.46 5.57 -11.16
CA LEU A 82 -3.59 6.45 -10.85
C LEU A 82 -3.26 7.90 -11.17
N ASP A 83 -4.25 8.65 -11.62
CA ASP A 83 -4.06 10.06 -11.95
C ASP A 83 -2.87 10.23 -12.90
N GLY A 84 -2.81 9.37 -13.92
CA GLY A 84 -1.72 9.46 -14.87
C GLY A 84 -0.36 9.42 -14.21
N ARG A 85 -0.29 8.79 -13.04
CA ARG A 85 0.97 8.68 -12.30
C ARG A 85 1.32 7.22 -12.04
N ASN A 86 2.58 6.88 -12.26
CA ASN A 86 3.05 5.52 -12.05
C ASN A 86 3.22 5.22 -10.56
N ILE A 87 2.37 4.34 -10.05
CA ILE A 87 2.43 3.96 -8.64
C ILE A 87 2.56 2.45 -8.47
N ASP A 88 2.96 2.02 -7.28
CA ASP A 88 3.13 0.60 -6.99
C ASP A 88 2.93 0.33 -5.50
N PRO A 89 1.83 -0.37 -5.18
CA PRO A 89 1.49 -0.73 -3.80
C PRO A 89 2.45 -1.75 -3.21
N LYS A 90 2.40 -1.93 -1.89
CA LYS A 90 3.25 -2.89 -1.20
C LYS A 90 2.56 -3.48 0.00
N PRO A 91 2.80 -4.78 0.26
CA PRO A 91 2.20 -5.49 1.39
C PRO A 91 2.75 -5.02 2.73
N CYS A 92 3.68 -4.08 2.68
CA CYS A 92 4.28 -3.53 3.90
C CYS A 92 4.93 -4.64 4.73
N THR A 93 5.72 -5.48 4.07
CA THR A 93 6.39 -6.59 4.74
C THR A 93 7.89 -6.57 4.46
N PRO A 94 8.68 -7.14 5.39
CA PRO A 94 10.14 -7.20 5.26
C PRO A 94 10.58 -8.15 4.16
N ARG A 95 10.05 -9.37 4.18
CA ARG A 95 10.40 -10.38 3.18
C ARG A 95 9.14 -10.93 2.52
N GLY A 96 8.31 -10.04 1.99
CA GLY A 96 7.09 -10.46 1.34
C GLY A 96 6.48 -11.69 1.99
N MET A 97 6.37 -11.67 3.30
CA MET A 97 5.80 -12.79 4.05
C MET A 97 4.67 -12.31 4.96
N GLN A 98 3.74 -13.21 5.26
CA GLN A 98 2.61 -12.89 6.12
C GLN A 98 2.15 -14.11 6.89
N PRO A 99 1.74 -13.89 8.15
CA PRO A 99 1.26 -14.97 9.02
C PRO A 99 -0.08 -15.53 8.59
N SER A 100 -1.05 -14.64 8.36
CA SER A 100 -2.38 -15.06 7.93
C SER A 100 -3.03 -15.95 8.97
N GLY A 101 -2.87 -15.59 10.24
CA GLY A 101 -3.44 -16.38 11.31
C GLY A 101 -2.93 -15.96 12.68
N PRO A 102 -3.18 -14.71 13.06
CA PRO A 102 -2.74 -14.16 14.35
C PRO A 102 -3.49 -14.77 15.52
N SER A 103 -2.80 -15.61 16.30
CA SER A 103 -3.40 -16.26 17.45
C SER A 103 -2.33 -16.68 18.46
N SER A 104 -2.64 -16.51 19.74
CA SER A 104 -1.70 -16.86 20.81
C SER A 104 -0.98 -18.17 20.48
N GLY A 105 0.33 -18.09 20.35
CA GLY A 105 1.12 -19.28 20.05
C GLY A 105 1.66 -19.27 18.63
N GLY A 1 10.98 0.58 20.75
CA GLY A 1 9.92 1.31 21.43
C GLY A 1 10.00 1.17 22.94
N SER A 2 9.91 2.29 23.65
CA SER A 2 9.97 2.28 25.11
C SER A 2 8.67 1.79 25.71
N SER A 3 7.56 2.41 25.32
CA SER A 3 6.24 2.04 25.82
C SER A 3 5.67 0.88 25.02
N GLY A 4 6.51 -0.09 24.72
CA GLY A 4 6.07 -1.25 23.95
C GLY A 4 5.06 -2.09 24.72
N SER A 5 4.70 -3.24 24.15
CA SER A 5 3.73 -4.13 24.77
C SER A 5 4.22 -5.57 24.74
N SER A 6 4.65 -6.02 23.56
CA SER A 6 5.13 -7.38 23.38
C SER A 6 6.66 -7.41 23.37
N GLY A 7 7.22 -8.47 23.96
CA GLY A 7 8.67 -8.60 24.00
C GLY A 7 9.29 -8.75 22.62
N MET A 8 9.55 -9.99 22.22
CA MET A 8 10.14 -10.27 20.92
C MET A 8 9.06 -10.48 19.86
N ASN A 9 8.81 -9.45 19.05
CA ASN A 9 7.80 -9.52 18.00
C ASN A 9 8.45 -9.64 16.63
N ASN A 10 8.66 -10.87 16.18
CA ASN A 10 9.28 -11.12 14.89
C ASN A 10 8.25 -11.06 13.78
N SER A 11 7.13 -11.75 13.98
CA SER A 11 6.05 -11.78 12.99
C SER A 11 5.06 -10.64 13.22
N GLY A 12 5.30 -9.51 12.55
CA GLY A 12 4.42 -8.37 12.70
C GLY A 12 3.10 -8.55 11.97
N ALA A 13 2.03 -8.66 12.74
CA ALA A 13 0.69 -8.84 12.18
C ALA A 13 -0.12 -7.55 12.26
N ASP A 14 0.54 -6.43 12.05
CA ASP A 14 -0.12 -5.13 12.10
C ASP A 14 -0.29 -4.55 10.70
N GLU A 15 0.74 -4.69 9.88
CA GLU A 15 0.71 -4.16 8.52
C GLU A 15 0.23 -5.24 7.54
N ILE A 16 -0.72 -6.05 7.98
CA ILE A 16 -1.25 -7.12 7.14
C ILE A 16 -2.19 -6.58 6.09
N GLY A 17 -3.24 -5.88 6.53
CA GLY A 17 -4.20 -5.30 5.61
C GLY A 17 -3.79 -3.92 5.13
N LYS A 18 -2.52 -3.58 5.32
CA LYS A 18 -2.00 -2.27 4.91
C LYS A 18 -1.33 -2.36 3.55
N LEU A 19 -1.50 -1.31 2.74
CA LEU A 19 -0.91 -1.27 1.41
C LEU A 19 -0.08 0.00 1.23
N PHE A 20 1.24 -0.17 1.13
CA PHE A 20 2.14 0.96 0.96
C PHE A 20 2.32 1.29 -0.52
N VAL A 21 1.71 2.38 -0.96
CA VAL A 21 1.80 2.81 -2.36
C VAL A 21 3.05 3.64 -2.60
N GLY A 22 3.88 3.20 -3.53
CA GLY A 22 5.10 3.93 -3.84
C GLY A 22 5.12 4.47 -5.25
N GLY A 23 4.82 5.76 -5.39
CA GLY A 23 4.79 6.38 -6.70
C GLY A 23 3.56 7.24 -6.92
N LEU A 24 3.24 8.07 -5.93
CA LEU A 24 2.08 8.95 -6.02
C LEU A 24 2.42 10.23 -6.76
N ASP A 25 1.42 11.09 -6.94
CA ASP A 25 1.62 12.35 -7.64
C ASP A 25 1.26 13.53 -6.74
N TRP A 26 2.03 14.61 -6.83
CA TRP A 26 1.79 15.80 -6.01
C TRP A 26 0.32 16.19 -6.05
N SER A 27 -0.33 15.94 -7.19
CA SER A 27 -1.74 16.27 -7.35
C SER A 27 -2.62 15.24 -6.66
N THR A 28 -2.29 13.98 -6.86
CA THR A 28 -3.06 12.89 -6.26
C THR A 28 -3.53 13.25 -4.85
N THR A 29 -4.76 12.87 -4.53
CA THR A 29 -5.32 13.15 -3.22
C THR A 29 -5.77 11.87 -2.52
N GLN A 30 -6.01 11.96 -1.22
CA GLN A 30 -6.45 10.81 -0.44
C GLN A 30 -7.84 10.35 -0.90
N GLU A 31 -8.67 11.29 -1.28
CA GLU A 31 -10.03 10.98 -1.74
C GLU A 31 -9.98 10.05 -2.96
N THR A 32 -9.44 10.56 -4.05
CA THR A 32 -9.35 9.78 -5.28
C THR A 32 -8.61 8.46 -5.05
N LEU A 33 -7.61 8.50 -4.17
CA LEU A 33 -6.83 7.31 -3.85
C LEU A 33 -7.70 6.24 -3.20
N ARG A 34 -8.56 6.66 -2.27
CA ARG A 34 -9.44 5.75 -1.58
C ARG A 34 -10.26 4.91 -2.57
N SER A 35 -10.97 5.60 -3.45
CA SER A 35 -11.79 4.92 -4.45
C SER A 35 -10.93 4.03 -5.34
N TYR A 36 -9.97 4.63 -6.03
CA TYR A 36 -9.08 3.89 -6.92
C TYR A 36 -8.77 2.51 -6.34
N PHE A 37 -8.49 2.46 -5.04
CA PHE A 37 -8.17 1.21 -4.37
C PHE A 37 -9.44 0.53 -3.86
N SER A 38 -10.46 1.33 -3.56
CA SER A 38 -11.72 0.82 -3.06
C SER A 38 -12.30 -0.23 -4.00
N GLN A 39 -12.23 0.05 -5.31
CA GLN A 39 -12.74 -0.86 -6.31
C GLN A 39 -12.20 -2.27 -6.10
N TYR A 40 -11.07 -2.37 -5.41
CA TYR A 40 -10.45 -3.65 -5.14
C TYR A 40 -10.82 -4.16 -3.76
N GLY A 41 -10.71 -3.30 -2.76
CA GLY A 41 -11.03 -3.67 -1.40
C GLY A 41 -11.60 -2.52 -0.60
N GLU A 42 -12.56 -2.82 0.29
CA GLU A 42 -13.18 -1.80 1.12
C GLU A 42 -12.12 -0.98 1.85
N VAL A 43 -11.82 0.20 1.33
CA VAL A 43 -10.84 1.09 1.93
C VAL A 43 -11.28 1.53 3.32
N VAL A 44 -10.48 1.20 4.33
CA VAL A 44 -10.79 1.57 5.70
C VAL A 44 -10.19 2.92 6.06
N ASP A 45 -8.96 3.15 5.59
CA ASP A 45 -8.27 4.42 5.85
C ASP A 45 -7.17 4.66 4.83
N CYS A 46 -7.19 5.83 4.20
CA CYS A 46 -6.20 6.18 3.20
C CYS A 46 -5.34 7.35 3.67
N VAL A 47 -4.02 7.22 3.52
CA VAL A 47 -3.10 8.27 3.93
C VAL A 47 -2.15 8.64 2.80
N ILE A 48 -1.85 9.93 2.69
CA ILE A 48 -0.95 10.41 1.64
C ILE A 48 0.12 11.33 2.22
N MET A 49 1.33 10.79 2.39
CA MET A 49 2.43 11.57 2.93
C MET A 49 2.71 12.80 2.08
N LYS A 50 2.79 13.96 2.72
CA LYS A 50 3.05 15.21 2.01
C LYS A 50 4.34 15.85 2.51
N ASP A 51 4.73 16.95 1.86
CA ASP A 51 5.95 17.66 2.24
C ASP A 51 5.77 18.35 3.59
N LYS A 52 6.85 18.93 4.09
CA LYS A 52 6.83 19.63 5.38
C LYS A 52 6.23 21.03 5.22
N THR A 53 6.56 21.69 4.12
CA THR A 53 6.06 23.04 3.86
C THR A 53 5.19 23.06 2.61
N THR A 54 5.60 22.30 1.60
CA THR A 54 4.85 22.23 0.35
C THR A 54 3.50 21.54 0.54
N ASN A 55 3.43 20.68 1.55
CA ASN A 55 2.19 19.96 1.84
C ASN A 55 1.66 19.25 0.60
N GLN A 56 2.58 18.86 -0.28
CA GLN A 56 2.21 18.17 -1.51
C GLN A 56 2.66 16.72 -1.49
N SER A 57 1.80 15.83 -1.96
CA SER A 57 2.12 14.40 -1.98
C SER A 57 3.53 14.16 -2.53
N ARG A 58 4.46 13.89 -1.62
CA ARG A 58 5.85 13.64 -2.01
C ARG A 58 5.93 12.57 -3.10
N GLY A 59 5.06 11.58 -3.00
CA GLY A 59 5.05 10.50 -3.98
C GLY A 59 4.91 9.13 -3.35
N PHE A 60 4.20 9.08 -2.22
CA PHE A 60 3.98 7.82 -1.51
C PHE A 60 2.94 7.99 -0.41
N GLY A 61 2.26 6.91 -0.07
CA GLY A 61 1.25 6.95 0.97
C GLY A 61 0.93 5.58 1.53
N PHE A 62 -0.30 5.40 1.98
CA PHE A 62 -0.74 4.13 2.56
C PHE A 62 -2.22 3.90 2.32
N VAL A 63 -2.65 2.65 2.43
CA VAL A 63 -4.05 2.30 2.23
C VAL A 63 -4.44 1.08 3.07
N LYS A 64 -5.48 1.23 3.88
CA LYS A 64 -5.95 0.14 4.73
C LYS A 64 -7.13 -0.57 4.08
N PHE A 65 -7.25 -1.87 4.36
CA PHE A 65 -8.33 -2.67 3.81
C PHE A 65 -9.04 -3.47 4.91
N LYS A 66 -10.36 -3.35 4.97
CA LYS A 66 -11.15 -4.06 5.97
C LYS A 66 -10.67 -5.50 6.11
N ASP A 67 -10.15 -6.06 5.03
CA ASP A 67 -9.66 -7.43 5.05
C ASP A 67 -8.21 -7.49 4.57
N PRO A 68 -7.41 -8.33 5.22
CA PRO A 68 -5.99 -8.50 4.89
C PRO A 68 -5.80 -9.22 3.55
N ASN A 69 -6.90 -9.66 2.97
CA ASN A 69 -6.85 -10.37 1.68
C ASN A 69 -6.92 -9.38 0.52
N CYS A 70 -7.54 -8.22 0.78
CA CYS A 70 -7.68 -7.19 -0.25
C CYS A 70 -6.31 -6.77 -0.78
N VAL A 71 -5.32 -6.73 0.10
CA VAL A 71 -3.97 -6.34 -0.30
C VAL A 71 -3.49 -7.16 -1.50
N GLY A 72 -3.52 -8.49 -1.35
CA GLY A 72 -3.08 -9.37 -2.42
C GLY A 72 -3.78 -9.06 -3.73
N THR A 73 -5.11 -9.01 -3.70
CA THR A 73 -5.89 -8.74 -4.89
C THR A 73 -5.28 -7.61 -5.71
N VAL A 74 -4.85 -6.55 -5.03
CA VAL A 74 -4.24 -5.41 -5.70
C VAL A 74 -2.82 -5.72 -6.13
N LEU A 75 -2.08 -6.41 -5.27
CA LEU A 75 -0.70 -6.78 -5.56
C LEU A 75 -0.62 -7.63 -6.83
N ALA A 76 -1.66 -8.42 -7.07
CA ALA A 76 -1.71 -9.28 -8.24
C ALA A 76 -2.18 -8.50 -9.47
N SER A 77 -2.87 -7.40 -9.24
CA SER A 77 -3.39 -6.56 -10.32
C SER A 77 -2.28 -5.67 -10.87
N ARG A 78 -1.17 -5.59 -10.15
CA ARG A 78 -0.04 -4.77 -10.56
C ARG A 78 0.37 -5.10 -12.00
N PRO A 79 1.03 -4.13 -12.66
CA PRO A 79 1.36 -2.84 -12.06
C PRO A 79 0.12 -1.97 -11.85
N HIS A 80 0.33 -0.76 -11.34
CA HIS A 80 -0.77 0.17 -11.09
C HIS A 80 -0.40 1.58 -11.52
N THR A 81 -1.41 2.41 -11.75
CA THR A 81 -1.18 3.79 -12.16
C THR A 81 -2.43 4.64 -11.94
N LEU A 82 -2.38 5.49 -10.93
CA LEU A 82 -3.50 6.37 -10.61
C LEU A 82 -3.11 7.84 -10.76
N ASP A 83 -4.08 8.66 -11.16
CA ASP A 83 -3.84 10.08 -11.35
C ASP A 83 -2.75 10.33 -12.39
N GLY A 84 -2.84 9.61 -13.51
CA GLY A 84 -1.85 9.76 -14.56
C GLY A 84 -0.44 9.63 -14.04
N ARG A 85 -0.28 8.97 -12.90
CA ARG A 85 1.03 8.78 -12.30
C ARG A 85 1.28 7.31 -11.95
N ASN A 86 2.35 6.76 -12.50
CA ASN A 86 2.68 5.35 -12.24
C ASN A 86 2.91 5.11 -10.76
N ILE A 87 2.21 4.12 -10.22
CA ILE A 87 2.32 3.78 -8.80
C ILE A 87 2.52 2.28 -8.61
N ASP A 88 2.90 1.88 -7.40
CA ASP A 88 3.12 0.47 -7.08
C ASP A 88 2.87 0.21 -5.60
N PRO A 89 1.80 -0.54 -5.30
CA PRO A 89 1.44 -0.88 -3.92
C PRO A 89 2.43 -1.86 -3.30
N LYS A 90 2.45 -1.90 -1.96
CA LYS A 90 3.34 -2.80 -1.24
C LYS A 90 2.64 -3.41 -0.03
N PRO A 91 2.97 -4.67 0.27
CA PRO A 91 2.38 -5.39 1.40
C PRO A 91 2.85 -4.85 2.74
N CYS A 92 3.73 -3.87 2.70
CA CYS A 92 4.26 -3.26 3.92
C CYS A 92 5.01 -4.28 4.75
N THR A 93 5.80 -5.13 4.09
CA THR A 93 6.58 -6.15 4.76
C THR A 93 8.01 -6.22 4.21
N PRO A 94 8.94 -6.66 5.07
CA PRO A 94 10.36 -6.78 4.68
C PRO A 94 10.59 -7.91 3.69
N ARG A 95 9.54 -8.66 3.39
CA ARG A 95 9.63 -9.76 2.45
C ARG A 95 9.64 -9.27 1.01
N GLY A 96 10.82 -9.27 0.40
CA GLY A 96 10.94 -8.81 -0.97
C GLY A 96 9.97 -9.49 -1.91
N MET A 97 10.44 -10.51 -2.63
CA MET A 97 9.61 -11.25 -3.55
C MET A 97 8.86 -12.38 -2.84
N GLN A 98 7.72 -12.76 -3.40
CA GLN A 98 6.92 -13.83 -2.81
C GLN A 98 6.31 -14.72 -3.89
N PRO A 99 6.28 -16.03 -3.65
CA PRO A 99 5.74 -17.01 -4.58
C PRO A 99 4.23 -16.91 -4.72
N SER A 100 3.77 -16.34 -5.83
CA SER A 100 2.34 -16.17 -6.08
C SER A 100 1.63 -17.52 -6.07
N GLY A 101 2.19 -18.48 -6.79
CA GLY A 101 1.60 -19.80 -6.86
C GLY A 101 1.89 -20.51 -8.16
N PRO A 102 2.40 -21.75 -8.07
CA PRO A 102 2.74 -22.56 -9.25
C PRO A 102 1.51 -23.02 -10.02
N SER A 103 0.34 -22.67 -9.50
CA SER A 103 -0.92 -23.05 -10.14
C SER A 103 -0.86 -24.49 -10.63
N SER A 104 -0.09 -25.31 -9.93
CA SER A 104 0.06 -26.72 -10.31
C SER A 104 -0.99 -27.58 -9.60
N GLY A 105 -1.88 -28.18 -10.37
CA GLY A 105 -2.92 -29.02 -9.80
C GLY A 105 -3.77 -29.70 -10.86
N GLY A 1 -0.77 -3.57 -22.44
CA GLY A 1 -0.82 -4.64 -21.46
C GLY A 1 0.57 -4.98 -20.93
N SER A 2 0.61 -5.45 -19.68
CA SER A 2 1.87 -5.81 -19.05
C SER A 2 1.63 -6.63 -17.78
N SER A 3 2.03 -7.90 -17.81
CA SER A 3 1.85 -8.78 -16.67
C SER A 3 2.91 -9.87 -16.66
N GLY A 4 3.20 -10.40 -15.47
CA GLY A 4 4.21 -11.44 -15.34
C GLY A 4 4.89 -11.43 -13.99
N SER A 5 4.40 -12.24 -13.07
CA SER A 5 4.97 -12.32 -11.72
C SER A 5 4.97 -13.75 -11.21
N SER A 6 5.75 -13.99 -10.17
CA SER A 6 5.86 -15.33 -9.58
C SER A 6 4.90 -15.47 -8.40
N GLY A 7 4.89 -14.47 -7.53
CA GLY A 7 4.03 -14.51 -6.36
C GLY A 7 4.73 -14.05 -5.11
N MET A 8 4.63 -12.77 -4.80
CA MET A 8 5.26 -12.20 -3.61
C MET A 8 4.59 -12.71 -2.34
N ASN A 9 5.30 -13.53 -1.59
CA ASN A 9 4.76 -14.09 -0.34
C ASN A 9 5.31 -13.34 0.87
N ASN A 10 4.64 -12.24 1.23
CA ASN A 10 5.06 -11.44 2.37
C ASN A 10 3.86 -10.84 3.09
N SER A 11 3.71 -11.18 4.36
CA SER A 11 2.59 -10.67 5.16
C SER A 11 2.97 -10.60 6.64
N GLY A 12 3.10 -9.38 7.15
CA GLY A 12 3.45 -9.19 8.54
C GLY A 12 2.35 -9.62 9.49
N ALA A 13 2.11 -8.83 10.52
CA ALA A 13 1.07 -9.14 11.50
C ALA A 13 0.22 -7.91 11.80
N ASP A 14 0.85 -6.74 11.80
CA ASP A 14 0.15 -5.49 12.07
C ASP A 14 -0.16 -4.75 10.78
N GLU A 15 0.75 -4.83 9.81
CA GLU A 15 0.58 -4.16 8.53
C GLU A 15 0.09 -5.15 7.46
N ILE A 16 -0.66 -6.16 7.90
CA ILE A 16 -1.19 -7.16 6.98
C ILE A 16 -2.16 -6.55 5.98
N GLY A 17 -3.24 -5.96 6.49
CA GLY A 17 -4.22 -5.34 5.63
C GLY A 17 -3.84 -3.93 5.22
N LYS A 18 -2.55 -3.61 5.36
CA LYS A 18 -2.05 -2.28 5.00
C LYS A 18 -1.33 -2.32 3.66
N LEU A 19 -1.61 -1.32 2.82
CA LEU A 19 -0.99 -1.24 1.50
C LEU A 19 -0.29 0.10 1.32
N PHE A 20 1.02 0.06 1.08
CA PHE A 20 1.80 1.28 0.87
C PHE A 20 2.00 1.56 -0.60
N VAL A 21 1.61 2.76 -1.03
CA VAL A 21 1.75 3.15 -2.42
C VAL A 21 3.08 3.85 -2.67
N GLY A 22 3.91 3.25 -3.51
CA GLY A 22 5.21 3.83 -3.82
C GLY A 22 5.29 4.36 -5.24
N GLY A 23 4.81 5.60 -5.43
CA GLY A 23 4.84 6.20 -6.75
C GLY A 23 3.64 7.09 -7.00
N LEU A 24 3.24 7.86 -5.98
CA LEU A 24 2.10 8.75 -6.10
C LEU A 24 2.47 10.01 -6.86
N ASP A 25 1.50 10.89 -7.07
CA ASP A 25 1.72 12.15 -7.78
C ASP A 25 1.42 13.34 -6.88
N TRP A 26 2.31 14.32 -6.89
CA TRP A 26 2.13 15.52 -6.09
C TRP A 26 0.67 15.96 -6.07
N SER A 27 0.00 15.79 -7.21
CA SER A 27 -1.40 16.18 -7.33
C SER A 27 -2.31 15.16 -6.64
N THR A 28 -1.99 13.88 -6.82
CA THR A 28 -2.77 12.80 -6.22
C THR A 28 -3.31 13.22 -4.86
N THR A 29 -4.58 12.93 -4.61
CA THR A 29 -5.21 13.26 -3.35
C THR A 29 -5.63 12.01 -2.59
N GLN A 30 -5.92 12.17 -1.30
CA GLN A 30 -6.34 11.05 -0.46
C GLN A 30 -7.75 10.59 -0.82
N GLU A 31 -8.62 11.56 -1.11
CA GLU A 31 -10.01 11.26 -1.47
C GLU A 31 -10.06 10.28 -2.64
N THR A 32 -9.58 10.73 -3.80
CA THR A 32 -9.58 9.90 -5.00
C THR A 32 -8.85 8.58 -4.76
N LEU A 33 -7.75 8.65 -4.01
CA LEU A 33 -6.96 7.46 -3.70
C LEU A 33 -7.84 6.36 -3.10
N ARG A 34 -8.71 6.75 -2.17
CA ARG A 34 -9.61 5.80 -1.52
C ARG A 34 -10.37 4.98 -2.56
N SER A 35 -11.23 5.65 -3.33
CA SER A 35 -12.01 4.98 -4.35
C SER A 35 -11.14 4.10 -5.23
N TYR A 36 -10.15 4.71 -5.87
CA TYR A 36 -9.23 3.98 -6.74
C TYR A 36 -8.93 2.60 -6.18
N PHE A 37 -8.61 2.54 -4.89
CA PHE A 37 -8.30 1.27 -4.24
C PHE A 37 -9.57 0.60 -3.72
N SER A 38 -10.62 1.40 -3.53
CA SER A 38 -11.89 0.89 -3.05
C SER A 38 -12.44 -0.19 -3.99
N GLN A 39 -12.37 0.09 -5.29
CA GLN A 39 -12.87 -0.85 -6.29
C GLN A 39 -12.29 -2.24 -6.07
N TYR A 40 -11.07 -2.30 -5.53
CA TYR A 40 -10.41 -3.56 -5.26
C TYR A 40 -10.77 -4.09 -3.88
N GLY A 41 -10.61 -3.23 -2.87
CA GLY A 41 -10.92 -3.63 -1.50
C GLY A 41 -11.53 -2.50 -0.70
N GLU A 42 -12.49 -2.84 0.18
CA GLU A 42 -13.14 -1.86 1.01
C GLU A 42 -12.12 -1.02 1.78
N VAL A 43 -11.83 0.17 1.28
CA VAL A 43 -10.87 1.06 1.92
C VAL A 43 -11.34 1.45 3.32
N VAL A 44 -10.46 1.28 4.30
CA VAL A 44 -10.79 1.61 5.68
C VAL A 44 -10.11 2.91 6.10
N ASP A 45 -8.86 3.08 5.69
CA ASP A 45 -8.11 4.29 6.02
C ASP A 45 -7.06 4.59 4.95
N CYS A 46 -7.08 5.82 4.44
CA CYS A 46 -6.14 6.22 3.40
C CYS A 46 -5.22 7.34 3.91
N VAL A 47 -3.96 7.30 3.49
CA VAL A 47 -2.99 8.30 3.91
C VAL A 47 -2.05 8.67 2.76
N ILE A 48 -1.70 9.95 2.67
CA ILE A 48 -0.81 10.42 1.62
C ILE A 48 0.25 11.35 2.18
N MET A 49 1.46 10.83 2.35
CA MET A 49 2.57 11.63 2.88
C MET A 49 2.75 12.91 2.07
N LYS A 50 3.02 14.01 2.76
CA LYS A 50 3.23 15.29 2.11
C LYS A 50 4.52 15.95 2.59
N ASP A 51 5.03 16.90 1.80
CA ASP A 51 6.25 17.60 2.15
C ASP A 51 6.09 18.36 3.47
N LYS A 52 7.19 18.92 3.96
CA LYS A 52 7.18 19.67 5.21
C LYS A 52 6.49 21.02 5.03
N THR A 53 7.03 21.83 4.12
CA THR A 53 6.47 23.15 3.85
C THR A 53 5.48 23.10 2.68
N THR A 54 5.95 22.61 1.53
CA THR A 54 5.12 22.51 0.35
C THR A 54 3.83 21.74 0.65
N ASN A 55 3.82 21.03 1.77
CA ASN A 55 2.65 20.25 2.17
C ASN A 55 2.01 19.59 0.96
N GLN A 56 2.81 19.34 -0.08
CA GLN A 56 2.31 18.71 -1.29
C GLN A 56 2.75 17.25 -1.36
N SER A 57 1.81 16.37 -1.69
CA SER A 57 2.10 14.94 -1.78
C SER A 57 3.51 14.72 -2.32
N ARG A 58 4.32 13.98 -1.55
CA ARG A 58 5.69 13.68 -1.95
C ARG A 58 5.72 12.67 -3.09
N GLY A 59 4.93 11.61 -2.97
CA GLY A 59 4.88 10.59 -4.00
C GLY A 59 4.69 9.20 -3.43
N PHE A 60 3.96 9.11 -2.33
CA PHE A 60 3.70 7.83 -1.69
C PHE A 60 2.70 7.97 -0.55
N GLY A 61 2.08 6.87 -0.16
CA GLY A 61 1.10 6.89 0.92
C GLY A 61 0.79 5.51 1.45
N PHE A 62 -0.42 5.35 1.97
CA PHE A 62 -0.85 4.07 2.52
C PHE A 62 -2.34 3.85 2.30
N VAL A 63 -2.77 2.59 2.36
CA VAL A 63 -4.17 2.25 2.17
C VAL A 63 -4.55 1.02 3.00
N LYS A 64 -5.54 1.19 3.86
CA LYS A 64 -6.01 0.10 4.71
C LYS A 64 -7.19 -0.63 4.07
N PHE A 65 -7.26 -1.93 4.28
CA PHE A 65 -8.34 -2.74 3.73
C PHE A 65 -9.05 -3.53 4.82
N LYS A 66 -10.37 -3.40 4.88
CA LYS A 66 -11.17 -4.10 5.89
C LYS A 66 -10.68 -5.53 6.06
N ASP A 67 -10.27 -6.15 4.96
CA ASP A 67 -9.77 -7.52 5.00
C ASP A 67 -8.33 -7.60 4.50
N PRO A 68 -7.52 -8.42 5.16
CA PRO A 68 -6.11 -8.60 4.79
C PRO A 68 -5.93 -9.33 3.47
N ASN A 69 -7.05 -9.64 2.82
CA ASN A 69 -7.03 -10.35 1.55
C ASN A 69 -7.01 -9.35 0.39
N CYS A 70 -7.61 -8.19 0.59
CA CYS A 70 -7.66 -7.16 -0.43
C CYS A 70 -6.26 -6.80 -0.91
N VAL A 71 -5.32 -6.74 0.02
CA VAL A 71 -3.93 -6.41 -0.31
C VAL A 71 -3.42 -7.26 -1.46
N GLY A 72 -3.50 -8.58 -1.29
CA GLY A 72 -3.03 -9.49 -2.32
C GLY A 72 -3.65 -9.19 -3.68
N THR A 73 -4.98 -9.19 -3.73
CA THR A 73 -5.69 -8.93 -4.98
C THR A 73 -5.01 -7.81 -5.77
N VAL A 74 -4.70 -6.71 -5.08
CA VAL A 74 -4.04 -5.59 -5.73
C VAL A 74 -2.60 -5.90 -6.08
N LEU A 75 -1.88 -6.52 -5.14
CA LEU A 75 -0.50 -6.89 -5.35
C LEU A 75 -0.33 -7.70 -6.64
N ALA A 76 -1.33 -8.53 -6.93
CA ALA A 76 -1.29 -9.36 -8.13
C ALA A 76 -1.70 -8.56 -9.36
N SER A 77 -2.58 -7.58 -9.16
CA SER A 77 -3.05 -6.74 -10.26
C SER A 77 -1.93 -5.84 -10.77
N ARG A 78 -0.97 -5.56 -9.91
CA ARG A 78 0.16 -4.70 -10.26
C ARG A 78 0.67 -5.04 -11.66
N PRO A 79 1.32 -4.06 -12.30
CA PRO A 79 1.54 -2.73 -11.72
C PRO A 79 0.24 -1.93 -11.61
N HIS A 80 0.37 -0.70 -11.14
CA HIS A 80 -0.80 0.17 -10.98
C HIS A 80 -0.50 1.57 -11.52
N THR A 81 -1.55 2.39 -11.64
CA THR A 81 -1.41 3.75 -12.14
C THR A 81 -2.64 4.57 -11.83
N LEU A 82 -2.47 5.58 -10.97
CA LEU A 82 -3.58 6.45 -10.58
C LEU A 82 -3.19 7.92 -10.74
N ASP A 83 -4.14 8.73 -11.21
CA ASP A 83 -3.90 10.15 -11.41
C ASP A 83 -2.82 10.38 -12.45
N GLY A 84 -2.95 9.70 -13.59
CA GLY A 84 -1.97 9.85 -14.65
C GLY A 84 -0.54 9.68 -14.16
N ARG A 85 -0.38 8.91 -13.09
CA ARG A 85 0.94 8.68 -12.51
C ARG A 85 1.13 7.21 -12.17
N ASN A 86 2.18 6.60 -12.71
CA ASN A 86 2.47 5.19 -12.45
C ASN A 86 2.80 4.97 -10.98
N ILE A 87 1.97 4.17 -10.31
CA ILE A 87 2.18 3.87 -8.90
C ILE A 87 2.35 2.37 -8.68
N ASP A 88 2.80 2.01 -7.48
CA ASP A 88 3.00 0.60 -7.14
C ASP A 88 2.84 0.38 -5.64
N PRO A 89 1.77 -0.33 -5.25
CA PRO A 89 1.48 -0.63 -3.85
C PRO A 89 2.48 -1.61 -3.24
N LYS A 90 2.53 -1.66 -1.91
CA LYS A 90 3.44 -2.56 -1.22
C LYS A 90 2.71 -3.31 -0.10
N PRO A 91 3.10 -4.57 0.11
CA PRO A 91 2.50 -5.42 1.15
C PRO A 91 2.87 -4.97 2.55
N CYS A 92 3.75 -3.98 2.64
CA CYS A 92 4.20 -3.45 3.92
C CYS A 92 4.90 -4.54 4.74
N THR A 93 5.87 -5.21 4.13
CA THR A 93 6.61 -6.27 4.79
C THR A 93 8.09 -6.24 4.41
N PRO A 94 8.95 -6.72 5.32
CA PRO A 94 10.39 -6.75 5.10
C PRO A 94 10.79 -7.78 4.04
N ARG A 95 12.06 -7.73 3.64
CA ARG A 95 12.56 -8.66 2.62
C ARG A 95 12.01 -10.06 2.84
N GLY A 96 11.98 -10.85 1.78
CA GLY A 96 11.47 -12.20 1.87
C GLY A 96 12.28 -13.06 2.82
N MET A 97 11.59 -13.87 3.62
CA MET A 97 12.25 -14.75 4.58
C MET A 97 11.59 -16.12 4.61
N GLN A 98 12.35 -17.13 5.01
CA GLN A 98 11.85 -18.49 5.08
C GLN A 98 10.86 -18.65 6.23
N PRO A 99 9.81 -19.45 6.01
CA PRO A 99 8.77 -19.70 7.01
C PRO A 99 9.28 -20.53 8.19
N SER A 100 9.82 -19.86 9.19
CA SER A 100 10.35 -20.53 10.37
C SER A 100 9.29 -21.42 11.01
N GLY A 101 9.23 -22.67 10.57
CA GLY A 101 8.26 -23.60 11.11
C GLY A 101 6.85 -23.07 11.04
N PRO A 102 6.16 -23.32 9.93
CA PRO A 102 4.78 -22.86 9.72
C PRO A 102 3.78 -23.60 10.62
N SER A 103 4.13 -24.83 10.99
CA SER A 103 3.27 -25.65 11.83
C SER A 103 3.98 -26.92 12.27
N SER A 104 3.45 -27.56 13.31
CA SER A 104 4.04 -28.79 13.83
C SER A 104 2.99 -29.88 13.97
N GLY A 105 3.19 -31.00 13.28
CA GLY A 105 2.25 -32.10 13.34
C GLY A 105 2.67 -33.27 12.48
N GLY A 1 21.39 -18.63 6.28
CA GLY A 1 21.07 -17.29 6.71
C GLY A 1 21.96 -16.81 7.85
N SER A 2 21.37 -16.58 9.01
CA SER A 2 22.11 -16.12 10.18
C SER A 2 22.78 -14.78 9.89
N SER A 3 22.05 -13.89 9.23
CA SER A 3 22.56 -12.57 8.90
C SER A 3 22.04 -11.51 9.87
N GLY A 4 20.74 -11.54 10.13
CA GLY A 4 20.14 -10.59 11.04
C GLY A 4 19.63 -11.24 12.31
N SER A 5 19.68 -10.50 13.41
CA SER A 5 19.23 -11.02 14.70
C SER A 5 18.05 -10.22 15.22
N SER A 6 16.92 -10.90 15.44
CA SER A 6 15.71 -10.25 15.93
C SER A 6 14.67 -11.29 16.33
N GLY A 7 13.57 -10.82 16.93
CA GLY A 7 12.51 -11.71 17.35
C GLY A 7 11.46 -11.91 16.27
N MET A 8 11.61 -12.98 15.50
CA MET A 8 10.66 -13.28 14.43
C MET A 8 10.57 -12.13 13.44
N ASN A 9 11.73 -11.54 13.11
CA ASN A 9 11.78 -10.43 12.17
C ASN A 9 10.70 -9.39 12.49
N ASN A 10 10.52 -9.12 13.77
CA ASN A 10 9.51 -8.15 14.20
C ASN A 10 8.14 -8.52 13.67
N SER A 11 7.81 -9.81 13.72
CA SER A 11 6.51 -10.29 13.24
C SER A 11 5.41 -9.30 13.57
N GLY A 12 4.82 -8.71 12.52
CA GLY A 12 3.75 -7.76 12.73
C GLY A 12 2.52 -8.07 11.90
N ALA A 13 1.53 -8.69 12.54
CA ALA A 13 0.30 -9.06 11.86
C ALA A 13 -0.71 -7.91 11.90
N ASP A 14 -0.23 -6.69 11.70
CA ASP A 14 -1.08 -5.51 11.71
C ASP A 14 -1.11 -4.85 10.34
N GLU A 15 0.08 -4.63 9.77
CA GLU A 15 0.20 -4.00 8.46
C GLU A 15 -0.32 -4.93 7.36
N ILE A 16 -0.67 -6.15 7.75
CA ILE A 16 -1.17 -7.14 6.80
C ILE A 16 -2.21 -6.52 5.86
N GLY A 17 -3.26 -5.95 6.44
CA GLY A 17 -4.30 -5.34 5.64
C GLY A 17 -3.95 -3.92 5.23
N LYS A 18 -2.66 -3.66 5.04
CA LYS A 18 -2.18 -2.34 4.64
C LYS A 18 -1.53 -2.39 3.27
N LEU A 19 -1.56 -1.26 2.56
CA LEU A 19 -0.97 -1.18 1.23
C LEU A 19 -0.15 0.10 1.09
N PHE A 20 1.18 -0.06 1.07
CA PHE A 20 2.07 1.09 0.93
C PHE A 20 2.30 1.44 -0.54
N VAL A 21 1.76 2.58 -0.96
CA VAL A 21 1.89 3.03 -2.34
C VAL A 21 3.20 3.78 -2.55
N GLY A 22 3.95 3.36 -3.57
CA GLY A 22 5.21 4.01 -3.86
C GLY A 22 5.28 4.56 -5.28
N GLY A 23 4.94 5.83 -5.43
CA GLY A 23 4.96 6.45 -6.75
C GLY A 23 3.74 7.31 -7.00
N LEU A 24 3.26 7.98 -5.96
CA LEU A 24 2.10 8.84 -6.08
C LEU A 24 2.44 10.13 -6.81
N ASP A 25 1.42 10.93 -7.12
CA ASP A 25 1.62 12.20 -7.81
C ASP A 25 1.23 13.37 -6.93
N TRP A 26 2.05 14.41 -6.92
CA TRP A 26 1.79 15.59 -6.12
C TRP A 26 0.31 15.96 -6.17
N SER A 27 -0.32 15.71 -7.31
CA SER A 27 -1.74 16.03 -7.49
C SER A 27 -2.61 15.02 -6.76
N THR A 28 -2.20 13.75 -6.80
CA THR A 28 -2.95 12.68 -6.14
C THR A 28 -3.51 13.15 -4.81
N THR A 29 -4.75 12.78 -4.53
CA THR A 29 -5.41 13.16 -3.29
C THR A 29 -5.90 11.93 -2.52
N GLN A 30 -6.08 12.08 -1.22
CA GLN A 30 -6.54 10.98 -0.38
C GLN A 30 -7.92 10.50 -0.83
N GLU A 31 -8.74 11.42 -1.33
CA GLU A 31 -10.08 11.10 -1.79
C GLU A 31 -10.03 10.14 -2.97
N THR A 32 -9.48 10.62 -4.09
CA THR A 32 -9.37 9.81 -5.29
C THR A 32 -8.58 8.52 -5.02
N LEU A 33 -7.56 8.63 -4.18
CA LEU A 33 -6.74 7.47 -3.84
C LEU A 33 -7.57 6.39 -3.16
N ARG A 34 -8.49 6.82 -2.31
CA ARG A 34 -9.36 5.89 -1.59
C ARG A 34 -10.15 5.02 -2.56
N SER A 35 -10.97 5.66 -3.39
CA SER A 35 -11.78 4.95 -4.37
C SER A 35 -10.92 4.06 -5.25
N TYR A 36 -9.96 4.67 -5.95
CA TYR A 36 -9.07 3.93 -6.83
C TYR A 36 -8.74 2.56 -6.24
N PHE A 37 -8.39 2.54 -4.96
CA PHE A 37 -8.04 1.30 -4.29
C PHE A 37 -9.29 0.62 -3.72
N SER A 38 -10.32 1.41 -3.47
CA SER A 38 -11.57 0.90 -2.92
C SER A 38 -12.17 -0.16 -3.84
N GLN A 39 -12.16 0.13 -5.15
CA GLN A 39 -12.71 -0.79 -6.14
C GLN A 39 -12.18 -2.20 -5.91
N TYR A 40 -10.98 -2.29 -5.35
CA TYR A 40 -10.36 -3.59 -5.08
C TYR A 40 -10.75 -4.11 -3.70
N GLY A 41 -10.58 -3.27 -2.69
CA GLY A 41 -10.92 -3.66 -1.33
C GLY A 41 -11.52 -2.52 -0.53
N GLU A 42 -12.46 -2.85 0.34
CA GLU A 42 -13.12 -1.84 1.17
C GLU A 42 -12.10 -1.02 1.94
N VAL A 43 -11.81 0.19 1.42
CA VAL A 43 -10.86 1.08 2.06
C VAL A 43 -11.32 1.48 3.46
N VAL A 44 -10.47 1.24 4.45
CA VAL A 44 -10.78 1.57 5.83
C VAL A 44 -10.14 2.90 6.24
N ASP A 45 -8.91 3.13 5.77
CA ASP A 45 -8.19 4.35 6.09
C ASP A 45 -7.13 4.64 5.03
N CYS A 46 -7.27 5.77 4.35
CA CYS A 46 -6.32 6.16 3.32
C CYS A 46 -5.46 7.33 3.78
N VAL A 47 -4.16 7.23 3.55
CA VAL A 47 -3.23 8.28 3.94
C VAL A 47 -2.29 8.65 2.80
N ILE A 48 -1.93 9.93 2.73
CA ILE A 48 -1.04 10.41 1.68
C ILE A 48 0.05 11.31 2.25
N MET A 49 1.26 10.78 2.35
CA MET A 49 2.39 11.54 2.88
C MET A 49 2.59 12.83 2.09
N LYS A 50 2.80 13.93 2.81
CA LYS A 50 3.01 15.23 2.18
C LYS A 50 4.26 15.91 2.73
N ASP A 51 4.87 16.76 1.93
CA ASP A 51 6.07 17.48 2.33
C ASP A 51 5.85 18.20 3.67
N LYS A 52 6.94 18.68 4.25
CA LYS A 52 6.86 19.40 5.53
C LYS A 52 6.37 20.83 5.33
N THR A 53 7.06 21.57 4.47
CA THR A 53 6.70 22.95 4.20
C THR A 53 5.67 23.04 3.08
N THR A 54 6.03 22.51 1.90
CA THR A 54 5.13 22.53 0.75
C THR A 54 3.82 21.84 1.08
N ASN A 55 3.88 20.78 1.87
CA ASN A 55 2.68 20.03 2.25
C ASN A 55 2.01 19.42 1.03
N GLN A 56 2.83 18.91 0.11
CA GLN A 56 2.30 18.29 -1.11
C GLN A 56 2.69 16.82 -1.18
N SER A 57 1.79 16.00 -1.72
CA SER A 57 2.04 14.56 -1.84
C SER A 57 3.41 14.30 -2.45
N ARG A 58 4.38 13.97 -1.60
CA ARG A 58 5.73 13.69 -2.06
C ARG A 58 5.74 12.63 -3.15
N GLY A 59 4.84 11.66 -3.03
CA GLY A 59 4.75 10.59 -4.00
C GLY A 59 4.65 9.22 -3.36
N PHE A 60 3.97 9.15 -2.22
CA PHE A 60 3.80 7.89 -1.51
C PHE A 60 2.85 8.05 -0.33
N GLY A 61 2.15 6.98 0.02
CA GLY A 61 1.21 7.03 1.12
C GLY A 61 0.89 5.65 1.67
N PHE A 62 -0.36 5.46 2.08
CA PHE A 62 -0.79 4.18 2.63
C PHE A 62 -2.29 3.97 2.41
N VAL A 63 -2.72 2.71 2.47
CA VAL A 63 -4.12 2.38 2.27
C VAL A 63 -4.52 1.16 3.10
N LYS A 64 -5.52 1.33 3.95
CA LYS A 64 -6.00 0.25 4.80
C LYS A 64 -7.13 -0.52 4.12
N PHE A 65 -7.23 -1.80 4.44
CA PHE A 65 -8.27 -2.65 3.85
C PHE A 65 -8.97 -3.48 4.94
N LYS A 66 -10.29 -3.36 4.99
CA LYS A 66 -11.09 -4.09 5.97
C LYS A 66 -10.59 -5.53 6.10
N ASP A 67 -10.18 -6.11 4.98
CA ASP A 67 -9.69 -7.48 4.96
C ASP A 67 -8.24 -7.54 4.46
N PRO A 68 -7.43 -8.40 5.09
CA PRO A 68 -6.03 -8.57 4.72
C PRO A 68 -5.85 -9.25 3.36
N ASN A 69 -6.93 -9.83 2.85
CA ASN A 69 -6.91 -10.51 1.56
C ASN A 69 -6.97 -9.49 0.42
N CYS A 70 -7.58 -8.34 0.68
CA CYS A 70 -7.69 -7.29 -0.32
C CYS A 70 -6.33 -6.88 -0.85
N VAL A 71 -5.38 -6.71 0.06
CA VAL A 71 -4.02 -6.31 -0.31
C VAL A 71 -3.50 -7.17 -1.46
N GLY A 72 -3.58 -8.49 -1.30
CA GLY A 72 -3.12 -9.39 -2.33
C GLY A 72 -3.79 -9.15 -3.66
N THR A 73 -5.11 -9.17 -3.66
CA THR A 73 -5.88 -8.95 -4.89
C THR A 73 -5.29 -7.81 -5.71
N VAL A 74 -4.90 -6.74 -5.03
CA VAL A 74 -4.31 -5.59 -5.69
C VAL A 74 -2.88 -5.87 -6.15
N LEU A 75 -2.13 -6.55 -5.29
CA LEU A 75 -0.74 -6.88 -5.61
C LEU A 75 -0.65 -7.66 -6.92
N ALA A 76 -1.61 -8.55 -7.14
CA ALA A 76 -1.64 -9.35 -8.37
C ALA A 76 -2.04 -8.50 -9.56
N SER A 77 -2.90 -7.51 -9.34
CA SER A 77 -3.35 -6.62 -10.40
C SER A 77 -2.21 -5.75 -10.91
N ARG A 78 -1.20 -5.55 -10.07
CA ARG A 78 -0.05 -4.74 -10.44
C ARG A 78 0.39 -5.03 -11.87
N PRO A 79 1.07 -4.06 -12.50
CA PRO A 79 1.37 -2.77 -11.86
C PRO A 79 0.13 -1.92 -11.66
N HIS A 80 0.33 -0.72 -11.15
CA HIS A 80 -0.78 0.21 -10.91
C HIS A 80 -0.42 1.62 -11.36
N THR A 81 -1.42 2.37 -11.80
CA THR A 81 -1.22 3.74 -12.25
C THR A 81 -2.44 4.61 -11.96
N LEU A 82 -2.30 5.47 -10.95
CA LEU A 82 -3.39 6.37 -10.57
C LEU A 82 -3.01 7.83 -10.81
N ASP A 83 -4.01 8.68 -11.02
CA ASP A 83 -3.79 10.09 -11.25
C ASP A 83 -2.79 10.30 -12.39
N GLY A 84 -2.94 9.52 -13.46
CA GLY A 84 -2.05 9.64 -14.60
C GLY A 84 -0.59 9.54 -14.20
N ARG A 85 -0.33 8.82 -13.11
CA ARG A 85 1.04 8.64 -12.63
C ARG A 85 1.33 7.18 -12.33
N ASN A 86 2.58 6.77 -12.54
CA ASN A 86 2.99 5.39 -12.30
C ASN A 86 3.19 5.14 -10.80
N ILE A 87 2.41 4.22 -10.26
CA ILE A 87 2.51 3.90 -8.83
C ILE A 87 2.66 2.39 -8.62
N ASP A 88 3.04 2.00 -7.41
CA ASP A 88 3.23 0.59 -7.09
C ASP A 88 3.01 0.35 -5.60
N PRO A 89 1.91 -0.36 -5.27
CA PRO A 89 1.56 -0.68 -3.88
C PRO A 89 2.52 -1.69 -3.26
N LYS A 90 2.44 -1.84 -1.94
CA LYS A 90 3.30 -2.77 -1.22
C LYS A 90 2.56 -3.39 -0.04
N PRO A 91 2.83 -4.69 0.22
CA PRO A 91 2.20 -5.42 1.32
C PRO A 91 2.70 -4.94 2.68
N CYS A 92 3.64 -4.01 2.68
CA CYS A 92 4.20 -3.47 3.91
C CYS A 92 4.89 -4.57 4.72
N THR A 93 5.50 -5.52 4.01
CA THR A 93 6.19 -6.62 4.66
C THR A 93 7.66 -6.68 4.24
N PRO A 94 8.52 -7.21 5.12
CA PRO A 94 9.95 -7.33 4.85
C PRO A 94 10.26 -8.37 3.78
N ARG A 95 11.48 -8.35 3.27
CA ARG A 95 11.91 -9.29 2.24
C ARG A 95 11.43 -10.70 2.57
N GLY A 96 11.21 -11.49 1.53
CA GLY A 96 10.77 -12.87 1.72
C GLY A 96 9.27 -13.02 1.50
N MET A 97 8.87 -14.19 1.00
CA MET A 97 7.46 -14.46 0.75
C MET A 97 6.95 -15.59 1.63
N GLN A 98 5.91 -15.31 2.41
CA GLN A 98 5.33 -16.31 3.29
C GLN A 98 4.43 -17.28 2.53
N PRO A 99 4.51 -18.56 2.88
CA PRO A 99 3.72 -19.62 2.23
C PRO A 99 2.23 -19.52 2.58
N SER A 100 1.39 -19.86 1.62
CA SER A 100 -0.06 -19.80 1.82
C SER A 100 -0.78 -20.78 0.90
N GLY A 101 -2.03 -21.09 1.23
CA GLY A 101 -2.80 -22.02 0.42
C GLY A 101 -4.14 -21.43 -0.01
N PRO A 102 -5.01 -22.28 -0.56
CA PRO A 102 -6.34 -21.87 -1.03
C PRO A 102 -7.27 -21.50 0.13
N SER A 103 -8.34 -20.77 -0.19
CA SER A 103 -9.30 -20.35 0.82
C SER A 103 -10.72 -20.68 0.39
N SER A 104 -11.37 -21.58 1.13
CA SER A 104 -12.73 -21.99 0.82
C SER A 104 -12.79 -22.69 -0.53
N GLY A 105 -11.81 -23.54 -0.80
CA GLY A 105 -11.77 -24.26 -2.06
C GLY A 105 -12.94 -25.21 -2.22
N GLY A 1 17.79 11.85 7.06
CA GLY A 1 17.49 11.19 5.80
C GLY A 1 16.02 11.31 5.44
N SER A 2 15.15 11.11 6.42
CA SER A 2 13.71 11.19 6.19
C SER A 2 12.95 11.22 7.51
N SER A 3 11.85 11.97 7.53
CA SER A 3 11.03 12.10 8.73
C SER A 3 9.72 11.34 8.58
N GLY A 4 9.36 10.57 9.60
CA GLY A 4 8.13 9.81 9.56
C GLY A 4 8.19 8.55 10.41
N SER A 5 7.13 8.30 11.17
CA SER A 5 7.08 7.13 12.04
C SER A 5 6.11 6.10 11.49
N SER A 6 6.13 5.92 10.17
CA SER A 6 5.24 4.95 9.52
C SER A 6 5.05 3.71 10.38
N GLY A 7 6.17 3.14 10.82
CA GLY A 7 6.11 1.95 11.65
C GLY A 7 7.48 1.32 11.85
N MET A 8 8.42 2.12 12.35
CA MET A 8 9.77 1.64 12.59
C MET A 8 9.77 0.48 13.60
N ASN A 9 8.99 0.62 14.65
CA ASN A 9 8.88 -0.41 15.67
C ASN A 9 8.47 -1.74 15.07
N ASN A 10 8.72 -2.82 15.80
CA ASN A 10 8.37 -4.16 15.33
C ASN A 10 6.88 -4.26 15.03
N SER A 11 6.54 -4.72 13.83
CA SER A 11 5.16 -4.86 13.42
C SER A 11 4.81 -6.31 13.14
N GLY A 12 4.31 -7.01 14.16
CA GLY A 12 3.96 -8.40 14.00
C GLY A 12 2.50 -8.59 13.60
N ALA A 13 2.29 -8.82 12.31
CA ALA A 13 0.94 -9.01 11.78
C ALA A 13 0.08 -7.78 12.01
N ASP A 14 0.65 -6.61 11.75
CA ASP A 14 -0.06 -5.34 11.92
C ASP A 14 -0.26 -4.65 10.59
N GLU A 15 0.74 -4.75 9.71
CA GLU A 15 0.66 -4.13 8.40
C GLU A 15 0.22 -5.14 7.33
N ILE A 16 -0.61 -6.09 7.74
CA ILE A 16 -1.11 -7.11 6.83
C ILE A 16 -2.10 -6.52 5.83
N GLY A 17 -3.17 -5.92 6.36
CA GLY A 17 -4.18 -5.33 5.50
C GLY A 17 -3.80 -3.94 5.03
N LYS A 18 -2.53 -3.59 5.22
CA LYS A 18 -2.03 -2.27 4.81
C LYS A 18 -1.42 -2.34 3.42
N LEU A 19 -1.45 -1.22 2.70
CA LEU A 19 -0.89 -1.15 1.36
C LEU A 19 -0.16 0.16 1.14
N PHE A 20 1.15 0.07 0.94
CA PHE A 20 1.98 1.25 0.72
C PHE A 20 2.16 1.52 -0.77
N VAL A 21 1.65 2.66 -1.23
CA VAL A 21 1.75 3.03 -2.63
C VAL A 21 3.04 3.80 -2.90
N GLY A 22 3.65 3.53 -4.05
CA GLY A 22 4.88 4.21 -4.40
C GLY A 22 4.89 4.67 -5.86
N GLY A 23 4.68 5.97 -6.05
CA GLY A 23 4.66 6.52 -7.39
C GLY A 23 3.49 7.46 -7.62
N LEU A 24 3.02 8.08 -6.56
CA LEU A 24 1.90 9.01 -6.65
C LEU A 24 2.36 10.39 -7.10
N ASP A 25 1.45 11.35 -7.11
CA ASP A 25 1.76 12.71 -7.52
C ASP A 25 1.63 13.68 -6.35
N TRP A 26 2.16 14.88 -6.52
CA TRP A 26 2.10 15.90 -5.47
C TRP A 26 0.70 16.49 -5.37
N SER A 27 -0.13 16.22 -6.37
CA SER A 27 -1.49 16.74 -6.39
C SER A 27 -2.47 15.68 -5.88
N THR A 28 -2.20 14.43 -6.19
CA THR A 28 -3.05 13.32 -5.76
C THR A 28 -3.55 13.53 -4.33
N THR A 29 -4.83 13.21 -4.10
CA THR A 29 -5.43 13.37 -2.79
C THR A 29 -5.86 12.02 -2.22
N GLN A 30 -6.09 11.99 -0.91
CA GLN A 30 -6.52 10.76 -0.25
C GLN A 30 -7.89 10.33 -0.72
N GLU A 31 -8.72 11.31 -1.08
CA GLU A 31 -10.08 11.03 -1.56
C GLU A 31 -10.04 10.10 -2.77
N THR A 32 -9.47 10.59 -3.87
CA THR A 32 -9.37 9.81 -5.08
C THR A 32 -8.62 8.50 -4.86
N LEU A 33 -7.54 8.58 -4.07
CA LEU A 33 -6.75 7.40 -3.77
C LEU A 33 -7.60 6.31 -3.12
N ARG A 34 -8.46 6.71 -2.20
CA ARG A 34 -9.32 5.77 -1.50
C ARG A 34 -10.19 4.99 -2.50
N SER A 35 -10.95 5.73 -3.32
CA SER A 35 -11.82 5.11 -4.30
C SER A 35 -11.02 4.18 -5.22
N TYR A 36 -10.04 4.74 -5.91
CA TYR A 36 -9.20 3.96 -6.81
C TYR A 36 -8.87 2.59 -6.23
N PHE A 37 -8.59 2.57 -4.92
CA PHE A 37 -8.26 1.34 -4.24
C PHE A 37 -9.51 0.68 -3.66
N SER A 38 -10.55 1.47 -3.47
CA SER A 38 -11.81 0.97 -2.92
C SER A 38 -12.43 -0.06 -3.86
N GLN A 39 -12.34 0.20 -5.16
CA GLN A 39 -12.90 -0.71 -6.16
C GLN A 39 -12.37 -2.13 -5.95
N TYR A 40 -11.16 -2.24 -5.43
CA TYR A 40 -10.55 -3.54 -5.19
C TYR A 40 -10.94 -4.08 -3.82
N GLY A 41 -10.78 -3.25 -2.80
CA GLY A 41 -11.11 -3.66 -1.44
C GLY A 41 -11.66 -2.52 -0.61
N GLU A 42 -12.56 -2.84 0.32
CA GLU A 42 -13.17 -1.82 1.18
C GLU A 42 -12.09 -1.02 1.90
N VAL A 43 -11.82 0.18 1.39
CA VAL A 43 -10.82 1.05 1.98
C VAL A 43 -11.25 1.53 3.37
N VAL A 44 -10.52 1.10 4.40
CA VAL A 44 -10.83 1.49 5.77
C VAL A 44 -10.23 2.84 6.10
N ASP A 45 -8.98 3.05 5.71
CA ASP A 45 -8.29 4.31 5.97
C ASP A 45 -7.21 4.55 4.92
N CYS A 46 -7.18 5.76 4.36
CA CYS A 46 -6.20 6.13 3.35
C CYS A 46 -5.33 7.29 3.83
N VAL A 47 -4.02 7.16 3.65
CA VAL A 47 -3.09 8.20 4.07
C VAL A 47 -2.15 8.57 2.93
N ILE A 48 -1.84 9.86 2.82
CA ILE A 48 -0.95 10.35 1.78
C ILE A 48 0.17 11.21 2.35
N MET A 49 1.35 10.61 2.50
CA MET A 49 2.51 11.32 3.03
C MET A 49 2.78 12.60 2.26
N LYS A 50 3.06 13.68 2.98
CA LYS A 50 3.34 14.97 2.36
C LYS A 50 4.65 15.54 2.86
N ASP A 51 5.20 16.49 2.11
CA ASP A 51 6.47 17.12 2.48
C ASP A 51 6.35 17.81 3.84
N LYS A 52 7.50 18.06 4.46
CA LYS A 52 7.53 18.72 5.77
C LYS A 52 7.01 20.15 5.67
N THR A 53 7.62 20.94 4.78
CA THR A 53 7.22 22.32 4.59
C THR A 53 6.19 22.45 3.47
N THR A 54 6.61 22.11 2.25
CA THR A 54 5.73 22.19 1.10
C THR A 54 4.39 21.50 1.38
N ASN A 55 4.40 20.56 2.31
CA ASN A 55 3.18 19.84 2.67
C ASN A 55 2.51 19.25 1.43
N GLN A 56 3.33 18.82 0.48
CA GLN A 56 2.81 18.25 -0.76
C GLN A 56 3.13 16.75 -0.84
N SER A 57 2.20 15.99 -1.41
CA SER A 57 2.39 14.54 -1.54
C SER A 57 3.74 14.22 -2.18
N ARG A 58 4.65 13.71 -1.37
CA ARG A 58 5.98 13.35 -1.86
C ARG A 58 5.90 12.36 -3.01
N GLY A 59 4.86 11.54 -3.01
CA GLY A 59 4.69 10.56 -4.05
C GLY A 59 4.46 9.16 -3.51
N PHE A 60 3.83 9.07 -2.34
CA PHE A 60 3.57 7.78 -1.72
C PHE A 60 2.66 7.93 -0.50
N GLY A 61 1.95 6.87 -0.15
CA GLY A 61 1.06 6.92 0.99
C GLY A 61 0.75 5.54 1.55
N PHE A 62 -0.50 5.31 1.92
CA PHE A 62 -0.91 4.03 2.48
C PHE A 62 -2.41 3.81 2.29
N VAL A 63 -2.84 2.56 2.37
CA VAL A 63 -4.24 2.21 2.20
C VAL A 63 -4.61 0.98 3.02
N LYS A 64 -5.57 1.15 3.92
CA LYS A 64 -6.02 0.04 4.78
C LYS A 64 -7.23 -0.66 4.17
N PHE A 65 -7.31 -1.96 4.38
CA PHE A 65 -8.41 -2.76 3.85
C PHE A 65 -9.09 -3.55 4.96
N LYS A 66 -10.41 -3.42 5.06
CA LYS A 66 -11.17 -4.13 6.08
C LYS A 66 -10.67 -5.56 6.23
N ASP A 67 -10.17 -6.13 5.14
CA ASP A 67 -9.66 -7.50 5.15
C ASP A 67 -8.23 -7.54 4.62
N PRO A 68 -7.39 -8.38 5.24
CA PRO A 68 -5.99 -8.54 4.85
C PRO A 68 -5.84 -9.25 3.51
N ASN A 69 -6.96 -9.69 2.95
CA ASN A 69 -6.96 -10.38 1.67
C ASN A 69 -6.99 -9.38 0.51
N CYS A 70 -7.59 -8.22 0.76
CA CYS A 70 -7.69 -7.18 -0.26
C CYS A 70 -6.31 -6.80 -0.79
N VAL A 71 -5.35 -6.67 0.12
CA VAL A 71 -3.98 -6.32 -0.26
C VAL A 71 -3.50 -7.18 -1.43
N GLY A 72 -3.60 -8.49 -1.27
CA GLY A 72 -3.17 -9.40 -2.31
C GLY A 72 -3.82 -9.11 -3.65
N THR A 73 -5.16 -9.12 -3.67
CA THR A 73 -5.91 -8.86 -4.88
C THR A 73 -5.27 -7.73 -5.69
N VAL A 74 -4.88 -6.67 -5.00
CA VAL A 74 -4.25 -5.53 -5.66
C VAL A 74 -2.82 -5.84 -6.08
N LEU A 75 -2.08 -6.49 -5.18
CA LEU A 75 -0.70 -6.86 -5.47
C LEU A 75 -0.59 -7.66 -6.76
N ALA A 76 -1.55 -8.57 -6.96
CA ALA A 76 -1.57 -9.41 -8.15
C ALA A 76 -1.89 -8.58 -9.39
N SER A 77 -2.56 -7.44 -9.18
CA SER A 77 -2.94 -6.57 -10.28
C SER A 77 -1.75 -5.71 -10.74
N ARG A 78 -0.76 -5.59 -9.86
CA ARG A 78 0.44 -4.80 -10.16
C ARG A 78 0.96 -5.14 -11.56
N PRO A 79 1.60 -4.15 -12.21
CA PRO A 79 1.79 -2.82 -11.63
C PRO A 79 0.47 -2.05 -11.53
N HIS A 80 0.57 -0.79 -11.11
CA HIS A 80 -0.62 0.06 -10.97
C HIS A 80 -0.35 1.45 -11.54
N THR A 81 -1.43 2.15 -11.89
CA THR A 81 -1.32 3.49 -12.45
C THR A 81 -2.54 4.33 -12.11
N LEU A 82 -2.36 5.31 -11.24
CA LEU A 82 -3.45 6.19 -10.83
C LEU A 82 -3.09 7.66 -11.06
N ASP A 83 -3.95 8.37 -11.78
CA ASP A 83 -3.72 9.78 -12.07
C ASP A 83 -2.53 9.96 -13.00
N GLY A 84 -2.55 9.26 -14.12
CA GLY A 84 -1.47 9.35 -15.08
C GLY A 84 -0.10 9.20 -14.43
N ARG A 85 -0.04 8.39 -13.38
CA ARG A 85 1.21 8.16 -12.66
C ARG A 85 1.46 6.66 -12.48
N ASN A 86 2.72 6.26 -12.61
CA ASN A 86 3.10 4.86 -12.46
C ASN A 86 3.33 4.51 -10.99
N ILE A 87 2.25 4.20 -10.29
CA ILE A 87 2.33 3.85 -8.87
C ILE A 87 2.46 2.34 -8.69
N ASP A 88 2.85 1.93 -7.49
CA ASP A 88 3.02 0.52 -7.18
C ASP A 88 2.80 0.25 -5.69
N PRO A 89 1.71 -0.45 -5.37
CA PRO A 89 1.36 -0.78 -3.99
C PRO A 89 2.32 -1.80 -3.38
N LYS A 90 2.40 -1.82 -2.05
CA LYS A 90 3.27 -2.74 -1.34
C LYS A 90 2.56 -3.35 -0.14
N PRO A 91 2.88 -4.62 0.15
CA PRO A 91 2.29 -5.36 1.27
C PRO A 91 2.75 -4.83 2.62
N CYS A 92 3.61 -3.81 2.59
CA CYS A 92 4.13 -3.21 3.82
C CYS A 92 4.85 -4.25 4.66
N THR A 93 5.56 -5.16 4.00
CA THR A 93 6.29 -6.21 4.70
C THR A 93 7.79 -6.12 4.41
N PRO A 94 8.60 -6.62 5.35
CA PRO A 94 10.06 -6.61 5.22
C PRO A 94 10.55 -7.56 4.14
N ARG A 95 11.71 -7.24 3.58
CA ARG A 95 12.30 -8.08 2.53
C ARG A 95 13.15 -9.19 3.12
N GLY A 96 12.53 -10.03 3.95
CA GLY A 96 13.24 -11.12 4.58
C GLY A 96 12.32 -12.21 5.07
N MET A 97 12.12 -13.24 4.24
CA MET A 97 11.26 -14.36 4.60
C MET A 97 11.96 -15.31 5.57
N GLN A 98 11.77 -15.07 6.86
CA GLN A 98 12.38 -15.90 7.89
C GLN A 98 11.64 -17.22 8.03
N PRO A 99 12.39 -18.30 8.29
CA PRO A 99 11.84 -19.64 8.45
C PRO A 99 11.04 -19.78 9.75
N SER A 100 9.71 -19.68 9.62
CA SER A 100 8.83 -19.80 10.79
C SER A 100 8.76 -21.24 11.27
N GLY A 101 8.30 -21.42 12.50
CA GLY A 101 8.18 -22.75 13.06
C GLY A 101 6.73 -23.19 13.21
N PRO A 102 6.51 -24.19 14.07
CA PRO A 102 5.16 -24.73 14.31
C PRO A 102 4.27 -23.75 15.07
N SER A 103 4.90 -22.84 15.82
CA SER A 103 4.16 -21.85 16.59
C SER A 103 3.29 -21.00 15.68
N SER A 104 1.98 -21.20 15.78
CA SER A 104 1.03 -20.45 14.97
C SER A 104 0.63 -19.14 15.66
N GLY A 105 0.13 -19.25 16.88
CA GLY A 105 -0.28 -18.08 17.62
C GLY A 105 0.24 -18.09 19.05
N GLY A 1 12.44 7.98 1.58
CA GLY A 1 12.36 7.30 2.86
C GLY A 1 11.92 5.86 2.73
N SER A 2 10.68 5.58 3.11
CA SER A 2 10.14 4.23 3.03
C SER A 2 11.21 3.20 3.36
N SER A 3 11.98 3.46 4.41
CA SER A 3 13.05 2.56 4.82
C SER A 3 12.56 1.59 5.89
N GLY A 4 12.91 0.31 5.73
CA GLY A 4 12.50 -0.69 6.69
C GLY A 4 12.48 -2.08 6.10
N SER A 5 13.56 -2.47 5.43
CA SER A 5 13.66 -3.78 4.80
C SER A 5 14.43 -4.75 5.69
N SER A 6 13.73 -5.36 6.64
CA SER A 6 14.36 -6.31 7.56
C SER A 6 15.51 -5.65 8.33
N GLY A 7 15.28 -4.41 8.77
CA GLY A 7 16.30 -3.69 9.51
C GLY A 7 16.15 -3.86 11.00
N MET A 8 16.59 -5.00 11.53
CA MET A 8 16.50 -5.27 12.95
C MET A 8 15.09 -4.98 13.47
N ASN A 9 14.09 -5.44 12.74
CA ASN A 9 12.70 -5.23 13.13
C ASN A 9 11.77 -6.17 12.37
N ASN A 10 11.17 -7.12 13.11
CA ASN A 10 10.26 -8.08 12.50
C ASN A 10 9.02 -8.26 13.37
N SER A 11 8.02 -8.94 12.82
CA SER A 11 6.77 -9.18 13.55
C SER A 11 5.88 -10.17 12.79
N GLY A 12 4.75 -10.52 13.38
CA GLY A 12 3.83 -11.45 12.75
C GLY A 12 2.61 -10.77 12.19
N ALA A 13 1.74 -10.28 13.07
CA ALA A 13 0.52 -9.60 12.67
C ALA A 13 0.68 -8.09 12.77
N ASP A 14 1.31 -7.49 11.76
CA ASP A 14 1.52 -6.05 11.73
C ASP A 14 1.57 -5.54 10.29
N GLU A 15 0.67 -4.60 9.97
CA GLU A 15 0.61 -4.03 8.64
C GLU A 15 0.14 -5.08 7.62
N ILE A 16 -0.68 -6.02 8.08
CA ILE A 16 -1.20 -7.06 7.21
C ILE A 16 -2.13 -6.49 6.14
N GLY A 17 -3.23 -5.90 6.59
CA GLY A 17 -4.18 -5.31 5.67
C GLY A 17 -3.79 -3.91 5.24
N LYS A 18 -2.49 -3.62 5.26
CA LYS A 18 -1.99 -2.31 4.87
C LYS A 18 -1.34 -2.36 3.50
N LEU A 19 -1.61 -1.35 2.68
CA LEU A 19 -1.05 -1.28 1.34
C LEU A 19 -0.26 0.01 1.15
N PHE A 20 1.06 -0.11 1.10
CA PHE A 20 1.93 1.05 0.92
C PHE A 20 2.08 1.40 -0.56
N VAL A 21 1.62 2.58 -0.94
CA VAL A 21 1.71 3.02 -2.33
C VAL A 21 3.00 3.78 -2.59
N GLY A 22 3.77 3.32 -3.58
CA GLY A 22 5.02 3.98 -3.90
C GLY A 22 5.06 4.47 -5.34
N GLY A 23 4.99 5.78 -5.51
CA GLY A 23 5.02 6.35 -6.84
C GLY A 23 3.89 7.34 -7.08
N LEU A 24 3.30 7.82 -6.00
CA LEU A 24 2.20 8.77 -6.08
C LEU A 24 2.66 10.09 -6.71
N ASP A 25 1.71 10.93 -7.10
CA ASP A 25 2.02 12.21 -7.70
C ASP A 25 1.51 13.36 -6.84
N TRP A 26 2.27 14.44 -6.77
CA TRP A 26 1.90 15.60 -5.97
C TRP A 26 0.41 15.91 -6.14
N SER A 27 -0.12 15.64 -7.32
CA SER A 27 -1.52 15.89 -7.59
C SER A 27 -2.41 14.91 -6.84
N THR A 28 -2.13 13.62 -7.00
CA THR A 28 -2.91 12.58 -6.34
C THR A 28 -3.37 13.04 -4.96
N THR A 29 -4.65 12.79 -4.66
CA THR A 29 -5.22 13.18 -3.38
C THR A 29 -5.68 11.95 -2.59
N GLN A 30 -5.90 12.15 -1.29
CA GLN A 30 -6.34 11.05 -0.43
C GLN A 30 -7.75 10.61 -0.81
N GLU A 31 -8.55 11.53 -1.32
CA GLU A 31 -9.92 11.22 -1.72
C GLU A 31 -9.94 10.24 -2.90
N THR A 32 -9.43 10.69 -4.04
CA THR A 32 -9.38 9.86 -5.24
C THR A 32 -8.65 8.56 -4.97
N LEU A 33 -7.68 8.60 -4.07
CA LEU A 33 -6.89 7.42 -3.72
C LEU A 33 -7.77 6.36 -3.07
N ARG A 34 -8.71 6.80 -2.23
CA ARG A 34 -9.62 5.90 -1.54
C ARG A 34 -10.37 5.02 -2.54
N SER A 35 -11.24 5.64 -3.34
CA SER A 35 -12.02 4.92 -4.33
C SER A 35 -11.12 4.05 -5.20
N TYR A 36 -10.16 4.68 -5.87
CA TYR A 36 -9.24 3.97 -6.74
C TYR A 36 -8.92 2.58 -6.18
N PHE A 37 -8.69 2.53 -4.87
CA PHE A 37 -8.36 1.27 -4.20
C PHE A 37 -9.63 0.56 -3.74
N SER A 38 -10.66 1.35 -3.42
CA SER A 38 -11.92 0.80 -2.96
C SER A 38 -12.44 -0.26 -3.92
N GLN A 39 -12.37 0.03 -5.21
CA GLN A 39 -12.83 -0.89 -6.24
C GLN A 39 -12.25 -2.29 -6.02
N TYR A 40 -11.04 -2.34 -5.47
CA TYR A 40 -10.37 -3.61 -5.21
C TYR A 40 -10.76 -4.15 -3.84
N GLY A 41 -10.58 -3.32 -2.81
CA GLY A 41 -10.91 -3.73 -1.46
C GLY A 41 -11.52 -2.61 -0.65
N GLU A 42 -12.43 -2.97 0.26
CA GLU A 42 -13.10 -1.98 1.10
C GLU A 42 -12.08 -1.13 1.86
N VAL A 43 -11.81 0.06 1.33
CA VAL A 43 -10.86 0.97 1.96
C VAL A 43 -11.33 1.37 3.35
N VAL A 44 -10.44 1.22 4.33
CA VAL A 44 -10.75 1.57 5.71
C VAL A 44 -10.13 2.91 6.09
N ASP A 45 -8.90 3.13 5.67
CA ASP A 45 -8.20 4.38 5.96
C ASP A 45 -7.14 4.66 4.90
N CYS A 46 -7.15 5.88 4.38
CA CYS A 46 -6.19 6.28 3.35
C CYS A 46 -5.26 7.37 3.88
N VAL A 47 -4.00 7.31 3.48
CA VAL A 47 -3.00 8.28 3.90
C VAL A 47 -2.07 8.66 2.76
N ILE A 48 -1.72 9.94 2.68
CA ILE A 48 -0.82 10.42 1.64
C ILE A 48 0.25 11.35 2.21
N MET A 49 1.45 10.81 2.38
CA MET A 49 2.55 11.59 2.93
C MET A 49 2.75 12.88 2.13
N LYS A 50 2.98 13.98 2.85
CA LYS A 50 3.18 15.28 2.21
C LYS A 50 4.43 15.95 2.74
N ASP A 51 4.97 16.90 1.98
CA ASP A 51 6.16 17.62 2.37
C ASP A 51 5.97 18.30 3.72
N LYS A 52 7.07 18.79 4.30
CA LYS A 52 7.02 19.46 5.59
C LYS A 52 6.48 20.88 5.46
N THR A 53 7.08 21.65 4.55
CA THR A 53 6.66 23.03 4.32
C THR A 53 5.58 23.10 3.25
N THR A 54 5.93 22.71 2.03
CA THR A 54 4.99 22.74 0.92
C THR A 54 3.74 21.92 1.24
N ASN A 55 3.91 20.88 2.03
CA ASN A 55 2.80 20.02 2.42
C ASN A 55 2.09 19.44 1.19
N GLN A 56 2.89 19.01 0.21
CA GLN A 56 2.36 18.44 -1.01
C GLN A 56 2.71 16.96 -1.13
N SER A 57 1.74 16.15 -1.54
CA SER A 57 1.95 14.72 -1.69
C SER A 57 3.37 14.41 -2.16
N ARG A 58 4.24 14.09 -1.22
CA ARG A 58 5.63 13.78 -1.54
C ARG A 58 5.71 12.78 -2.70
N GLY A 59 4.79 11.83 -2.72
CA GLY A 59 4.78 10.83 -3.76
C GLY A 59 4.62 9.42 -3.23
N PHE A 60 3.96 9.30 -2.08
CA PHE A 60 3.75 8.00 -1.45
C PHE A 60 2.82 8.11 -0.25
N GLY A 61 2.11 7.03 0.05
CA GLY A 61 1.20 7.04 1.18
C GLY A 61 0.90 5.64 1.69
N PHE A 62 -0.34 5.41 2.11
CA PHE A 62 -0.74 4.11 2.62
C PHE A 62 -2.25 3.92 2.49
N VAL A 63 -2.68 2.66 2.35
CA VAL A 63 -4.09 2.35 2.23
C VAL A 63 -4.45 1.11 3.04
N LYS A 64 -5.42 1.28 3.94
CA LYS A 64 -5.86 0.17 4.80
C LYS A 64 -7.04 -0.55 4.17
N PHE A 65 -7.08 -1.87 4.34
CA PHE A 65 -8.17 -2.68 3.80
C PHE A 65 -8.86 -3.49 4.90
N LYS A 66 -10.17 -3.41 4.95
CA LYS A 66 -10.95 -4.12 5.95
C LYS A 66 -10.40 -5.53 6.16
N ASP A 67 -10.09 -6.20 5.06
CA ASP A 67 -9.55 -7.56 5.11
C ASP A 67 -8.12 -7.60 4.55
N PRO A 68 -7.25 -8.40 5.19
CA PRO A 68 -5.86 -8.54 4.77
C PRO A 68 -5.73 -9.30 3.46
N ASN A 69 -6.86 -9.66 2.87
CA ASN A 69 -6.87 -10.40 1.61
C ASN A 69 -6.93 -9.43 0.42
N CYS A 70 -7.55 -8.27 0.64
CA CYS A 70 -7.67 -7.27 -0.40
C CYS A 70 -6.30 -6.83 -0.90
N VAL A 71 -5.35 -6.71 0.01
CA VAL A 71 -3.99 -6.30 -0.33
C VAL A 71 -3.46 -7.11 -1.50
N GLY A 72 -3.49 -8.43 -1.37
CA GLY A 72 -3.00 -9.30 -2.43
C GLY A 72 -3.71 -9.06 -3.74
N THR A 73 -5.04 -9.15 -3.73
CA THR A 73 -5.83 -8.93 -4.93
C THR A 73 -5.29 -7.78 -5.75
N VAL A 74 -4.97 -6.68 -5.07
CA VAL A 74 -4.45 -5.49 -5.75
C VAL A 74 -3.00 -5.71 -6.20
N LEU A 75 -2.20 -6.28 -5.32
CA LEU A 75 -0.80 -6.55 -5.62
C LEU A 75 -0.67 -7.34 -6.92
N ALA A 76 -1.47 -8.38 -7.05
CA ALA A 76 -1.45 -9.22 -8.24
C ALA A 76 -1.79 -8.41 -9.49
N SER A 77 -2.67 -7.43 -9.33
CA SER A 77 -3.08 -6.58 -10.44
C SER A 77 -1.91 -5.74 -10.95
N ARG A 78 -0.96 -5.46 -10.05
CA ARG A 78 0.21 -4.66 -10.41
C ARG A 78 0.65 -4.96 -11.82
N PRO A 79 1.27 -3.96 -12.48
CA PRO A 79 1.51 -2.66 -11.87
C PRO A 79 0.21 -1.86 -11.68
N HIS A 80 0.35 -0.62 -11.20
CA HIS A 80 -0.81 0.23 -10.97
C HIS A 80 -0.53 1.66 -11.43
N THR A 81 -1.57 2.34 -11.89
CA THR A 81 -1.43 3.72 -12.38
C THR A 81 -2.64 4.56 -11.98
N LEU A 82 -2.46 5.42 -10.99
CA LEU A 82 -3.53 6.29 -10.51
C LEU A 82 -3.17 7.75 -10.72
N ASP A 83 -4.12 8.51 -11.28
CA ASP A 83 -3.91 9.93 -11.52
C ASP A 83 -2.79 10.14 -12.56
N GLY A 84 -2.93 9.50 -13.71
CA GLY A 84 -1.93 9.63 -14.76
C GLY A 84 -0.52 9.51 -14.22
N ARG A 85 -0.38 8.89 -13.07
CA ARG A 85 0.93 8.71 -12.44
C ARG A 85 1.20 7.23 -12.17
N ASN A 86 2.42 6.79 -12.45
CA ASN A 86 2.81 5.41 -12.24
C ASN A 86 3.04 5.14 -10.75
N ILE A 87 2.23 4.25 -10.18
CA ILE A 87 2.35 3.90 -8.77
C ILE A 87 2.48 2.40 -8.58
N ASP A 88 2.89 1.99 -7.39
CA ASP A 88 3.05 0.57 -7.08
C ASP A 88 2.86 0.32 -5.58
N PRO A 89 1.77 -0.38 -5.23
CA PRO A 89 1.44 -0.70 -3.85
C PRO A 89 2.39 -1.73 -3.25
N LYS A 90 2.33 -1.91 -1.94
CA LYS A 90 3.18 -2.86 -1.25
C LYS A 90 2.43 -3.55 -0.11
N PRO A 91 2.77 -4.82 0.13
CA PRO A 91 2.14 -5.62 1.19
C PRO A 91 2.52 -5.14 2.59
N CYS A 92 3.31 -4.06 2.64
CA CYS A 92 3.75 -3.50 3.92
C CYS A 92 4.37 -4.58 4.80
N THR A 93 5.18 -5.45 4.18
CA THR A 93 5.84 -6.52 4.91
C THR A 93 7.35 -6.38 4.86
N PRO A 94 8.04 -6.92 5.88
CA PRO A 94 9.50 -6.86 5.97
C PRO A 94 10.19 -7.73 4.93
N ARG A 95 10.67 -7.11 3.87
CA ARG A 95 11.35 -7.82 2.79
C ARG A 95 12.13 -9.01 3.35
N GLY A 96 11.74 -10.21 2.95
CA GLY A 96 12.41 -11.41 3.42
C GLY A 96 11.45 -12.55 3.66
N MET A 97 10.69 -12.46 4.74
CA MET A 97 9.73 -13.50 5.10
C MET A 97 8.56 -13.51 4.11
N GLN A 98 8.43 -14.60 3.36
CA GLN A 98 7.35 -14.74 2.40
C GLN A 98 6.03 -15.03 3.08
N PRO A 99 4.92 -14.79 2.36
CA PRO A 99 3.57 -15.02 2.89
C PRO A 99 3.26 -16.51 3.04
N SER A 100 3.74 -17.31 2.09
CA SER A 100 3.51 -18.76 2.13
C SER A 100 2.09 -19.06 2.62
N GLY A 101 1.13 -18.30 2.12
CA GLY A 101 -0.25 -18.51 2.51
C GLY A 101 -1.09 -19.10 1.39
N PRO A 102 -2.19 -19.78 1.77
CA PRO A 102 -3.09 -20.41 0.80
C PRO A 102 -3.89 -19.38 0.00
N SER A 103 -4.53 -19.83 -1.07
CA SER A 103 -5.32 -18.95 -1.93
C SER A 103 -4.64 -17.60 -2.08
N SER A 104 -3.33 -17.62 -2.26
CA SER A 104 -2.56 -16.39 -2.42
C SER A 104 -2.28 -16.11 -3.89
N GLY A 105 -2.48 -14.86 -4.29
CA GLY A 105 -2.25 -14.47 -5.68
C GLY A 105 -3.14 -15.22 -6.65
N GLY A 1 18.52 11.55 0.48
CA GLY A 1 17.86 11.06 1.66
C GLY A 1 18.45 9.74 2.15
N SER A 2 17.80 9.12 3.13
CA SER A 2 18.26 7.86 3.68
C SER A 2 17.20 6.77 3.51
N SER A 3 17.51 5.77 2.70
CA SER A 3 16.58 4.67 2.45
C SER A 3 16.71 3.60 3.54
N GLY A 4 15.69 3.53 4.41
CA GLY A 4 15.71 2.56 5.48
C GLY A 4 16.74 2.87 6.54
N SER A 5 16.27 3.38 7.68
CA SER A 5 17.17 3.73 8.78
C SER A 5 17.35 2.55 9.73
N SER A 6 16.24 1.96 10.14
CA SER A 6 16.27 0.82 11.05
C SER A 6 15.18 -0.18 10.72
N GLY A 7 15.17 -1.31 11.43
CA GLY A 7 14.17 -2.33 11.19
C GLY A 7 14.78 -3.70 10.94
N MET A 8 15.72 -4.10 11.79
CA MET A 8 16.38 -5.38 11.65
C MET A 8 15.37 -6.52 11.75
N ASN A 9 14.50 -6.46 12.76
CA ASN A 9 13.49 -7.49 12.96
C ASN A 9 12.48 -7.49 11.82
N ASN A 10 12.46 -8.57 11.04
CA ASN A 10 11.54 -8.69 9.91
C ASN A 10 10.32 -9.52 10.30
N SER A 11 9.34 -8.87 10.94
CA SER A 11 8.13 -9.56 11.35
C SER A 11 7.12 -8.56 11.92
N GLY A 12 5.86 -8.72 11.54
CA GLY A 12 4.82 -7.82 12.02
C GLY A 12 3.48 -8.08 11.36
N ALA A 13 2.57 -8.70 12.10
CA ALA A 13 1.24 -9.01 11.57
C ALA A 13 0.28 -7.84 11.79
N ASP A 14 0.81 -6.63 11.74
CA ASP A 14 0.00 -5.43 11.92
C ASP A 14 -0.23 -4.70 10.60
N GLU A 15 0.71 -4.87 9.68
CA GLU A 15 0.61 -4.22 8.37
C GLU A 15 0.14 -5.22 7.31
N ILE A 16 -0.62 -6.23 7.74
CA ILE A 16 -1.13 -7.24 6.83
C ILE A 16 -2.15 -6.65 5.87
N GLY A 17 -3.17 -6.01 6.41
CA GLY A 17 -4.19 -5.40 5.57
C GLY A 17 -3.81 -4.02 5.10
N LYS A 18 -2.56 -3.64 5.32
CA LYS A 18 -2.06 -2.33 4.91
C LYS A 18 -1.43 -2.40 3.53
N LEU A 19 -1.46 -1.27 2.82
CA LEU A 19 -0.90 -1.20 1.48
C LEU A 19 -0.14 0.12 1.27
N PHE A 20 1.18 0.03 1.22
CA PHE A 20 2.03 1.21 1.03
C PHE A 20 2.27 1.46 -0.45
N VAL A 21 1.88 2.65 -0.91
CA VAL A 21 2.06 3.02 -2.30
C VAL A 21 3.39 3.72 -2.52
N GLY A 22 4.13 3.29 -3.54
CA GLY A 22 5.41 3.90 -3.85
C GLY A 22 5.48 4.49 -5.24
N GLY A 23 4.81 5.63 -5.43
CA GLY A 23 4.81 6.27 -6.72
C GLY A 23 3.59 7.15 -6.93
N LEU A 24 3.23 7.91 -5.90
CA LEU A 24 2.07 8.79 -5.97
C LEU A 24 2.43 10.10 -6.68
N ASP A 25 1.41 10.85 -7.06
CA ASP A 25 1.60 12.12 -7.75
C ASP A 25 1.30 13.29 -6.83
N TRP A 26 2.17 14.29 -6.83
CA TRP A 26 1.99 15.47 -5.99
C TRP A 26 0.54 15.94 -6.02
N SER A 27 -0.13 15.71 -7.14
CA SER A 27 -1.52 16.11 -7.30
C SER A 27 -2.46 15.11 -6.63
N THR A 28 -2.15 13.82 -6.78
CA THR A 28 -2.96 12.76 -6.20
C THR A 28 -3.44 13.15 -4.80
N THR A 29 -4.71 12.87 -4.53
CA THR A 29 -5.30 13.19 -3.24
C THR A 29 -5.80 11.94 -2.53
N GLN A 30 -6.01 12.04 -1.22
CA GLN A 30 -6.48 10.90 -0.43
C GLN A 30 -7.89 10.51 -0.85
N GLU A 31 -8.69 11.49 -1.24
CA GLU A 31 -10.07 11.24 -1.66
C GLU A 31 -10.09 10.32 -2.88
N THR A 32 -9.55 10.79 -3.99
CA THR A 32 -9.52 10.01 -5.23
C THR A 32 -8.81 8.68 -5.01
N LEU A 33 -7.75 8.69 -4.21
CA LEU A 33 -6.99 7.48 -3.92
C LEU A 33 -7.87 6.43 -3.24
N ARG A 34 -8.69 6.87 -2.31
CA ARG A 34 -9.58 5.96 -1.59
C ARG A 34 -10.35 5.08 -2.56
N SER A 35 -11.16 5.71 -3.40
CA SER A 35 -11.96 4.98 -4.39
C SER A 35 -11.08 4.08 -5.26
N TYR A 36 -10.09 4.69 -5.90
CA TYR A 36 -9.17 3.95 -6.76
C TYR A 36 -8.84 2.58 -6.16
N PHE A 37 -8.52 2.58 -4.87
CA PHE A 37 -8.17 1.34 -4.17
C PHE A 37 -9.43 0.65 -3.65
N SER A 38 -10.50 1.43 -3.48
CA SER A 38 -11.75 0.89 -2.98
C SER A 38 -12.33 -0.16 -3.94
N GLN A 39 -12.32 0.16 -5.23
CA GLN A 39 -12.82 -0.75 -6.24
C GLN A 39 -12.25 -2.15 -6.06
N TYR A 40 -11.09 -2.23 -5.40
CA TYR A 40 -10.43 -3.50 -5.16
C TYR A 40 -10.80 -4.06 -3.79
N GLY A 41 -10.70 -3.21 -2.77
CA GLY A 41 -11.01 -3.63 -1.42
C GLY A 41 -11.59 -2.51 -0.58
N GLU A 42 -12.52 -2.84 0.31
CA GLU A 42 -13.14 -1.85 1.17
C GLU A 42 -12.09 -1.02 1.90
N VAL A 43 -11.82 0.17 1.39
CA VAL A 43 -10.83 1.07 1.99
C VAL A 43 -11.28 1.51 3.38
N VAL A 44 -10.46 1.21 4.38
CA VAL A 44 -10.76 1.58 5.76
C VAL A 44 -10.12 2.92 6.12
N ASP A 45 -8.86 3.09 5.71
CA ASP A 45 -8.14 4.32 5.99
C ASP A 45 -7.07 4.57 4.94
N CYS A 46 -7.18 5.69 4.22
CA CYS A 46 -6.23 6.04 3.18
C CYS A 46 -5.42 7.26 3.59
N VAL A 47 -4.10 7.15 3.49
CA VAL A 47 -3.20 8.24 3.84
C VAL A 47 -2.25 8.58 2.69
N ILE A 48 -1.86 9.84 2.60
CA ILE A 48 -0.96 10.29 1.55
C ILE A 48 0.14 11.19 2.12
N MET A 49 1.33 10.61 2.29
CA MET A 49 2.46 11.36 2.82
C MET A 49 2.72 12.62 1.99
N LYS A 50 2.92 13.74 2.68
CA LYS A 50 3.17 15.01 2.02
C LYS A 50 4.47 15.63 2.51
N ASP A 51 4.76 16.84 2.04
CA ASP A 51 5.98 17.55 2.43
C ASP A 51 5.74 18.34 3.72
N LYS A 52 6.81 18.92 4.25
CA LYS A 52 6.73 19.70 5.48
C LYS A 52 6.36 21.14 5.18
N THR A 53 6.97 21.72 4.14
CA THR A 53 6.70 23.09 3.75
C THR A 53 5.85 23.14 2.49
N THR A 54 6.13 22.25 1.55
CA THR A 54 5.38 22.20 0.30
C THR A 54 4.04 21.51 0.50
N ASN A 55 3.92 20.74 1.57
CA ASN A 55 2.67 20.03 1.87
C ASN A 55 2.14 19.35 0.62
N GLN A 56 3.04 18.91 -0.26
CA GLN A 56 2.65 18.24 -1.48
C GLN A 56 3.02 16.76 -1.44
N SER A 57 2.11 15.91 -1.88
CA SER A 57 2.34 14.46 -1.89
C SER A 57 3.69 14.14 -2.52
N ARG A 58 4.66 13.83 -1.66
CA ARG A 58 6.00 13.50 -2.13
C ARG A 58 5.95 12.45 -3.23
N GLY A 59 5.12 11.43 -3.03
CA GLY A 59 4.99 10.37 -4.02
C GLY A 59 4.80 9.01 -3.39
N PHE A 60 4.10 8.98 -2.25
CA PHE A 60 3.85 7.72 -1.55
C PHE A 60 2.84 7.93 -0.43
N GLY A 61 2.19 6.85 -0.02
CA GLY A 61 1.20 6.94 1.05
C GLY A 61 0.88 5.59 1.65
N PHE A 62 -0.38 5.39 2.03
CA PHE A 62 -0.81 4.13 2.62
C PHE A 62 -2.30 3.89 2.36
N VAL A 63 -2.72 2.63 2.47
CA VAL A 63 -4.12 2.28 2.26
C VAL A 63 -4.51 1.05 3.08
N LYS A 64 -5.45 1.23 3.98
CA LYS A 64 -5.92 0.14 4.83
C LYS A 64 -7.10 -0.58 4.20
N PHE A 65 -7.15 -1.90 4.36
CA PHE A 65 -8.23 -2.71 3.81
C PHE A 65 -8.92 -3.52 4.89
N LYS A 66 -10.23 -3.35 5.01
CA LYS A 66 -11.01 -4.08 6.01
C LYS A 66 -10.49 -5.50 6.18
N ASP A 67 -10.20 -6.16 5.07
CA ASP A 67 -9.70 -7.53 5.08
C ASP A 67 -8.29 -7.60 4.51
N PRO A 68 -7.44 -8.43 5.12
CA PRO A 68 -6.05 -8.61 4.69
C PRO A 68 -5.95 -9.33 3.35
N ASN A 69 -7.10 -9.66 2.77
CA ASN A 69 -7.14 -10.36 1.50
C ASN A 69 -7.13 -9.37 0.33
N CYS A 70 -7.74 -8.20 0.54
CA CYS A 70 -7.80 -7.18 -0.49
C CYS A 70 -6.39 -6.77 -0.93
N VAL A 71 -5.46 -6.78 0.01
CA VAL A 71 -4.08 -6.42 -0.28
C VAL A 71 -3.53 -7.23 -1.45
N GLY A 72 -3.55 -8.55 -1.31
CA GLY A 72 -3.06 -9.42 -2.36
C GLY A 72 -3.71 -9.14 -3.69
N THR A 73 -5.04 -9.16 -3.74
CA THR A 73 -5.78 -8.90 -4.96
C THR A 73 -5.17 -7.74 -5.74
N VAL A 74 -4.87 -6.65 -5.02
CA VAL A 74 -4.28 -5.48 -5.65
C VAL A 74 -2.83 -5.74 -6.06
N LEU A 75 -2.10 -6.42 -5.20
CA LEU A 75 -0.69 -6.73 -5.48
C LEU A 75 -0.56 -7.47 -6.81
N ALA A 76 -1.38 -8.50 -7.00
CA ALA A 76 -1.36 -9.29 -8.23
C ALA A 76 -1.74 -8.43 -9.44
N SER A 77 -2.63 -7.48 -9.21
CA SER A 77 -3.08 -6.59 -10.28
C SER A 77 -1.94 -5.72 -10.80
N ARG A 78 -0.96 -5.48 -9.94
CA ARG A 78 0.20 -4.67 -10.30
C ARG A 78 0.68 -5.02 -11.70
N PRO A 79 1.33 -4.06 -12.37
CA PRO A 79 1.57 -2.72 -11.80
C PRO A 79 0.29 -1.92 -11.69
N HIS A 80 0.42 -0.67 -11.23
CA HIS A 80 -0.74 0.21 -11.06
C HIS A 80 -0.42 1.62 -11.55
N THR A 81 -1.46 2.41 -11.80
CA THR A 81 -1.29 3.78 -12.26
C THR A 81 -2.54 4.60 -12.03
N LEU A 82 -2.47 5.54 -11.09
CA LEU A 82 -3.61 6.39 -10.77
C LEU A 82 -3.26 7.86 -10.99
N ASP A 83 -4.26 8.66 -11.35
CA ASP A 83 -4.07 10.08 -11.59
C ASP A 83 -3.03 10.31 -12.69
N GLY A 84 -2.97 9.39 -13.64
CA GLY A 84 -2.01 9.51 -14.72
C GLY A 84 -0.58 9.40 -14.25
N ARG A 85 -0.40 8.88 -13.04
CA ARG A 85 0.93 8.73 -12.47
C ARG A 85 1.20 7.27 -12.11
N ASN A 86 2.29 6.72 -12.64
CA ASN A 86 2.66 5.34 -12.37
C ASN A 86 2.91 5.11 -10.89
N ILE A 87 2.15 4.19 -10.31
CA ILE A 87 2.29 3.87 -8.88
C ILE A 87 2.47 2.38 -8.66
N ASP A 88 2.89 2.01 -7.45
CA ASP A 88 3.09 0.61 -7.11
C ASP A 88 2.89 0.39 -5.61
N PRO A 89 1.82 -0.34 -5.26
CA PRO A 89 1.49 -0.65 -3.86
C PRO A 89 2.48 -1.62 -3.24
N LYS A 90 2.43 -1.76 -1.92
CA LYS A 90 3.31 -2.66 -1.19
C LYS A 90 2.60 -3.29 0.00
N PRO A 91 2.91 -4.56 0.26
CA PRO A 91 2.31 -5.31 1.37
C PRO A 91 2.79 -4.80 2.74
N CYS A 92 3.70 -3.84 2.71
CA CYS A 92 4.24 -3.27 3.95
C CYS A 92 4.94 -4.34 4.77
N THR A 93 5.67 -5.22 4.10
CA THR A 93 6.39 -6.29 4.77
C THR A 93 7.85 -6.34 4.34
N PRO A 94 8.72 -6.84 5.23
CA PRO A 94 10.16 -6.95 4.96
C PRO A 94 10.48 -8.00 3.90
N ARG A 95 9.75 -9.11 3.94
CA ARG A 95 9.96 -10.19 2.98
C ARG A 95 8.84 -11.22 3.07
N GLY A 96 8.61 -11.94 1.98
CA GLY A 96 7.57 -12.95 1.96
C GLY A 96 6.41 -12.57 1.05
N MET A 97 6.12 -13.42 0.08
CA MET A 97 5.03 -13.17 -0.86
C MET A 97 3.74 -13.82 -0.38
N GLN A 98 2.93 -13.06 0.34
CA GLN A 98 1.66 -13.57 0.86
C GLN A 98 0.90 -14.34 -0.21
N PRO A 99 0.47 -15.56 0.12
CA PRO A 99 -0.28 -16.43 -0.80
C PRO A 99 -1.68 -15.90 -1.07
N SER A 100 -2.39 -16.57 -1.97
CA SER A 100 -3.75 -16.17 -2.33
C SER A 100 -4.76 -17.17 -1.79
N GLY A 101 -5.67 -16.68 -0.95
CA GLY A 101 -6.69 -17.54 -0.38
C GLY A 101 -7.73 -16.77 0.41
N PRO A 102 -9.01 -17.04 0.14
CA PRO A 102 -10.13 -16.37 0.80
C PRO A 102 -10.26 -16.79 2.27
N SER A 103 -10.27 -18.10 2.49
CA SER A 103 -10.40 -18.64 3.85
C SER A 103 -11.51 -17.93 4.61
N SER A 104 -12.59 -17.62 3.92
CA SER A 104 -13.73 -16.94 4.54
C SER A 104 -14.98 -17.81 4.50
N GLY A 105 -15.25 -18.40 3.33
CA GLY A 105 -16.41 -19.25 3.18
C GLY A 105 -16.05 -20.72 3.12
N GLY A 1 19.92 5.40 -0.55
CA GLY A 1 19.69 4.13 0.11
C GLY A 1 18.49 3.40 -0.43
N SER A 2 18.68 2.14 -0.83
CA SER A 2 17.59 1.34 -1.37
C SER A 2 17.19 0.25 -0.40
N SER A 3 17.11 0.62 0.88
CA SER A 3 16.73 -0.35 1.92
C SER A 3 15.46 0.11 2.63
N GLY A 4 15.40 1.39 2.98
CA GLY A 4 14.24 1.92 3.65
C GLY A 4 13.90 1.15 4.92
N SER A 5 12.88 0.30 4.83
CA SER A 5 12.45 -0.49 5.99
C SER A 5 13.64 -1.21 6.62
N SER A 6 13.67 -1.22 7.94
CA SER A 6 14.75 -1.88 8.68
C SER A 6 14.60 -3.39 8.64
N GLY A 7 15.72 -4.10 8.76
CA GLY A 7 15.68 -5.55 8.75
C GLY A 7 15.37 -6.14 10.11
N MET A 8 16.01 -5.60 11.14
CA MET A 8 15.80 -6.08 12.51
C MET A 8 14.45 -5.62 13.04
N ASN A 9 13.39 -6.34 12.69
CA ASN A 9 12.04 -6.00 13.14
C ASN A 9 11.11 -7.20 12.99
N ASN A 10 10.15 -7.30 13.91
CA ASN A 10 9.19 -8.40 13.88
C ASN A 10 8.26 -8.28 12.68
N SER A 11 7.68 -9.40 12.27
CA SER A 11 6.77 -9.43 11.13
C SER A 11 5.82 -8.24 11.17
N GLY A 12 4.89 -8.26 12.13
CA GLY A 12 3.93 -7.19 12.26
C GLY A 12 2.54 -7.58 11.78
N ALA A 13 1.73 -8.07 12.70
CA ALA A 13 0.37 -8.49 12.36
C ALA A 13 -0.60 -7.31 12.44
N ASP A 14 -0.12 -6.14 12.05
CA ASP A 14 -0.95 -4.93 12.08
C ASP A 14 -0.96 -4.25 10.72
N GLU A 15 0.13 -4.42 9.97
CA GLU A 15 0.24 -3.82 8.65
C GLU A 15 -0.31 -4.76 7.57
N ILE A 16 -0.48 -6.02 7.94
CA ILE A 16 -1.01 -7.01 7.00
C ILE A 16 -2.02 -6.39 6.04
N GLY A 17 -3.08 -5.83 6.60
CA GLY A 17 -4.11 -5.20 5.78
C GLY A 17 -3.76 -3.78 5.41
N LYS A 18 -2.49 -3.53 5.13
CA LYS A 18 -2.03 -2.19 4.76
C LYS A 18 -1.32 -2.22 3.42
N LEU A 19 -1.63 -1.24 2.57
CA LEU A 19 -1.01 -1.14 1.25
C LEU A 19 -0.25 0.17 1.10
N PHE A 20 1.08 0.08 1.05
CA PHE A 20 1.92 1.26 0.90
C PHE A 20 2.18 1.56 -0.58
N VAL A 21 1.66 2.69 -1.05
CA VAL A 21 1.83 3.08 -2.44
C VAL A 21 3.17 3.79 -2.64
N GLY A 22 4.00 3.24 -3.52
CA GLY A 22 5.30 3.82 -3.79
C GLY A 22 5.40 4.37 -5.20
N GLY A 23 4.95 5.61 -5.38
CA GLY A 23 5.00 6.22 -6.69
C GLY A 23 3.83 7.15 -6.95
N LEU A 24 3.35 7.79 -5.89
CA LEU A 24 2.22 8.71 -6.01
C LEU A 24 2.66 10.03 -6.65
N ASP A 25 1.69 10.89 -6.92
CA ASP A 25 1.96 12.19 -7.54
C ASP A 25 1.56 13.33 -6.62
N TRP A 26 2.28 14.43 -6.71
CA TRP A 26 1.99 15.60 -5.87
C TRP A 26 0.53 16.03 -6.02
N SER A 27 -0.07 15.71 -7.16
CA SER A 27 -1.45 16.07 -7.42
C SER A 27 -2.40 15.06 -6.77
N THR A 28 -2.03 13.79 -6.84
CA THR A 28 -2.84 12.72 -6.26
C THR A 28 -3.33 13.10 -4.86
N THR A 29 -4.59 12.76 -4.57
CA THR A 29 -5.17 13.05 -3.28
C THR A 29 -5.68 11.79 -2.60
N GLN A 30 -5.95 11.89 -1.29
CA GLN A 30 -6.45 10.75 -0.53
C GLN A 30 -7.85 10.36 -0.98
N GLU A 31 -8.66 11.36 -1.29
CA GLU A 31 -10.03 11.12 -1.73
C GLU A 31 -10.06 10.19 -2.94
N THR A 32 -9.47 10.64 -4.04
CA THR A 32 -9.43 9.86 -5.27
C THR A 32 -8.74 8.52 -5.04
N LEU A 33 -7.68 8.54 -4.24
CA LEU A 33 -6.92 7.33 -3.94
C LEU A 33 -7.81 6.29 -3.27
N ARG A 34 -8.56 6.71 -2.26
CA ARG A 34 -9.44 5.81 -1.54
C ARG A 34 -10.29 4.99 -2.51
N SER A 35 -10.97 5.67 -3.42
CA SER A 35 -11.82 4.99 -4.40
C SER A 35 -10.99 4.07 -5.29
N TYR A 36 -10.01 4.65 -5.98
CA TYR A 36 -9.15 3.89 -6.87
C TYR A 36 -8.84 2.51 -6.29
N PHE A 37 -8.64 2.47 -4.97
CA PHE A 37 -8.34 1.22 -4.28
C PHE A 37 -9.62 0.55 -3.80
N SER A 38 -10.62 1.36 -3.48
CA SER A 38 -11.90 0.84 -2.99
C SER A 38 -12.47 -0.19 -3.96
N GLN A 39 -12.27 0.05 -5.26
CA GLN A 39 -12.77 -0.85 -6.29
C GLN A 39 -12.21 -2.26 -6.10
N TYR A 40 -11.06 -2.34 -5.44
CA TYR A 40 -10.42 -3.63 -5.20
C TYR A 40 -10.77 -4.15 -3.81
N GLY A 41 -10.57 -3.33 -2.79
CA GLY A 41 -10.86 -3.72 -1.43
C GLY A 41 -11.49 -2.60 -0.62
N GLU A 42 -12.41 -2.97 0.27
CA GLU A 42 -13.10 -1.98 1.10
C GLU A 42 -12.09 -1.12 1.86
N VAL A 43 -11.84 0.08 1.34
CA VAL A 43 -10.90 1.00 1.97
C VAL A 43 -11.37 1.42 3.35
N VAL A 44 -10.53 1.21 4.36
CA VAL A 44 -10.87 1.57 5.73
C VAL A 44 -10.27 2.92 6.11
N ASP A 45 -9.05 3.17 5.67
CA ASP A 45 -8.36 4.42 5.97
C ASP A 45 -7.24 4.68 4.96
N CYS A 46 -7.36 5.79 4.23
CA CYS A 46 -6.36 6.15 3.23
C CYS A 46 -5.46 7.28 3.73
N VAL A 47 -4.18 7.19 3.42
CA VAL A 47 -3.22 8.21 3.85
C VAL A 47 -2.25 8.55 2.73
N ILE A 48 -1.88 9.83 2.63
CA ILE A 48 -0.96 10.28 1.60
C ILE A 48 0.11 11.21 2.19
N MET A 49 1.30 10.68 2.41
CA MET A 49 2.40 11.46 2.96
C MET A 49 2.58 12.76 2.19
N LYS A 50 3.13 13.77 2.87
CA LYS A 50 3.35 15.06 2.24
C LYS A 50 4.62 15.73 2.80
N ASP A 51 5.13 16.71 2.08
CA ASP A 51 6.33 17.42 2.51
C ASP A 51 6.08 18.19 3.79
N LYS A 52 7.14 18.71 4.38
CA LYS A 52 7.04 19.47 5.63
C LYS A 52 6.59 20.91 5.35
N THR A 53 7.30 21.58 4.47
CA THR A 53 6.97 22.96 4.11
C THR A 53 5.99 23.01 2.95
N THR A 54 6.33 22.32 1.86
CA THR A 54 5.47 22.29 0.68
C THR A 54 4.15 21.57 0.97
N ASN A 55 4.21 20.60 1.88
CA ASN A 55 3.03 19.83 2.25
C ASN A 55 2.35 19.25 1.02
N GLN A 56 3.16 18.78 0.07
CA GLN A 56 2.64 18.19 -1.15
C GLN A 56 2.98 16.70 -1.23
N SER A 57 2.03 15.91 -1.72
CA SER A 57 2.21 14.47 -1.84
C SER A 57 3.55 14.15 -2.51
N ARG A 58 4.57 13.92 -1.71
CA ARG A 58 5.90 13.61 -2.22
C ARG A 58 5.81 12.55 -3.33
N GLY A 59 5.10 11.47 -3.04
CA GLY A 59 4.96 10.41 -4.02
C GLY A 59 4.80 9.04 -3.38
N PHE A 60 4.07 9.00 -2.27
CA PHE A 60 3.86 7.74 -1.54
C PHE A 60 2.86 7.93 -0.42
N GLY A 61 2.19 6.84 -0.02
CA GLY A 61 1.22 6.91 1.05
C GLY A 61 0.89 5.55 1.62
N PHE A 62 -0.36 5.35 2.00
CA PHE A 62 -0.80 4.09 2.57
C PHE A 62 -2.30 3.88 2.36
N VAL A 63 -2.74 2.63 2.45
CA VAL A 63 -4.15 2.30 2.27
C VAL A 63 -4.54 1.09 3.11
N LYS A 64 -5.52 1.28 3.99
CA LYS A 64 -6.00 0.21 4.86
C LYS A 64 -7.15 -0.55 4.20
N PHE A 65 -7.20 -1.85 4.44
CA PHE A 65 -8.25 -2.69 3.87
C PHE A 65 -8.95 -3.50 4.97
N LYS A 66 -10.28 -3.39 5.01
CA LYS A 66 -11.07 -4.11 6.00
C LYS A 66 -10.51 -5.51 6.24
N ASP A 67 -10.08 -6.16 5.16
CA ASP A 67 -9.53 -7.50 5.24
C ASP A 67 -8.14 -7.56 4.60
N PRO A 68 -7.25 -8.35 5.21
CA PRO A 68 -5.87 -8.50 4.71
C PRO A 68 -5.81 -9.29 3.40
N ASN A 69 -6.98 -9.64 2.88
CA ASN A 69 -7.06 -10.38 1.63
C ASN A 69 -7.09 -9.45 0.43
N CYS A 70 -7.65 -8.25 0.63
CA CYS A 70 -7.74 -7.26 -0.42
C CYS A 70 -6.35 -6.84 -0.90
N VAL A 71 -5.42 -6.71 0.04
CA VAL A 71 -4.05 -6.33 -0.29
C VAL A 71 -3.50 -7.18 -1.43
N GLY A 72 -3.55 -8.49 -1.24
CA GLY A 72 -3.04 -9.40 -2.26
C GLY A 72 -3.71 -9.19 -3.61
N THR A 73 -5.04 -9.26 -3.63
CA THR A 73 -5.80 -9.08 -4.85
C THR A 73 -5.22 -7.95 -5.70
N VAL A 74 -4.86 -6.85 -5.04
CA VAL A 74 -4.28 -5.70 -5.72
C VAL A 74 -2.85 -5.97 -6.16
N LEU A 75 -2.07 -6.55 -5.26
CA LEU A 75 -0.66 -6.86 -5.54
C LEU A 75 -0.55 -7.62 -6.87
N ALA A 76 -1.54 -8.43 -7.17
CA ALA A 76 -1.55 -9.21 -8.40
C ALA A 76 -1.94 -8.34 -9.59
N SER A 77 -2.81 -7.36 -9.34
CA SER A 77 -3.27 -6.46 -10.40
C SER A 77 -2.13 -5.57 -10.89
N ARG A 78 -1.12 -5.40 -10.05
CA ARG A 78 0.03 -4.56 -10.39
C ARG A 78 0.52 -4.88 -11.80
N PRO A 79 1.20 -3.90 -12.42
CA PRO A 79 1.46 -2.60 -11.79
C PRO A 79 0.20 -1.76 -11.65
N HIS A 80 0.35 -0.54 -11.15
CA HIS A 80 -0.78 0.36 -10.96
C HIS A 80 -0.44 1.76 -11.45
N THR A 81 -1.48 2.55 -11.74
CA THR A 81 -1.30 3.91 -12.22
C THR A 81 -2.52 4.77 -11.94
N LEU A 82 -2.41 5.65 -10.95
CA LEU A 82 -3.52 6.53 -10.59
C LEU A 82 -3.14 7.99 -10.80
N ASP A 83 -4.12 8.80 -11.17
CA ASP A 83 -3.90 10.23 -11.41
C ASP A 83 -2.88 10.44 -12.52
N GLY A 84 -2.96 9.60 -13.55
CA GLY A 84 -2.04 9.72 -14.67
C GLY A 84 -0.60 9.51 -14.25
N ARG A 85 -0.40 9.00 -13.04
CA ARG A 85 0.95 8.75 -12.53
C ARG A 85 1.13 7.28 -12.17
N ASN A 86 2.21 6.69 -12.66
CA ASN A 86 2.49 5.28 -12.39
C ASN A 86 2.80 5.07 -10.92
N ILE A 87 2.07 4.15 -10.29
CA ILE A 87 2.27 3.85 -8.87
C ILE A 87 2.43 2.35 -8.65
N ASP A 88 2.84 1.98 -7.45
CA ASP A 88 3.03 0.57 -7.11
C ASP A 88 2.84 0.35 -5.61
N PRO A 89 1.76 -0.35 -5.25
CA PRO A 89 1.43 -0.66 -3.84
C PRO A 89 2.41 -1.65 -3.23
N LYS A 90 2.34 -1.80 -1.91
CA LYS A 90 3.21 -2.73 -1.20
C LYS A 90 2.50 -3.32 0.01
N PRO A 91 2.79 -4.60 0.30
CA PRO A 91 2.20 -5.32 1.43
C PRO A 91 2.69 -4.80 2.77
N CYS A 92 3.64 -3.88 2.73
CA CYS A 92 4.20 -3.30 3.94
C CYS A 92 5.14 -4.28 4.64
N THR A 93 5.80 -5.12 3.83
CA THR A 93 6.72 -6.12 4.37
C THR A 93 8.12 -5.96 3.76
N PRO A 94 9.15 -6.37 4.52
CA PRO A 94 10.53 -6.29 4.07
C PRO A 94 10.84 -7.27 2.95
N ARG A 95 12.09 -7.27 2.49
CA ARG A 95 12.52 -8.16 1.43
C ARG A 95 13.28 -9.36 1.98
N GLY A 96 12.58 -10.47 2.16
CA GLY A 96 13.21 -11.67 2.67
C GLY A 96 12.52 -12.94 2.21
N MET A 97 12.17 -13.80 3.15
CA MET A 97 11.49 -15.05 2.84
C MET A 97 9.99 -14.94 3.09
N GLN A 98 9.24 -14.77 2.00
CA GLN A 98 7.79 -14.64 2.10
C GLN A 98 7.12 -15.15 0.83
N PRO A 99 6.24 -16.15 0.99
CA PRO A 99 5.51 -16.74 -0.14
C PRO A 99 4.48 -15.79 -0.73
N SER A 100 4.67 -15.41 -1.99
CA SER A 100 3.75 -14.50 -2.66
C SER A 100 2.46 -15.21 -3.04
N GLY A 101 2.59 -16.25 -3.86
CA GLY A 101 1.42 -17.00 -4.30
C GLY A 101 1.78 -18.15 -5.21
N PRO A 102 2.34 -19.22 -4.63
CA PRO A 102 2.75 -20.41 -5.38
C PRO A 102 1.56 -21.21 -5.90
N SER A 103 0.42 -21.05 -5.23
CA SER A 103 -0.79 -21.75 -5.63
C SER A 103 -1.17 -21.43 -7.07
N SER A 104 -1.54 -22.46 -7.83
CA SER A 104 -1.92 -22.28 -9.23
C SER A 104 -3.37 -22.69 -9.45
N GLY A 105 -4.24 -22.29 -8.54
CA GLY A 105 -5.65 -22.63 -8.65
C GLY A 105 -6.48 -21.46 -9.14
N GLY A 1 11.86 -10.75 -16.24
CA GLY A 1 11.88 -10.32 -14.86
C GLY A 1 10.78 -10.98 -14.04
N SER A 2 11.16 -11.94 -13.20
CA SER A 2 10.20 -12.65 -12.36
C SER A 2 10.12 -12.01 -10.98
N SER A 3 9.20 -12.50 -10.16
CA SER A 3 9.01 -11.98 -8.82
C SER A 3 9.98 -12.62 -7.83
N GLY A 4 10.08 -13.95 -7.90
CA GLY A 4 10.98 -14.67 -7.02
C GLY A 4 10.44 -14.77 -5.61
N SER A 5 9.34 -15.49 -5.43
CA SER A 5 8.72 -15.66 -4.13
C SER A 5 9.75 -16.11 -3.10
N SER A 6 9.83 -15.37 -1.99
CA SER A 6 10.78 -15.68 -0.93
C SER A 6 10.32 -16.91 -0.14
N GLY A 7 9.01 -17.11 -0.08
CA GLY A 7 8.46 -18.24 0.64
C GLY A 7 7.61 -17.81 1.82
N MET A 8 7.81 -18.47 2.96
CA MET A 8 7.05 -18.15 4.17
C MET A 8 7.13 -16.66 4.48
N ASN A 9 5.98 -15.99 4.43
CA ASN A 9 5.91 -14.56 4.71
C ASN A 9 5.08 -14.28 5.95
N ASN A 10 3.94 -14.97 6.06
CA ASN A 10 3.05 -14.80 7.21
C ASN A 10 3.82 -14.98 8.52
N SER A 11 4.15 -13.86 9.15
CA SER A 11 4.88 -13.89 10.42
C SER A 11 4.73 -12.56 11.15
N GLY A 12 3.92 -12.56 12.20
CA GLY A 12 3.71 -11.35 12.98
C GLY A 12 2.60 -10.49 12.41
N ALA A 13 1.47 -10.45 13.13
CA ALA A 13 0.32 -9.66 12.70
C ALA A 13 0.63 -8.16 12.77
N ASP A 14 1.04 -7.59 11.65
CA ASP A 14 1.37 -6.17 11.60
C ASP A 14 1.35 -5.67 10.15
N GLU A 15 0.58 -4.61 9.91
CA GLU A 15 0.47 -4.04 8.57
C GLU A 15 0.00 -5.08 7.56
N ILE A 16 -0.80 -6.03 8.04
CA ILE A 16 -1.33 -7.09 7.19
C ILE A 16 -2.26 -6.52 6.13
N GLY A 17 -3.37 -5.94 6.57
CA GLY A 17 -4.33 -5.36 5.64
C GLY A 17 -3.94 -3.96 5.19
N LYS A 18 -2.64 -3.68 5.24
CA LYS A 18 -2.14 -2.37 4.84
C LYS A 18 -1.53 -2.43 3.44
N LEU A 19 -1.49 -1.28 2.77
CA LEU A 19 -0.93 -1.20 1.42
C LEU A 19 -0.20 0.12 1.21
N PHE A 20 1.13 0.06 1.19
CA PHE A 20 1.94 1.25 1.00
C PHE A 20 2.15 1.54 -0.49
N VAL A 21 1.70 2.71 -0.93
CA VAL A 21 1.83 3.10 -2.33
C VAL A 21 3.17 3.80 -2.58
N GLY A 22 3.95 3.25 -3.51
CA GLY A 22 5.23 3.84 -3.83
C GLY A 22 5.30 4.35 -5.25
N GLY A 23 4.89 5.61 -5.43
CA GLY A 23 4.91 6.20 -6.76
C GLY A 23 3.70 7.08 -7.02
N LEU A 24 3.27 7.79 -6.00
CA LEU A 24 2.11 8.67 -6.12
C LEU A 24 2.48 9.96 -6.86
N ASP A 25 1.48 10.75 -7.21
CA ASP A 25 1.69 12.01 -7.91
C ASP A 25 1.37 13.20 -7.01
N TRP A 26 2.22 14.22 -7.06
CA TRP A 26 2.04 15.42 -6.26
C TRP A 26 0.57 15.84 -6.25
N SER A 27 -0.12 15.58 -7.35
CA SER A 27 -1.53 15.93 -7.48
C SER A 27 -2.42 14.95 -6.70
N THR A 28 -2.14 13.66 -6.89
CA THR A 28 -2.91 12.62 -6.21
C THR A 28 -3.36 13.08 -4.83
N THR A 29 -4.64 12.87 -4.53
CA THR A 29 -5.20 13.27 -3.24
C THR A 29 -5.67 12.05 -2.46
N GLN A 30 -5.89 12.24 -1.16
CA GLN A 30 -6.35 11.16 -0.29
C GLN A 30 -7.76 10.71 -0.67
N GLU A 31 -8.58 11.67 -1.10
CA GLU A 31 -9.95 11.38 -1.47
C GLU A 31 -10.00 10.43 -2.66
N THR A 32 -9.50 10.88 -3.81
CA THR A 32 -9.48 10.07 -5.01
C THR A 32 -8.75 8.74 -4.78
N LEU A 33 -7.72 8.78 -3.94
CA LEU A 33 -6.94 7.59 -3.63
C LEU A 33 -7.82 6.51 -3.03
N ARG A 34 -8.72 6.91 -2.13
CA ARG A 34 -9.64 5.97 -1.49
C ARG A 34 -10.34 5.09 -2.52
N SER A 35 -11.21 5.72 -3.31
CA SER A 35 -11.96 5.00 -4.34
C SER A 35 -11.02 4.16 -5.20
N TYR A 36 -10.05 4.81 -5.82
CA TYR A 36 -9.09 4.12 -6.67
C TYR A 36 -8.79 2.73 -6.14
N PHE A 37 -8.53 2.64 -4.84
CA PHE A 37 -8.22 1.37 -4.21
C PHE A 37 -9.50 0.66 -3.76
N SER A 38 -10.54 1.45 -3.47
CA SER A 38 -11.82 0.90 -3.04
C SER A 38 -12.32 -0.16 -4.01
N GLN A 39 -12.24 0.14 -5.30
CA GLN A 39 -12.69 -0.77 -6.33
C GLN A 39 -12.12 -2.18 -6.09
N TYR A 40 -10.92 -2.23 -5.55
CA TYR A 40 -10.26 -3.51 -5.28
C TYR A 40 -10.70 -4.06 -3.93
N GLY A 41 -10.60 -3.24 -2.89
CA GLY A 41 -10.99 -3.66 -1.55
C GLY A 41 -11.59 -2.53 -0.74
N GLU A 42 -12.53 -2.87 0.13
CA GLU A 42 -13.19 -1.87 0.97
C GLU A 42 -12.16 -1.05 1.74
N VAL A 43 -11.87 0.15 1.24
CA VAL A 43 -10.91 1.04 1.87
C VAL A 43 -11.37 1.43 3.28
N VAL A 44 -10.49 1.22 4.26
CA VAL A 44 -10.81 1.55 5.65
C VAL A 44 -10.16 2.87 6.06
N ASP A 45 -8.94 3.09 5.59
CA ASP A 45 -8.21 4.31 5.91
C ASP A 45 -7.16 4.61 4.84
N CYS A 46 -7.13 5.85 4.36
CA CYS A 46 -6.18 6.26 3.34
C CYS A 46 -5.25 7.34 3.87
N VAL A 47 -3.97 7.27 3.49
CA VAL A 47 -2.98 8.25 3.92
C VAL A 47 -2.04 8.61 2.79
N ILE A 48 -1.65 9.88 2.73
CA ILE A 48 -0.75 10.36 1.70
C ILE A 48 0.34 11.26 2.28
N MET A 49 1.54 10.70 2.43
CA MET A 49 2.66 11.44 2.99
C MET A 49 2.85 12.77 2.25
N LYS A 50 3.22 13.81 2.99
CA LYS A 50 3.43 15.12 2.40
C LYS A 50 4.64 15.81 3.03
N ASP A 51 5.27 16.69 2.26
CA ASP A 51 6.44 17.41 2.75
C ASP A 51 6.15 18.14 4.05
N LYS A 52 7.19 18.66 4.69
CA LYS A 52 7.04 19.37 5.95
C LYS A 52 6.63 20.82 5.71
N THR A 53 7.42 21.53 4.90
CA THR A 53 7.13 22.93 4.60
C THR A 53 6.12 23.04 3.46
N THR A 54 6.48 22.51 2.30
CA THR A 54 5.60 22.55 1.13
C THR A 54 4.30 21.81 1.41
N ASN A 55 4.38 20.73 2.17
CA ASN A 55 3.20 19.93 2.50
C ASN A 55 2.51 19.43 1.24
N GLN A 56 3.31 18.96 0.28
CA GLN A 56 2.78 18.45 -0.97
C GLN A 56 3.00 16.95 -1.08
N SER A 57 2.03 16.25 -1.65
CA SER A 57 2.12 14.80 -1.81
C SER A 57 3.46 14.41 -2.41
N ARG A 58 4.40 14.02 -1.56
CA ARG A 58 5.72 13.62 -2.00
C ARG A 58 5.64 12.64 -3.16
N GLY A 59 4.97 11.50 -2.93
CA GLY A 59 4.83 10.49 -3.97
C GLY A 59 4.63 9.10 -3.40
N PHE A 60 3.95 9.02 -2.25
CA PHE A 60 3.69 7.74 -1.61
C PHE A 60 2.74 7.92 -0.43
N GLY A 61 2.09 6.82 -0.05
CA GLY A 61 1.16 6.87 1.08
C GLY A 61 0.83 5.49 1.61
N PHE A 62 -0.39 5.33 2.11
CA PHE A 62 -0.82 4.05 2.67
C PHE A 62 -2.32 3.84 2.44
N VAL A 63 -2.74 2.58 2.40
CA VAL A 63 -4.14 2.24 2.20
C VAL A 63 -4.53 1.01 2.99
N LYS A 64 -5.48 1.16 3.90
CA LYS A 64 -5.96 0.07 4.73
C LYS A 64 -7.15 -0.64 4.09
N PHE A 65 -7.22 -1.95 4.26
CA PHE A 65 -8.32 -2.73 3.69
C PHE A 65 -9.03 -3.53 4.79
N LYS A 66 -10.35 -3.41 4.82
CA LYS A 66 -11.15 -4.12 5.81
C LYS A 66 -10.68 -5.57 5.96
N ASP A 67 -10.20 -6.15 4.87
CA ASP A 67 -9.72 -7.52 4.87
C ASP A 67 -8.25 -7.58 4.44
N PRO A 68 -7.47 -8.43 5.12
CA PRO A 68 -6.04 -8.59 4.83
C PRO A 68 -5.81 -9.30 3.49
N ASN A 69 -6.89 -9.75 2.87
CA ASN A 69 -6.80 -10.44 1.58
C ASN A 69 -6.84 -9.44 0.43
N CYS A 70 -7.51 -8.33 0.65
CA CYS A 70 -7.63 -7.29 -0.38
C CYS A 70 -6.24 -6.87 -0.88
N VAL A 71 -5.29 -6.79 0.04
CA VAL A 71 -3.93 -6.40 -0.31
C VAL A 71 -3.41 -7.22 -1.48
N GLY A 72 -3.45 -8.54 -1.35
CA GLY A 72 -2.98 -9.41 -2.40
C GLY A 72 -3.66 -9.14 -3.73
N THR A 73 -4.99 -9.20 -3.74
CA THR A 73 -5.76 -8.96 -4.94
C THR A 73 -5.16 -7.83 -5.77
N VAL A 74 -4.81 -6.73 -5.09
CA VAL A 74 -4.23 -5.59 -5.76
C VAL A 74 -2.80 -5.88 -6.23
N LEU A 75 -2.01 -6.47 -5.34
CA LEU A 75 -0.63 -6.81 -5.65
C LEU A 75 -0.54 -7.57 -6.98
N ALA A 76 -1.45 -8.52 -7.17
CA ALA A 76 -1.48 -9.31 -8.39
C ALA A 76 -1.85 -8.44 -9.59
N SER A 77 -2.59 -7.38 -9.34
CA SER A 77 -3.01 -6.47 -10.40
C SER A 77 -1.85 -5.62 -10.88
N ARG A 78 -0.84 -5.45 -10.02
CA ARG A 78 0.32 -4.66 -10.35
C ARG A 78 0.81 -4.95 -11.77
N PRO A 79 1.44 -3.95 -12.40
CA PRO A 79 1.66 -2.64 -11.79
C PRO A 79 0.36 -1.85 -11.62
N HIS A 80 0.49 -0.62 -11.11
CA HIS A 80 -0.67 0.23 -10.91
C HIS A 80 -0.40 1.65 -11.40
N THR A 81 -1.46 2.42 -11.61
CA THR A 81 -1.33 3.79 -12.09
C THR A 81 -2.55 4.63 -11.69
N LEU A 82 -2.34 5.57 -10.79
CA LEU A 82 -3.42 6.44 -10.33
C LEU A 82 -3.13 7.90 -10.68
N ASP A 83 -4.18 8.64 -11.02
CA ASP A 83 -4.04 10.05 -11.38
C ASP A 83 -3.05 10.22 -12.53
N GLY A 84 -3.20 9.40 -13.56
CA GLY A 84 -2.30 9.47 -14.71
C GLY A 84 -0.84 9.29 -14.31
N ARG A 85 -0.61 8.78 -13.11
CA ARG A 85 0.73 8.55 -12.62
C ARG A 85 0.95 7.08 -12.26
N ASN A 86 2.04 6.51 -12.74
CA ASN A 86 2.36 5.11 -12.47
C ASN A 86 2.71 4.92 -11.01
N ILE A 87 1.94 4.08 -10.33
CA ILE A 87 2.17 3.80 -8.92
C ILE A 87 2.34 2.30 -8.67
N ASP A 88 2.78 1.95 -7.46
CA ASP A 88 2.97 0.55 -7.10
C ASP A 88 2.81 0.35 -5.60
N PRO A 89 1.74 -0.36 -5.21
CA PRO A 89 1.44 -0.64 -3.81
C PRO A 89 2.43 -1.62 -3.19
N LYS A 90 2.40 -1.73 -1.86
CA LYS A 90 3.28 -2.63 -1.14
C LYS A 90 2.60 -3.21 0.09
N PRO A 91 2.88 -4.50 0.38
CA PRO A 91 2.30 -5.19 1.53
C PRO A 91 2.86 -4.67 2.86
N CYS A 92 3.76 -3.70 2.77
CA CYS A 92 4.36 -3.12 3.97
C CYS A 92 5.11 -4.18 4.77
N THR A 93 5.67 -5.15 4.07
CA THR A 93 6.41 -6.23 4.72
C THR A 93 7.86 -6.25 4.25
N PRO A 94 8.75 -6.76 5.11
CA PRO A 94 10.18 -6.85 4.81
C PRO A 94 10.49 -7.90 3.73
N ARG A 95 11.64 -7.75 3.09
CA ARG A 95 12.04 -8.68 2.04
C ARG A 95 11.57 -10.10 2.34
N GLY A 96 11.91 -10.58 3.54
CA GLY A 96 11.51 -11.92 3.93
C GLY A 96 12.69 -12.84 4.14
N MET A 97 13.16 -12.93 5.38
CA MET A 97 14.29 -13.79 5.71
C MET A 97 14.12 -14.42 7.09
N GLN A 98 14.02 -15.74 7.12
CA GLN A 98 13.86 -16.47 8.37
C GLN A 98 14.58 -17.81 8.32
N PRO A 99 15.02 -18.28 9.49
CA PRO A 99 15.74 -19.56 9.62
C PRO A 99 14.83 -20.76 9.36
N SER A 100 14.72 -21.16 8.10
CA SER A 100 13.88 -22.28 7.72
C SER A 100 14.72 -23.53 7.47
N GLY A 101 14.06 -24.65 7.23
CA GLY A 101 14.76 -25.90 6.98
C GLY A 101 14.15 -27.07 7.73
N PRO A 102 13.79 -28.12 6.99
CA PRO A 102 13.19 -29.33 7.57
C PRO A 102 14.18 -30.13 8.40
N SER A 103 13.89 -30.30 9.68
CA SER A 103 14.76 -31.04 10.58
C SER A 103 14.30 -32.49 10.71
N SER A 104 13.91 -33.08 9.58
CA SER A 104 13.44 -34.46 9.57
C SER A 104 14.59 -35.42 9.30
N GLY A 105 15.40 -35.11 8.30
CA GLY A 105 16.53 -35.95 7.96
C GLY A 105 17.30 -35.46 6.75
N GLY A 1 18.65 6.75 -6.29
CA GLY A 1 17.63 6.24 -7.18
C GLY A 1 16.24 6.35 -6.59
N SER A 2 15.76 5.28 -5.99
CA SER A 2 14.42 5.26 -5.39
C SER A 2 14.51 5.09 -3.87
N SER A 3 15.18 4.02 -3.44
CA SER A 3 15.33 3.73 -2.02
C SER A 3 16.79 3.81 -1.61
N GLY A 4 17.04 4.29 -0.39
CA GLY A 4 18.40 4.39 0.11
C GLY A 4 18.65 3.50 1.30
N SER A 5 18.82 4.11 2.47
CA SER A 5 19.07 3.36 3.69
C SER A 5 17.93 3.53 4.68
N SER A 6 16.89 2.70 4.52
CA SER A 6 15.73 2.76 5.39
C SER A 6 15.48 1.41 6.06
N GLY A 7 16.10 1.20 7.21
CA GLY A 7 15.94 -0.06 7.92
C GLY A 7 15.38 0.14 9.31
N MET A 8 14.14 0.62 9.39
CA MET A 8 13.48 0.85 10.67
C MET A 8 12.01 0.43 10.61
N ASN A 9 11.69 -0.67 11.30
CA ASN A 9 10.32 -1.18 11.32
C ASN A 9 10.17 -2.27 12.39
N ASN A 10 8.95 -2.44 12.88
CA ASN A 10 8.67 -3.44 13.89
C ASN A 10 7.83 -4.58 13.31
N SER A 11 8.50 -5.66 12.91
CA SER A 11 7.81 -6.81 12.34
C SER A 11 6.62 -7.22 13.20
N GLY A 12 5.51 -7.52 12.54
CA GLY A 12 4.31 -7.91 13.26
C GLY A 12 3.17 -8.30 12.33
N ALA A 13 2.00 -8.51 12.90
CA ALA A 13 0.82 -8.88 12.12
C ALA A 13 -0.22 -7.77 12.12
N ASP A 14 0.20 -6.56 11.78
CA ASP A 14 -0.70 -5.42 11.74
C ASP A 14 -0.79 -4.83 10.35
N GLU A 15 0.36 -4.67 9.70
CA GLU A 15 0.43 -4.12 8.36
C GLU A 15 -0.16 -5.09 7.34
N ILE A 16 -0.57 -6.27 7.82
CA ILE A 16 -1.14 -7.28 6.95
C ILE A 16 -2.15 -6.68 5.98
N GLY A 17 -3.20 -6.08 6.52
CA GLY A 17 -4.22 -5.47 5.69
C GLY A 17 -3.85 -4.06 5.27
N LYS A 18 -2.56 -3.78 5.19
CA LYS A 18 -2.08 -2.47 4.79
C LYS A 18 -1.50 -2.50 3.38
N LEU A 19 -1.54 -1.36 2.70
CA LEU A 19 -1.02 -1.25 1.34
C LEU A 19 -0.23 0.04 1.16
N PHE A 20 1.07 -0.10 0.94
CA PHE A 20 1.94 1.06 0.74
C PHE A 20 2.05 1.41 -0.75
N VAL A 21 1.45 2.52 -1.13
CA VAL A 21 1.48 2.97 -2.52
C VAL A 21 2.74 3.80 -2.80
N GLY A 22 3.58 3.29 -3.70
CA GLY A 22 4.81 3.99 -4.04
C GLY A 22 4.80 4.51 -5.46
N GLY A 23 4.85 5.82 -5.62
CA GLY A 23 4.85 6.42 -6.94
C GLY A 23 3.75 7.46 -7.10
N LEU A 24 3.05 7.76 -6.02
CA LEU A 24 1.98 8.74 -6.05
C LEU A 24 2.45 10.05 -6.66
N ASP A 25 1.50 10.91 -7.02
CA ASP A 25 1.81 12.20 -7.61
C ASP A 25 1.42 13.34 -6.68
N TRP A 26 2.19 14.42 -6.71
CA TRP A 26 1.92 15.58 -5.86
C TRP A 26 0.46 15.97 -5.94
N SER A 27 -0.17 15.74 -7.09
CA SER A 27 -1.57 16.07 -7.29
C SER A 27 -2.47 15.05 -6.60
N THR A 28 -2.15 13.78 -6.76
CA THR A 28 -2.93 12.71 -6.16
C THR A 28 -3.43 13.12 -4.77
N THR A 29 -4.71 12.82 -4.51
CA THR A 29 -5.31 13.15 -3.22
C THR A 29 -5.78 11.90 -2.49
N GLN A 30 -5.96 12.01 -1.18
CA GLN A 30 -6.41 10.89 -0.37
C GLN A 30 -7.81 10.45 -0.75
N GLU A 31 -8.66 11.43 -1.07
CA GLU A 31 -10.04 11.15 -1.46
C GLU A 31 -10.08 10.24 -2.69
N THR A 32 -9.58 10.75 -3.81
CA THR A 32 -9.57 9.99 -5.05
C THR A 32 -8.81 8.67 -4.88
N LEU A 33 -7.70 8.73 -4.16
CA LEU A 33 -6.88 7.54 -3.92
C LEU A 33 -7.69 6.45 -3.24
N ARG A 34 -8.53 6.85 -2.28
CA ARG A 34 -9.36 5.90 -1.55
C ARG A 34 -10.18 5.05 -2.51
N SER A 35 -10.94 5.72 -3.38
CA SER A 35 -11.78 5.02 -4.35
C SER A 35 -10.94 4.16 -5.28
N TYR A 36 -9.98 4.79 -5.97
CA TYR A 36 -9.11 4.08 -6.89
C TYR A 36 -8.77 2.68 -6.36
N PHE A 37 -8.51 2.60 -5.06
CA PHE A 37 -8.18 1.33 -4.43
C PHE A 37 -9.44 0.63 -3.92
N SER A 38 -10.42 1.41 -3.50
CA SER A 38 -11.67 0.88 -2.99
C SER A 38 -12.25 -0.16 -3.94
N GLN A 39 -12.18 0.13 -5.24
CA GLN A 39 -12.69 -0.78 -6.25
C GLN A 39 -12.15 -2.18 -6.06
N TYR A 40 -10.97 -2.28 -5.45
CA TYR A 40 -10.33 -3.57 -5.21
C TYR A 40 -10.71 -4.09 -3.82
N GLY A 41 -10.54 -3.26 -2.81
CA GLY A 41 -10.86 -3.67 -1.45
C GLY A 41 -11.45 -2.54 -0.64
N GLU A 42 -12.39 -2.87 0.26
CA GLU A 42 -13.03 -1.87 1.09
C GLU A 42 -12.00 -1.05 1.86
N VAL A 43 -11.72 0.15 1.37
CA VAL A 43 -10.75 1.04 1.99
C VAL A 43 -11.21 1.44 3.39
N VAL A 44 -10.37 1.17 4.38
CA VAL A 44 -10.69 1.50 5.77
C VAL A 44 -10.08 2.84 6.16
N ASP A 45 -8.88 3.10 5.69
CA ASP A 45 -8.18 4.35 5.98
C ASP A 45 -7.09 4.62 4.95
N CYS A 46 -7.13 5.81 4.36
CA CYS A 46 -6.15 6.21 3.35
C CYS A 46 -5.27 7.34 3.87
N VAL A 47 -3.99 7.30 3.50
CA VAL A 47 -3.04 8.33 3.92
C VAL A 47 -2.10 8.70 2.79
N ILE A 48 -1.74 9.98 2.71
CA ILE A 48 -0.83 10.46 1.68
C ILE A 48 0.27 11.33 2.27
N MET A 49 1.46 10.76 2.42
CA MET A 49 2.60 11.48 2.97
C MET A 49 2.82 12.79 2.22
N LYS A 50 2.97 13.88 2.97
CA LYS A 50 3.20 15.19 2.37
C LYS A 50 4.48 15.82 2.90
N ASP A 51 4.98 16.84 2.21
CA ASP A 51 6.20 17.53 2.62
C ASP A 51 6.08 18.00 4.07
N LYS A 52 7.20 18.50 4.60
CA LYS A 52 7.23 18.99 5.98
C LYS A 52 6.82 20.46 6.04
N THR A 53 6.92 21.15 4.91
CA THR A 53 6.55 22.56 4.83
C THR A 53 5.52 22.80 3.74
N THR A 54 5.90 22.48 2.49
CA THR A 54 5.00 22.66 1.37
C THR A 54 3.72 21.88 1.54
N ASN A 55 3.71 20.96 2.52
CA ASN A 55 2.54 20.14 2.79
C ASN A 55 1.96 19.57 1.50
N GLN A 56 2.84 19.11 0.62
CA GLN A 56 2.42 18.54 -0.67
C GLN A 56 2.80 17.07 -0.76
N SER A 57 1.89 16.26 -1.28
CA SER A 57 2.14 14.83 -1.43
C SER A 57 3.48 14.57 -2.10
N ARG A 58 4.45 14.12 -1.31
CA ARG A 58 5.79 13.83 -1.84
C ARG A 58 5.71 12.83 -2.99
N GLY A 59 4.83 11.86 -2.88
CA GLY A 59 4.68 10.86 -3.91
C GLY A 59 4.53 9.45 -3.36
N PHE A 60 3.90 9.34 -2.20
CA PHE A 60 3.69 8.05 -1.56
C PHE A 60 2.77 8.18 -0.34
N GLY A 61 2.10 7.10 -0.01
CA GLY A 61 1.19 7.11 1.13
C GLY A 61 0.90 5.71 1.66
N PHE A 62 -0.36 5.47 2.00
CA PHE A 62 -0.77 4.17 2.53
C PHE A 62 -2.26 3.95 2.30
N VAL A 63 -2.69 2.69 2.41
CA VAL A 63 -4.09 2.33 2.23
C VAL A 63 -4.45 1.09 3.02
N LYS A 64 -5.40 1.23 3.93
CA LYS A 64 -5.85 0.12 4.76
C LYS A 64 -7.02 -0.61 4.11
N PHE A 65 -7.17 -1.90 4.43
CA PHE A 65 -8.24 -2.71 3.88
C PHE A 65 -8.94 -3.50 4.98
N LYS A 66 -10.27 -3.43 5.00
CA LYS A 66 -11.06 -4.15 5.99
C LYS A 66 -10.56 -5.59 6.15
N ASP A 67 -10.18 -6.20 5.04
CA ASP A 67 -9.69 -7.57 5.05
C ASP A 67 -8.25 -7.64 4.54
N PRO A 68 -7.42 -8.48 5.17
CA PRO A 68 -6.02 -8.66 4.79
C PRO A 68 -5.87 -9.37 3.45
N ASN A 69 -7.00 -9.71 2.83
CA ASN A 69 -7.00 -10.39 1.55
C ASN A 69 -7.04 -9.40 0.40
N CYS A 70 -7.59 -8.23 0.66
CA CYS A 70 -7.69 -7.18 -0.35
C CYS A 70 -6.31 -6.77 -0.86
N VAL A 71 -5.36 -6.69 0.07
CA VAL A 71 -4.00 -6.30 -0.27
C VAL A 71 -3.48 -7.12 -1.45
N GLY A 72 -3.49 -8.44 -1.31
CA GLY A 72 -3.02 -9.32 -2.36
C GLY A 72 -3.69 -9.04 -3.69
N THR A 73 -5.02 -9.10 -3.70
CA THR A 73 -5.79 -8.86 -4.92
C THR A 73 -5.20 -7.69 -5.71
N VAL A 74 -4.95 -6.58 -5.03
CA VAL A 74 -4.38 -5.40 -5.67
C VAL A 74 -2.94 -5.64 -6.10
N LEU A 75 -2.18 -6.30 -5.23
CA LEU A 75 -0.77 -6.60 -5.51
C LEU A 75 -0.64 -7.40 -6.81
N ALA A 76 -1.44 -8.46 -6.93
CA ALA A 76 -1.41 -9.30 -8.11
C ALA A 76 -1.84 -8.53 -9.36
N SER A 77 -2.67 -7.50 -9.15
CA SER A 77 -3.16 -6.68 -10.25
C SER A 77 -2.05 -5.79 -10.80
N ARG A 78 -1.03 -5.55 -9.98
CA ARG A 78 0.09 -4.70 -10.38
C ARG A 78 0.57 -5.08 -11.78
N PRO A 79 1.23 -4.13 -12.45
CA PRO A 79 1.49 -2.80 -11.89
C PRO A 79 0.22 -1.96 -11.77
N HIS A 80 0.38 -0.73 -11.28
CA HIS A 80 -0.77 0.17 -11.12
C HIS A 80 -0.45 1.55 -11.68
N THR A 81 -1.48 2.37 -11.85
CA THR A 81 -1.32 3.71 -12.38
C THR A 81 -2.57 4.56 -12.12
N LEU A 82 -2.46 5.51 -11.21
CA LEU A 82 -3.58 6.38 -10.86
C LEU A 82 -3.23 7.84 -11.16
N ASP A 83 -4.24 8.61 -11.56
CA ASP A 83 -4.05 10.02 -11.87
C ASP A 83 -2.91 10.21 -12.87
N GLY A 84 -2.78 9.26 -13.79
CA GLY A 84 -1.73 9.33 -14.80
C GLY A 84 -0.35 9.27 -14.19
N ARG A 85 -0.25 8.71 -12.99
CA ARG A 85 1.03 8.58 -12.30
C ARG A 85 1.37 7.12 -12.03
N ASN A 86 2.58 6.73 -12.37
CA ASN A 86 3.03 5.35 -12.16
C ASN A 86 3.22 5.06 -10.67
N ILE A 87 2.36 4.19 -10.13
CA ILE A 87 2.43 3.83 -8.72
C ILE A 87 2.52 2.32 -8.55
N ASP A 88 2.91 1.89 -7.36
CA ASP A 88 3.03 0.46 -7.06
C ASP A 88 2.83 0.19 -5.58
N PRO A 89 1.71 -0.45 -5.23
CA PRO A 89 1.38 -0.78 -3.84
C PRO A 89 2.29 -1.85 -3.27
N LYS A 90 2.26 -2.00 -1.94
CA LYS A 90 3.09 -2.99 -1.27
C LYS A 90 2.41 -3.49 0.02
N PRO A 91 2.67 -4.76 0.37
CA PRO A 91 2.09 -5.38 1.56
C PRO A 91 2.67 -4.80 2.85
N CYS A 92 3.55 -3.81 2.70
CA CYS A 92 4.19 -3.18 3.85
C CYS A 92 4.96 -4.19 4.67
N THR A 93 5.69 -5.07 4.00
CA THR A 93 6.48 -6.10 4.66
C THR A 93 7.96 -5.88 4.45
N PRO A 94 8.78 -6.35 5.41
CA PRO A 94 10.23 -6.20 5.35
C PRO A 94 10.85 -7.08 4.26
N ARG A 95 12.13 -6.85 3.99
CA ARG A 95 12.85 -7.61 2.98
C ARG A 95 12.35 -9.06 2.93
N GLY A 96 12.24 -9.67 4.10
CA GLY A 96 11.78 -11.05 4.17
C GLY A 96 10.31 -11.15 4.54
N MET A 97 9.65 -12.19 4.03
CA MET A 97 8.23 -12.40 4.29
C MET A 97 8.00 -13.71 5.03
N GLN A 98 6.81 -13.87 5.59
CA GLN A 98 6.47 -15.09 6.31
C GLN A 98 5.01 -15.49 6.07
N PRO A 99 4.78 -16.80 5.91
CA PRO A 99 3.43 -17.33 5.67
C PRO A 99 2.52 -17.20 6.89
N SER A 100 1.24 -16.95 6.64
CA SER A 100 0.27 -16.81 7.72
C SER A 100 -0.51 -18.10 7.93
N GLY A 101 -1.16 -18.56 6.87
CA GLY A 101 -1.93 -19.79 6.96
C GLY A 101 -3.24 -19.71 6.21
N PRO A 102 -3.53 -20.75 5.41
CA PRO A 102 -4.76 -20.81 4.61
C PRO A 102 -6.01 -21.00 5.47
N SER A 103 -6.81 -19.94 5.57
CA SER A 103 -8.03 -19.99 6.37
C SER A 103 -8.75 -21.32 6.19
N SER A 104 -9.03 -21.68 4.95
CA SER A 104 -9.72 -22.93 4.64
C SER A 104 -9.02 -24.10 5.31
N GLY A 105 -7.70 -24.04 5.37
CA GLY A 105 -6.93 -25.11 5.99
C GLY A 105 -5.72 -25.50 5.15
N GLY A 1 -2.02 5.04 10.65
CA GLY A 1 -1.63 5.41 11.99
C GLY A 1 -2.56 6.44 12.60
N SER A 2 -2.80 6.32 13.90
CA SER A 2 -3.69 7.25 14.60
C SER A 2 -2.91 8.09 15.60
N SER A 3 -1.60 7.87 15.66
CA SER A 3 -0.74 8.61 16.57
C SER A 3 0.71 8.56 16.12
N GLY A 4 1.37 9.71 16.09
CA GLY A 4 2.76 9.77 15.66
C GLY A 4 2.93 9.44 14.20
N SER A 5 3.07 10.47 13.37
CA SER A 5 3.25 10.28 11.94
C SER A 5 4.70 9.97 11.60
N SER A 6 5.61 10.77 12.15
CA SER A 6 7.04 10.59 11.91
C SER A 6 7.55 9.35 12.63
N GLY A 7 7.95 8.33 11.86
CA GLY A 7 8.45 7.10 12.44
C GLY A 7 7.65 5.89 12.02
N MET A 8 8.36 4.82 11.66
CA MET A 8 7.70 3.59 11.23
C MET A 8 8.42 2.36 11.80
N ASN A 9 7.66 1.32 12.08
CA ASN A 9 8.22 0.09 12.63
C ASN A 9 7.33 -1.12 12.31
N ASN A 10 7.94 -2.17 11.78
CA ASN A 10 7.20 -3.38 11.43
C ASN A 10 7.14 -4.34 12.61
N SER A 11 5.95 -4.50 13.18
CA SER A 11 5.76 -5.39 14.32
C SER A 11 5.66 -6.85 13.86
N GLY A 12 4.84 -7.08 12.84
CA GLY A 12 4.66 -8.43 12.32
C GLY A 12 3.29 -8.63 11.70
N ALA A 13 2.28 -8.80 12.55
CA ALA A 13 0.92 -9.01 12.08
C ALA A 13 0.07 -7.76 12.27
N ASP A 14 0.61 -6.61 11.86
CA ASP A 14 -0.09 -5.35 11.99
C ASP A 14 -0.30 -4.70 10.62
N GLU A 15 0.70 -4.80 9.76
CA GLU A 15 0.63 -4.23 8.42
C GLU A 15 0.15 -5.26 7.41
N ILE A 16 -0.67 -6.20 7.87
CA ILE A 16 -1.19 -7.25 7.01
C ILE A 16 -2.18 -6.68 6.00
N GLY A 17 -3.22 -6.01 6.49
CA GLY A 17 -4.21 -5.42 5.62
C GLY A 17 -3.84 -4.02 5.17
N LYS A 18 -2.56 -3.69 5.29
CA LYS A 18 -2.07 -2.37 4.90
C LYS A 18 -1.48 -2.42 3.49
N LEU A 19 -1.52 -1.29 2.80
CA LEU A 19 -0.99 -1.21 1.44
C LEU A 19 -0.23 0.11 1.24
N PHE A 20 1.09 0.01 1.12
CA PHE A 20 1.93 1.18 0.93
C PHE A 20 2.09 1.50 -0.56
N VAL A 21 1.48 2.60 -0.99
CA VAL A 21 1.56 3.01 -2.38
C VAL A 21 2.84 3.78 -2.67
N GLY A 22 3.62 3.30 -3.63
CA GLY A 22 4.87 3.96 -3.98
C GLY A 22 4.85 4.51 -5.39
N GLY A 23 4.89 5.83 -5.50
CA GLY A 23 4.88 6.47 -6.80
C GLY A 23 3.68 7.36 -7.01
N LEU A 24 3.36 8.15 -5.99
CA LEU A 24 2.22 9.07 -6.06
C LEU A 24 2.58 10.35 -6.80
N ASP A 25 1.57 11.17 -7.09
CA ASP A 25 1.80 12.43 -7.78
C ASP A 25 1.40 13.61 -6.90
N TRP A 26 2.23 14.65 -6.91
CA TRP A 26 1.96 15.84 -6.11
C TRP A 26 0.50 16.24 -6.20
N SER A 27 -0.16 15.82 -7.28
CA SER A 27 -1.57 16.15 -7.49
C SER A 27 -2.46 15.15 -6.76
N THR A 28 -2.16 13.86 -6.90
CA THR A 28 -2.92 12.81 -6.26
C THR A 28 -3.46 13.27 -4.90
N THR A 29 -4.67 12.83 -4.57
CA THR A 29 -5.28 13.19 -3.30
C THR A 29 -5.89 11.97 -2.62
N GLN A 30 -5.76 11.90 -1.30
CA GLN A 30 -6.29 10.79 -0.53
C GLN A 30 -7.70 10.44 -1.00
N GLU A 31 -8.51 11.46 -1.27
CA GLU A 31 -9.88 11.25 -1.72
C GLU A 31 -9.93 10.29 -2.90
N THR A 32 -9.35 10.71 -4.02
CA THR A 32 -9.32 9.89 -5.22
C THR A 32 -8.59 8.57 -4.97
N LEU A 33 -7.49 8.64 -4.24
CA LEU A 33 -6.70 7.45 -3.93
C LEU A 33 -7.55 6.39 -3.25
N ARG A 34 -8.44 6.83 -2.36
CA ARG A 34 -9.33 5.92 -1.65
C ARG A 34 -10.10 5.04 -2.63
N SER A 35 -11.01 5.65 -3.38
CA SER A 35 -11.82 4.92 -4.35
C SER A 35 -10.94 4.04 -5.23
N TYR A 36 -9.99 4.66 -5.91
CA TYR A 36 -9.08 3.94 -6.80
C TYR A 36 -8.74 2.57 -6.21
N PHE A 37 -8.53 2.52 -4.91
CA PHE A 37 -8.19 1.28 -4.22
C PHE A 37 -9.44 0.58 -3.71
N SER A 38 -10.47 1.37 -3.43
CA SER A 38 -11.74 0.83 -2.92
C SER A 38 -12.32 -0.19 -3.90
N GLN A 39 -12.16 0.09 -5.19
CA GLN A 39 -12.68 -0.79 -6.23
C GLN A 39 -12.19 -2.23 -6.02
N TYR A 40 -11.03 -2.36 -5.40
CA TYR A 40 -10.45 -3.67 -5.13
C TYR A 40 -10.89 -4.20 -3.77
N GLY A 41 -10.74 -3.37 -2.75
CA GLY A 41 -11.13 -3.77 -1.41
C GLY A 41 -11.64 -2.60 -0.58
N GLU A 42 -12.58 -2.88 0.32
CA GLU A 42 -13.15 -1.86 1.18
C GLU A 42 -12.06 -1.07 1.88
N VAL A 43 -11.85 0.16 1.44
CA VAL A 43 -10.83 1.03 2.03
C VAL A 43 -11.26 1.53 3.40
N VAL A 44 -10.55 1.09 4.43
CA VAL A 44 -10.86 1.50 5.81
C VAL A 44 -10.28 2.87 6.12
N ASP A 45 -9.06 3.11 5.65
CA ASP A 45 -8.39 4.38 5.87
C ASP A 45 -7.31 4.63 4.81
N CYS A 46 -7.35 5.81 4.21
CA CYS A 46 -6.38 6.16 3.18
C CYS A 46 -5.49 7.32 3.65
N VAL A 47 -4.20 7.23 3.33
CA VAL A 47 -3.25 8.27 3.71
C VAL A 47 -2.27 8.55 2.58
N ILE A 48 -1.84 9.82 2.48
CA ILE A 48 -0.91 10.22 1.44
C ILE A 48 0.17 11.14 2.01
N MET A 49 1.37 10.60 2.18
CA MET A 49 2.49 11.37 2.71
C MET A 49 2.71 12.64 1.90
N LYS A 50 3.10 13.71 2.58
CA LYS A 50 3.35 14.99 1.91
C LYS A 50 4.63 15.63 2.44
N ASP A 51 4.92 16.83 1.95
CA ASP A 51 6.12 17.56 2.37
C ASP A 51 5.84 18.38 3.62
N LYS A 52 6.89 18.93 4.21
CA LYS A 52 6.76 19.74 5.43
C LYS A 52 6.27 21.14 5.08
N THR A 53 7.01 21.82 4.22
CA THR A 53 6.65 23.17 3.81
C THR A 53 5.75 23.16 2.59
N THR A 54 6.13 22.39 1.58
CA THR A 54 5.36 22.29 0.35
C THR A 54 4.04 21.56 0.59
N ASN A 55 4.00 20.72 1.62
CA ASN A 55 2.80 19.97 1.95
C ASN A 55 2.18 19.35 0.71
N GLN A 56 3.03 18.88 -0.20
CA GLN A 56 2.56 18.26 -1.44
C GLN A 56 2.96 16.79 -1.49
N SER A 57 2.01 15.95 -1.88
CA SER A 57 2.26 14.51 -1.98
C SER A 57 3.63 14.24 -2.59
N ARG A 58 4.58 13.83 -1.74
CA ARG A 58 5.93 13.54 -2.20
C ARG A 58 5.92 12.46 -3.29
N GLY A 59 5.19 11.39 -3.04
CA GLY A 59 5.11 10.31 -4.00
C GLY A 59 4.92 8.95 -3.34
N PHE A 60 4.17 8.92 -2.25
CA PHE A 60 3.93 7.68 -1.53
C PHE A 60 2.89 7.89 -0.43
N GLY A 61 2.24 6.81 -0.02
CA GLY A 61 1.22 6.89 1.01
C GLY A 61 0.89 5.54 1.62
N PHE A 62 -0.38 5.35 1.95
CA PHE A 62 -0.82 4.08 2.55
C PHE A 62 -2.31 3.87 2.31
N VAL A 63 -2.76 2.63 2.51
CA VAL A 63 -4.17 2.30 2.31
C VAL A 63 -4.56 1.06 3.13
N LYS A 64 -5.53 1.23 4.02
CA LYS A 64 -6.00 0.14 4.86
C LYS A 64 -7.15 -0.60 4.21
N PHE A 65 -7.20 -1.91 4.41
CA PHE A 65 -8.26 -2.73 3.84
C PHE A 65 -8.97 -3.54 4.92
N LYS A 66 -10.29 -3.36 5.03
CA LYS A 66 -11.08 -4.08 6.02
C LYS A 66 -10.63 -5.53 6.13
N ASP A 67 -10.14 -6.08 5.03
CA ASP A 67 -9.68 -7.46 5.00
C ASP A 67 -8.23 -7.54 4.54
N PRO A 68 -7.45 -8.41 5.18
CA PRO A 68 -6.03 -8.60 4.86
C PRO A 68 -5.83 -9.28 3.51
N ASN A 69 -6.85 -10.00 3.05
CA ASN A 69 -6.79 -10.69 1.77
C ASN A 69 -6.85 -9.71 0.62
N CYS A 70 -7.51 -8.57 0.84
CA CYS A 70 -7.63 -7.55 -0.19
C CYS A 70 -6.27 -7.14 -0.73
N VAL A 71 -5.32 -6.95 0.18
CA VAL A 71 -3.96 -6.56 -0.20
C VAL A 71 -3.45 -7.40 -1.37
N GLY A 72 -3.60 -8.72 -1.24
CA GLY A 72 -3.16 -9.61 -2.29
C GLY A 72 -3.80 -9.31 -3.63
N THR A 73 -5.12 -9.21 -3.63
CA THR A 73 -5.87 -8.92 -4.85
C THR A 73 -5.23 -7.78 -5.63
N VAL A 74 -4.78 -6.75 -4.91
CA VAL A 74 -4.13 -5.60 -5.53
C VAL A 74 -2.70 -5.91 -5.93
N LEU A 75 -2.02 -6.72 -5.10
CA LEU A 75 -0.64 -7.08 -5.38
C LEU A 75 -0.54 -7.89 -6.67
N ALA A 76 -1.65 -8.47 -7.09
CA ALA A 76 -1.68 -9.25 -8.32
C ALA A 76 -2.12 -8.41 -9.51
N SER A 77 -2.69 -7.24 -9.22
CA SER A 77 -3.15 -6.34 -10.27
C SER A 77 -2.00 -5.49 -10.80
N ARG A 78 -0.93 -5.40 -10.03
CA ARG A 78 0.24 -4.62 -10.41
C ARG A 78 0.66 -4.96 -11.84
N PRO A 79 1.30 -3.99 -12.51
CA PRO A 79 1.58 -2.68 -11.93
C PRO A 79 0.30 -1.85 -11.75
N HIS A 80 0.47 -0.60 -11.32
CA HIS A 80 -0.66 0.29 -11.09
C HIS A 80 -0.40 1.66 -11.71
N THR A 81 -1.45 2.47 -11.81
CA THR A 81 -1.33 3.81 -12.38
C THR A 81 -2.55 4.65 -12.04
N LEU A 82 -2.38 5.60 -11.13
CA LEU A 82 -3.48 6.47 -10.72
C LEU A 82 -3.08 7.95 -10.88
N ASP A 83 -4.08 8.81 -10.98
CA ASP A 83 -3.84 10.25 -11.14
C ASP A 83 -2.79 10.50 -12.21
N GLY A 84 -2.91 9.79 -13.34
CA GLY A 84 -1.97 9.97 -14.42
C GLY A 84 -0.53 9.84 -13.97
N ARG A 85 -0.29 9.01 -12.96
CA ARG A 85 1.04 8.81 -12.42
C ARG A 85 1.26 7.34 -12.07
N ASN A 86 2.30 6.75 -12.65
CA ASN A 86 2.62 5.35 -12.38
C ASN A 86 2.88 5.11 -10.89
N ILE A 87 2.16 4.16 -10.33
CA ILE A 87 2.30 3.83 -8.92
C ILE A 87 2.42 2.32 -8.70
N ASP A 88 2.82 1.93 -7.51
CA ASP A 88 2.97 0.51 -7.18
C ASP A 88 2.77 0.27 -5.69
N PRO A 89 1.68 -0.42 -5.34
CA PRO A 89 1.34 -0.72 -3.94
C PRO A 89 2.30 -1.74 -3.33
N LYS A 90 2.29 -1.82 -2.00
CA LYS A 90 3.15 -2.76 -1.29
C LYS A 90 2.46 -3.30 -0.04
N PRO A 91 2.70 -4.58 0.27
CA PRO A 91 2.12 -5.24 1.43
C PRO A 91 2.69 -4.71 2.75
N CYS A 92 3.55 -3.72 2.65
CA CYS A 92 4.17 -3.12 3.83
C CYS A 92 4.97 -4.16 4.62
N THR A 93 5.67 -5.03 3.89
CA THR A 93 6.47 -6.07 4.52
C THR A 93 7.87 -6.12 3.93
N PRO A 94 8.83 -6.61 4.73
CA PRO A 94 10.23 -6.72 4.32
C PRO A 94 10.44 -7.79 3.25
N ARG A 95 9.86 -8.96 3.47
CA ARG A 95 9.99 -10.06 2.53
C ARG A 95 8.62 -10.68 2.24
N GLY A 96 8.17 -10.55 0.99
CA GLY A 96 6.89 -11.10 0.60
C GLY A 96 7.00 -12.53 0.11
N MET A 97 6.45 -13.46 0.88
CA MET A 97 6.48 -14.88 0.51
C MET A 97 5.14 -15.32 -0.08
N GLN A 98 5.07 -15.38 -1.40
CA GLN A 98 3.85 -15.79 -2.08
C GLN A 98 3.23 -17.02 -1.42
N PRO A 99 1.90 -17.03 -1.32
CA PRO A 99 1.16 -18.15 -0.71
C PRO A 99 1.21 -19.41 -1.55
N SER A 100 1.94 -20.41 -1.05
CA SER A 100 2.09 -21.68 -1.75
C SER A 100 0.80 -22.50 -1.64
N GLY A 101 -0.19 -22.15 -2.45
CA GLY A 101 -1.45 -22.88 -2.42
C GLY A 101 -2.38 -22.46 -3.54
N PRO A 102 -3.14 -23.42 -4.09
CA PRO A 102 -4.08 -23.17 -5.17
C PRO A 102 -5.28 -22.34 -4.73
N SER A 103 -5.97 -21.73 -5.68
CA SER A 103 -7.14 -20.92 -5.38
C SER A 103 -8.41 -21.75 -5.36
N SER A 104 -8.55 -22.63 -6.36
CA SER A 104 -9.72 -23.50 -6.45
C SER A 104 -9.39 -24.78 -7.22
N GLY A 105 -9.35 -25.89 -6.50
CA GLY A 105 -9.05 -27.17 -7.12
C GLY A 105 -9.62 -28.35 -6.35
N GLY A 1 10.81 6.47 -1.77
CA GLY A 1 10.37 5.76 -0.59
C GLY A 1 11.52 5.31 0.28
N SER A 2 11.23 4.97 1.53
CA SER A 2 12.24 4.53 2.47
C SER A 2 11.78 3.30 3.26
N SER A 3 12.49 2.19 3.10
CA SER A 3 12.14 0.96 3.80
C SER A 3 13.03 0.75 5.01
N GLY A 4 12.40 0.68 6.19
CA GLY A 4 13.15 0.50 7.42
C GLY A 4 12.26 0.09 8.58
N SER A 5 12.05 -1.22 8.73
CA SER A 5 11.22 -1.74 9.81
C SER A 5 11.69 -1.23 11.17
N SER A 6 10.86 -1.42 12.18
CA SER A 6 11.19 -0.98 13.53
C SER A 6 10.46 -1.81 14.57
N GLY A 7 11.11 -2.03 15.72
CA GLY A 7 10.50 -2.81 16.77
C GLY A 7 11.26 -4.10 17.05
N MET A 8 11.40 -4.43 18.33
CA MET A 8 12.11 -5.65 18.73
C MET A 8 11.39 -6.90 18.22
N ASN A 9 10.11 -7.00 18.55
CA ASN A 9 9.31 -8.14 18.13
C ASN A 9 9.69 -8.59 16.73
N ASN A 10 10.13 -9.84 16.61
CA ASN A 10 10.54 -10.39 15.32
C ASN A 10 9.39 -10.36 14.33
N SER A 11 8.29 -11.02 14.68
CA SER A 11 7.12 -11.08 13.82
C SER A 11 6.37 -9.75 13.84
N GLY A 12 5.37 -9.62 12.97
CA GLY A 12 4.61 -8.40 12.89
C GLY A 12 3.34 -8.56 12.06
N ALA A 13 2.28 -9.04 12.70
CA ALA A 13 1.01 -9.24 12.02
C ALA A 13 0.08 -8.04 12.22
N ASP A 14 0.57 -6.86 11.87
CA ASP A 14 -0.22 -5.63 12.02
C ASP A 14 -0.41 -4.96 10.67
N GLU A 15 0.65 -4.89 9.88
CA GLU A 15 0.61 -4.26 8.57
C GLU A 15 0.15 -5.26 7.50
N ILE A 16 -0.63 -6.26 7.93
CA ILE A 16 -1.13 -7.27 7.01
C ILE A 16 -2.13 -6.68 6.03
N GLY A 17 -3.14 -5.98 6.56
CA GLY A 17 -4.14 -5.37 5.71
C GLY A 17 -3.77 -3.96 5.29
N LYS A 18 -2.49 -3.64 5.39
CA LYS A 18 -2.00 -2.32 5.02
C LYS A 18 -1.33 -2.35 3.65
N LEU A 19 -1.63 -1.34 2.83
CA LEU A 19 -1.06 -1.26 1.49
C LEU A 19 -0.32 0.07 1.30
N PHE A 20 0.99 0.00 1.17
CA PHE A 20 1.81 1.20 0.99
C PHE A 20 1.97 1.52 -0.50
N VAL A 21 1.54 2.70 -0.89
CA VAL A 21 1.64 3.13 -2.28
C VAL A 21 2.97 3.84 -2.56
N GLY A 22 3.73 3.30 -3.51
CA GLY A 22 5.01 3.88 -3.84
C GLY A 22 5.06 4.40 -5.27
N GLY A 23 4.85 5.70 -5.43
CA GLY A 23 4.87 6.30 -6.76
C GLY A 23 3.68 7.21 -7.00
N LEU A 24 3.23 7.88 -5.94
CA LEU A 24 2.08 8.77 -6.05
C LEU A 24 2.45 10.02 -6.85
N ASP A 25 1.47 10.90 -7.06
CA ASP A 25 1.69 12.13 -7.81
C ASP A 25 1.32 13.34 -6.97
N TRP A 26 2.06 14.43 -7.15
CA TRP A 26 1.81 15.66 -6.42
C TRP A 26 0.33 16.03 -6.45
N SER A 27 -0.35 15.63 -7.52
CA SER A 27 -1.76 15.92 -7.68
C SER A 27 -2.62 14.89 -6.94
N THR A 28 -2.25 13.63 -7.07
CA THR A 28 -2.99 12.55 -6.41
C THR A 28 -3.37 12.93 -4.98
N THR A 29 -4.64 12.83 -4.67
CA THR A 29 -5.14 13.16 -3.33
C THR A 29 -5.58 11.92 -2.58
N GLN A 30 -5.72 12.05 -1.26
CA GLN A 30 -6.15 10.92 -0.44
C GLN A 30 -7.58 10.52 -0.75
N GLU A 31 -8.40 11.50 -1.10
CA GLU A 31 -9.80 11.25 -1.43
C GLU A 31 -9.92 10.28 -2.61
N THR A 32 -9.45 10.73 -3.78
CA THR A 32 -9.51 9.92 -4.98
C THR A 32 -8.74 8.61 -4.80
N LEU A 33 -7.65 8.67 -4.04
CA LEU A 33 -6.83 7.48 -3.78
C LEU A 33 -7.65 6.40 -3.11
N ARG A 34 -8.52 6.79 -2.19
CA ARG A 34 -9.37 5.85 -1.47
C ARG A 34 -10.22 5.04 -2.44
N SER A 35 -10.93 5.73 -3.32
CA SER A 35 -11.79 5.07 -4.30
C SER A 35 -10.98 4.15 -5.19
N TYR A 36 -10.00 4.71 -5.88
CA TYR A 36 -9.14 3.95 -6.78
C TYR A 36 -8.84 2.57 -6.19
N PHE A 37 -8.56 2.53 -4.90
CA PHE A 37 -8.24 1.28 -4.22
C PHE A 37 -9.53 0.60 -3.73
N SER A 38 -10.54 1.40 -3.43
CA SER A 38 -11.81 0.88 -2.95
C SER A 38 -12.37 -0.15 -3.92
N GLN A 39 -12.34 0.18 -5.20
CA GLN A 39 -12.85 -0.71 -6.24
C GLN A 39 -12.33 -2.13 -6.05
N TYR A 40 -11.13 -2.23 -5.48
CA TYR A 40 -10.51 -3.54 -5.24
C TYR A 40 -10.91 -4.07 -3.87
N GLY A 41 -10.71 -3.27 -2.84
CA GLY A 41 -11.05 -3.67 -1.49
C GLY A 41 -11.59 -2.53 -0.65
N GLU A 42 -12.52 -2.84 0.24
CA GLU A 42 -13.11 -1.82 1.11
C GLU A 42 -12.03 -1.03 1.83
N VAL A 43 -11.76 0.17 1.34
CA VAL A 43 -10.75 1.04 1.94
C VAL A 43 -11.19 1.52 3.32
N VAL A 44 -10.47 1.08 4.35
CA VAL A 44 -10.78 1.47 5.72
C VAL A 44 -10.18 2.84 6.05
N ASP A 45 -8.99 3.10 5.51
CA ASP A 45 -8.32 4.37 5.75
C ASP A 45 -7.27 4.63 4.68
N CYS A 46 -7.08 5.91 4.34
CA CYS A 46 -6.11 6.29 3.32
C CYS A 46 -5.22 7.43 3.83
N VAL A 47 -3.94 7.37 3.46
CA VAL A 47 -2.99 8.40 3.88
C VAL A 47 -1.99 8.70 2.76
N ILE A 48 -1.60 9.96 2.67
CA ILE A 48 -0.64 10.38 1.65
C ILE A 48 0.45 11.28 2.24
N MET A 49 1.62 10.68 2.48
CA MET A 49 2.74 11.42 3.04
C MET A 49 2.99 12.71 2.28
N LYS A 50 3.26 13.78 3.01
CA LYS A 50 3.51 15.09 2.40
C LYS A 50 4.86 15.64 2.86
N ASP A 51 5.49 16.44 1.99
CA ASP A 51 6.77 17.04 2.31
C ASP A 51 6.74 17.71 3.68
N LYS A 52 7.91 18.15 4.15
CA LYS A 52 8.01 18.80 5.44
C LYS A 52 7.44 20.22 5.39
N THR A 53 8.05 21.06 4.57
CA THR A 53 7.60 22.44 4.43
C THR A 53 6.51 22.55 3.36
N THR A 54 6.86 22.19 2.13
CA THR A 54 5.90 22.24 1.03
C THR A 54 4.58 21.60 1.40
N ASN A 55 4.63 20.62 2.31
CA ASN A 55 3.43 19.92 2.75
C ASN A 55 2.52 19.61 1.57
N GLN A 56 3.09 19.53 0.38
CA GLN A 56 2.33 19.24 -0.82
C GLN A 56 2.17 17.74 -1.01
N SER A 57 3.29 17.02 -1.03
CA SER A 57 3.27 15.57 -1.20
C SER A 57 4.67 14.99 -1.06
N ARG A 58 4.75 13.66 -1.03
CA ARG A 58 6.04 12.97 -0.90
C ARG A 58 6.23 11.96 -2.01
N GLY A 59 5.12 11.46 -2.55
CA GLY A 59 5.19 10.49 -3.63
C GLY A 59 4.83 9.09 -3.17
N PHE A 60 4.24 9.00 -1.97
CA PHE A 60 3.85 7.71 -1.41
C PHE A 60 2.83 7.89 -0.29
N GLY A 61 2.10 6.82 0.02
CA GLY A 61 1.11 6.89 1.08
C GLY A 61 0.79 5.52 1.65
N PHE A 62 -0.44 5.35 2.13
CA PHE A 62 -0.87 4.09 2.72
C PHE A 62 -2.35 3.86 2.50
N VAL A 63 -2.77 2.60 2.50
CA VAL A 63 -4.17 2.25 2.31
C VAL A 63 -4.54 1.01 3.13
N LYS A 64 -5.49 1.19 4.04
CA LYS A 64 -5.95 0.09 4.89
C LYS A 64 -7.13 -0.63 4.25
N PHE A 65 -7.16 -1.95 4.41
CA PHE A 65 -8.23 -2.76 3.85
C PHE A 65 -8.94 -3.57 4.94
N LYS A 66 -10.25 -3.44 5.00
CA LYS A 66 -11.05 -4.15 6.00
C LYS A 66 -10.55 -5.58 6.16
N ASP A 67 -10.11 -6.18 5.06
CA ASP A 67 -9.61 -7.56 5.08
C ASP A 67 -8.20 -7.63 4.50
N PRO A 68 -7.33 -8.41 5.14
CA PRO A 68 -5.94 -8.59 4.71
C PRO A 68 -5.84 -9.38 3.41
N ASN A 69 -6.99 -9.79 2.87
CA ASN A 69 -7.03 -10.55 1.63
C ASN A 69 -7.08 -9.62 0.43
N CYS A 70 -7.73 -8.47 0.59
CA CYS A 70 -7.84 -7.50 -0.49
C CYS A 70 -6.48 -7.00 -0.93
N VAL A 71 -5.54 -6.95 0.02
CA VAL A 71 -4.19 -6.49 -0.28
C VAL A 71 -3.59 -7.26 -1.45
N GLY A 72 -3.59 -8.58 -1.35
CA GLY A 72 -3.05 -9.41 -2.41
C GLY A 72 -3.70 -9.14 -3.75
N THR A 73 -5.02 -9.24 -3.79
CA THR A 73 -5.77 -9.00 -5.02
C THR A 73 -5.19 -7.84 -5.81
N VAL A 74 -4.94 -6.74 -5.11
CA VAL A 74 -4.37 -5.54 -5.75
C VAL A 74 -2.93 -5.77 -6.16
N LEU A 75 -2.15 -6.36 -5.25
CA LEU A 75 -0.74 -6.64 -5.53
C LEU A 75 -0.58 -7.39 -6.84
N ALA A 76 -1.42 -8.40 -7.05
CA ALA A 76 -1.38 -9.20 -8.27
C ALA A 76 -1.65 -8.34 -9.50
N SER A 77 -2.55 -7.38 -9.35
CA SER A 77 -2.91 -6.49 -10.45
C SER A 77 -1.71 -5.69 -10.92
N ARG A 78 -0.81 -5.38 -9.98
CA ARG A 78 0.40 -4.62 -10.29
C ARG A 78 0.92 -4.99 -11.68
N PRO A 79 1.56 -4.01 -12.33
CA PRO A 79 1.75 -2.66 -11.79
C PRO A 79 0.44 -1.89 -11.70
N HIS A 80 0.54 -0.63 -11.28
CA HIS A 80 -0.64 0.23 -11.17
C HIS A 80 -0.36 1.62 -11.71
N THR A 81 -1.41 2.41 -11.90
CA THR A 81 -1.28 3.76 -12.41
C THR A 81 -2.53 4.59 -12.14
N LEU A 82 -2.43 5.55 -11.24
CA LEU A 82 -3.55 6.40 -10.88
C LEU A 82 -3.19 7.88 -11.04
N ASP A 83 -4.20 8.71 -11.27
CA ASP A 83 -3.99 10.14 -11.44
C ASP A 83 -2.93 10.41 -12.50
N GLY A 84 -2.98 9.66 -13.59
CA GLY A 84 -2.02 9.83 -14.67
C GLY A 84 -0.59 9.69 -14.20
N ARG A 85 -0.40 8.91 -13.13
CA ARG A 85 0.93 8.70 -12.57
C ARG A 85 1.14 7.24 -12.20
N ASN A 86 2.22 6.65 -12.70
CA ASN A 86 2.53 5.25 -12.42
C ASN A 86 2.81 5.04 -10.94
N ILE A 87 2.03 4.15 -10.32
CA ILE A 87 2.20 3.86 -8.91
C ILE A 87 2.34 2.35 -8.67
N ASP A 88 2.76 1.98 -7.48
CA ASP A 88 2.95 0.58 -7.12
C ASP A 88 2.78 0.38 -5.62
N PRO A 89 1.69 -0.32 -5.24
CA PRO A 89 1.39 -0.60 -3.83
C PRO A 89 2.37 -1.60 -3.21
N LYS A 90 2.31 -1.74 -1.89
CA LYS A 90 3.19 -2.67 -1.19
C LYS A 90 2.47 -3.27 0.01
N PRO A 91 2.77 -4.55 0.31
CA PRO A 91 2.18 -5.26 1.44
C PRO A 91 2.67 -4.74 2.78
N CYS A 92 3.49 -3.70 2.74
CA CYS A 92 4.03 -3.11 3.96
C CYS A 92 4.81 -4.14 4.76
N THR A 93 5.53 -5.01 4.06
CA THR A 93 6.33 -6.05 4.71
C THR A 93 7.81 -5.90 4.38
N PRO A 94 8.67 -6.41 5.28
CA PRO A 94 10.12 -6.34 5.09
C PRO A 94 10.61 -7.24 3.97
N ARG A 95 11.88 -7.10 3.61
CA ARG A 95 12.47 -7.91 2.55
C ARG A 95 12.71 -9.34 3.02
N GLY A 96 12.55 -10.29 2.10
CA GLY A 96 12.76 -11.70 2.44
C GLY A 96 11.45 -12.41 2.77
N MET A 97 10.40 -12.09 2.02
CA MET A 97 9.10 -12.70 2.23
C MET A 97 8.49 -13.16 0.92
N GLN A 98 8.74 -14.42 0.57
CA GLN A 98 8.21 -14.99 -0.67
C GLN A 98 6.73 -15.29 -0.54
N PRO A 99 5.99 -15.13 -1.67
CA PRO A 99 4.56 -15.38 -1.70
C PRO A 99 4.22 -16.86 -1.57
N SER A 100 3.23 -17.17 -0.73
CA SER A 100 2.81 -18.55 -0.51
C SER A 100 2.23 -19.16 -1.79
N GLY A 101 2.72 -20.33 -2.16
CA GLY A 101 2.23 -20.99 -3.36
C GLY A 101 1.94 -20.01 -4.48
N PRO A 102 2.99 -19.69 -5.26
CA PRO A 102 2.88 -18.77 -6.40
C PRO A 102 2.06 -19.34 -7.54
N SER A 103 1.57 -20.57 -7.37
CA SER A 103 0.77 -21.24 -8.39
C SER A 103 -0.71 -21.17 -8.05
N SER A 104 -1.50 -20.71 -9.01
CA SER A 104 -2.94 -20.59 -8.82
C SER A 104 -3.67 -21.85 -9.31
N GLY A 105 -3.42 -22.23 -10.56
CA GLY A 105 -4.05 -23.41 -11.11
C GLY A 105 -4.86 -23.10 -12.35
N GLY A 1 12.35 11.15 -10.22
CA GLY A 1 13.64 10.51 -10.29
C GLY A 1 13.72 9.28 -9.39
N SER A 2 14.83 9.15 -8.66
CA SER A 2 15.02 8.02 -7.78
C SER A 2 15.04 8.47 -6.32
N SER A 3 13.86 8.52 -5.70
CA SER A 3 13.73 8.93 -4.32
C SER A 3 13.21 7.79 -3.45
N GLY A 4 13.18 8.02 -2.15
CA GLY A 4 12.70 6.99 -1.22
C GLY A 4 13.09 7.27 0.21
N SER A 5 14.31 6.91 0.57
CA SER A 5 14.80 7.11 1.93
C SER A 5 13.96 6.35 2.94
N SER A 6 13.60 5.12 2.59
CA SER A 6 12.79 4.28 3.47
C SER A 6 13.36 4.26 4.88
N GLY A 7 12.65 3.62 5.80
CA GLY A 7 13.09 3.53 7.17
C GLY A 7 12.04 2.95 8.10
N MET A 8 12.09 1.65 8.30
CA MET A 8 11.13 0.97 9.17
C MET A 8 11.75 0.63 10.52
N ASN A 9 10.94 0.13 11.44
CA ASN A 9 11.41 -0.23 12.77
C ASN A 9 10.98 -1.65 13.12
N ASN A 10 9.69 -1.94 12.96
CA ASN A 10 9.17 -3.26 13.26
C ASN A 10 7.82 -3.49 12.57
N SER A 11 7.55 -4.74 12.21
CA SER A 11 6.31 -5.07 11.54
C SER A 11 6.01 -6.56 11.67
N GLY A 12 4.88 -6.88 12.30
CA GLY A 12 4.49 -8.28 12.48
C GLY A 12 3.19 -8.61 11.81
N ALA A 13 2.11 -8.66 12.60
CA ALA A 13 0.79 -8.97 12.07
C ALA A 13 -0.16 -7.79 12.23
N ASP A 14 0.31 -6.60 11.86
CA ASP A 14 -0.49 -5.40 11.96
C ASP A 14 -0.65 -4.73 10.59
N GLU A 15 0.45 -4.66 9.85
CA GLU A 15 0.44 -4.04 8.53
C GLU A 15 0.00 -5.05 7.46
N ILE A 16 -0.75 -6.06 7.89
CA ILE A 16 -1.24 -7.10 6.98
C ILE A 16 -2.23 -6.52 5.98
N GLY A 17 -3.28 -5.88 6.49
CA GLY A 17 -4.29 -5.30 5.63
C GLY A 17 -3.90 -3.91 5.14
N LYS A 18 -2.64 -3.55 5.33
CA LYS A 18 -2.14 -2.25 4.90
C LYS A 18 -1.48 -2.34 3.53
N LEU A 19 -1.62 -1.29 2.74
CA LEU A 19 -1.03 -1.25 1.41
C LEU A 19 -0.20 0.02 1.21
N PHE A 20 1.12 -0.14 1.20
CA PHE A 20 2.02 0.98 1.03
C PHE A 20 2.18 1.33 -0.45
N VAL A 21 1.73 2.51 -0.83
CA VAL A 21 1.82 2.97 -2.21
C VAL A 21 3.12 3.72 -2.46
N GLY A 22 3.89 3.25 -3.44
CA GLY A 22 5.15 3.89 -3.76
C GLY A 22 5.20 4.37 -5.20
N GLY A 23 4.75 5.60 -5.42
CA GLY A 23 4.76 6.17 -6.76
C GLY A 23 3.56 7.06 -7.01
N LEU A 24 3.16 7.82 -6.00
CA LEU A 24 2.03 8.72 -6.13
C LEU A 24 2.41 10.01 -6.86
N ASP A 25 1.42 10.84 -7.16
CA ASP A 25 1.66 12.09 -7.86
C ASP A 25 1.44 13.28 -6.93
N TRP A 26 2.24 14.32 -7.10
CA TRP A 26 2.13 15.52 -6.28
C TRP A 26 0.68 16.01 -6.22
N SER A 27 -0.10 15.65 -7.23
CA SER A 27 -1.50 16.06 -7.30
C SER A 27 -2.39 15.05 -6.59
N THR A 28 -2.07 13.76 -6.76
CA THR A 28 -2.84 12.70 -6.13
C THR A 28 -3.32 13.10 -4.75
N THR A 29 -4.54 12.71 -4.40
CA THR A 29 -5.11 13.03 -3.10
C THR A 29 -5.69 11.80 -2.43
N GLN A 30 -5.82 11.84 -1.11
CA GLN A 30 -6.36 10.72 -0.35
C GLN A 30 -7.77 10.39 -0.80
N GLU A 31 -8.58 11.43 -1.02
CA GLU A 31 -9.96 11.24 -1.46
C GLU A 31 -10.03 10.33 -2.68
N THR A 32 -9.45 10.78 -3.78
CA THR A 32 -9.45 10.00 -5.01
C THR A 32 -8.72 8.67 -4.82
N LEU A 33 -7.62 8.69 -4.09
CA LEU A 33 -6.84 7.48 -3.82
C LEU A 33 -7.72 6.40 -3.22
N ARG A 34 -8.54 6.77 -2.26
CA ARG A 34 -9.44 5.82 -1.60
C ARG A 34 -10.20 4.99 -2.63
N SER A 35 -11.09 5.65 -3.37
CA SER A 35 -11.89 4.98 -4.39
C SER A 35 -11.01 4.09 -5.27
N TYR A 36 -9.96 4.67 -5.85
CA TYR A 36 -9.05 3.94 -6.71
C TYR A 36 -8.77 2.55 -6.15
N PHE A 37 -8.39 2.49 -4.88
CA PHE A 37 -8.09 1.23 -4.21
C PHE A 37 -9.36 0.58 -3.68
N SER A 38 -10.42 1.38 -3.57
CA SER A 38 -11.70 0.89 -3.06
C SER A 38 -12.29 -0.16 -4.00
N GLN A 39 -12.24 0.13 -5.30
CA GLN A 39 -12.78 -0.78 -6.30
C GLN A 39 -12.25 -2.20 -6.08
N TYR A 40 -11.07 -2.30 -5.48
CA TYR A 40 -10.46 -3.60 -5.22
C TYR A 40 -10.85 -4.11 -3.84
N GLY A 41 -10.70 -3.25 -2.83
CA GLY A 41 -11.05 -3.63 -1.47
C GLY A 41 -11.62 -2.48 -0.67
N GLU A 42 -12.57 -2.79 0.19
CA GLU A 42 -13.21 -1.77 1.03
C GLU A 42 -12.16 -0.96 1.80
N VAL A 43 -11.85 0.23 1.30
CA VAL A 43 -10.86 1.08 1.94
C VAL A 43 -11.33 1.50 3.34
N VAL A 44 -10.53 1.17 4.35
CA VAL A 44 -10.85 1.50 5.72
C VAL A 44 -10.21 2.82 6.13
N ASP A 45 -9.05 3.10 5.57
CA ASP A 45 -8.33 4.34 5.87
C ASP A 45 -7.12 4.51 4.95
N CYS A 46 -7.13 5.57 4.16
CA CYS A 46 -6.03 5.84 3.23
C CYS A 46 -5.16 6.98 3.75
N VAL A 47 -3.88 6.95 3.38
CA VAL A 47 -2.94 7.98 3.80
C VAL A 47 -2.04 8.40 2.65
N ILE A 48 -1.68 9.68 2.61
CA ILE A 48 -0.82 10.21 1.58
C ILE A 48 0.24 11.15 2.15
N MET A 49 1.47 10.65 2.22
CA MET A 49 2.58 11.44 2.75
C MET A 49 2.71 12.76 1.99
N LYS A 50 2.95 13.84 2.74
CA LYS A 50 3.11 15.16 2.14
C LYS A 50 4.30 15.90 2.73
N ASP A 51 4.97 16.71 1.92
CA ASP A 51 6.12 17.47 2.37
C ASP A 51 5.85 18.10 3.74
N LYS A 52 6.90 18.62 4.36
CA LYS A 52 6.78 19.25 5.66
C LYS A 52 6.34 20.71 5.53
N THR A 53 6.87 21.39 4.52
CA THR A 53 6.53 22.79 4.28
C THR A 53 5.46 22.91 3.19
N THR A 54 5.81 22.51 1.98
CA THR A 54 4.88 22.58 0.86
C THR A 54 3.68 21.68 1.08
N ASN A 55 3.81 20.73 2.00
CA ASN A 55 2.73 19.80 2.32
C ASN A 55 2.08 19.28 1.04
N GLN A 56 2.91 18.77 0.14
CA GLN A 56 2.42 18.22 -1.13
C GLN A 56 2.74 16.74 -1.25
N SER A 57 1.79 15.97 -1.77
CA SER A 57 1.99 14.54 -1.94
C SER A 57 3.38 14.23 -2.46
N ARG A 58 4.29 13.90 -1.55
CA ARG A 58 5.66 13.59 -1.91
C ARG A 58 5.71 12.57 -3.05
N GLY A 59 4.78 11.62 -3.02
CA GLY A 59 4.72 10.61 -4.06
C GLY A 59 4.60 9.21 -3.49
N PHE A 60 3.97 9.10 -2.32
CA PHE A 60 3.79 7.81 -1.67
C PHE A 60 2.90 7.94 -0.43
N GLY A 61 2.29 6.84 -0.03
CA GLY A 61 1.41 6.84 1.13
C GLY A 61 1.07 5.45 1.61
N PHE A 62 -0.18 5.25 1.99
CA PHE A 62 -0.64 3.95 2.47
C PHE A 62 -2.15 3.81 2.30
N VAL A 63 -2.65 2.59 2.51
CA VAL A 63 -4.08 2.31 2.38
C VAL A 63 -4.49 1.14 3.26
N LYS A 64 -5.64 1.28 3.92
CA LYS A 64 -6.15 0.23 4.78
C LYS A 64 -7.25 -0.57 4.09
N PHE A 65 -7.31 -1.86 4.38
CA PHE A 65 -8.30 -2.74 3.78
C PHE A 65 -9.04 -3.54 4.85
N LYS A 66 -10.36 -3.41 4.88
CA LYS A 66 -11.18 -4.13 5.85
C LYS A 66 -10.72 -5.57 6.00
N ASP A 67 -10.19 -6.12 4.92
CA ASP A 67 -9.70 -7.50 4.92
C ASP A 67 -8.25 -7.57 4.45
N PRO A 68 -7.45 -8.40 5.13
CA PRO A 68 -6.03 -8.57 4.80
C PRO A 68 -5.83 -9.31 3.48
N ASN A 69 -6.93 -9.76 2.89
CA ASN A 69 -6.88 -10.48 1.62
C ASN A 69 -6.94 -9.52 0.44
N CYS A 70 -7.63 -8.40 0.63
CA CYS A 70 -7.77 -7.39 -0.42
C CYS A 70 -6.41 -6.89 -0.86
N VAL A 71 -5.47 -6.81 0.08
CA VAL A 71 -4.13 -6.34 -0.21
C VAL A 71 -3.52 -7.10 -1.40
N GLY A 72 -3.42 -8.43 -1.25
CA GLY A 72 -2.87 -9.24 -2.31
C GLY A 72 -3.54 -9.00 -3.64
N THR A 73 -4.87 -9.11 -3.67
CA THR A 73 -5.64 -8.92 -4.89
C THR A 73 -5.08 -7.75 -5.69
N VAL A 74 -4.79 -6.65 -5.02
CA VAL A 74 -4.26 -5.46 -5.68
C VAL A 74 -2.79 -5.65 -6.03
N LEU A 75 -2.01 -6.19 -5.09
CA LEU A 75 -0.60 -6.42 -5.31
C LEU A 75 -0.36 -7.29 -6.54
N ALA A 76 -1.29 -8.21 -6.80
CA ALA A 76 -1.19 -9.10 -7.94
C ALA A 76 -1.66 -8.40 -9.22
N SER A 77 -2.49 -7.37 -9.05
CA SER A 77 -3.01 -6.62 -10.19
C SER A 77 -1.93 -5.73 -10.79
N ARG A 78 -0.92 -5.41 -10.00
CA ARG A 78 0.18 -4.56 -10.45
C ARG A 78 0.57 -4.91 -11.89
N PRO A 79 1.18 -3.95 -12.58
CA PRO A 79 1.47 -2.63 -12.01
C PRO A 79 0.19 -1.80 -11.81
N HIS A 80 0.37 -0.57 -11.33
CA HIS A 80 -0.77 0.32 -11.09
C HIS A 80 -0.46 1.73 -11.54
N THR A 81 -1.50 2.49 -11.87
CA THR A 81 -1.34 3.86 -12.32
C THR A 81 -2.57 4.70 -12.00
N LEU A 82 -2.43 5.61 -11.03
CA LEU A 82 -3.54 6.47 -10.62
C LEU A 82 -3.20 7.94 -10.87
N ASP A 83 -4.19 8.71 -11.30
CA ASP A 83 -3.99 10.13 -11.57
C ASP A 83 -2.92 10.34 -12.64
N GLY A 84 -3.00 9.57 -13.72
CA GLY A 84 -2.03 9.69 -14.79
C GLY A 84 -0.61 9.51 -14.31
N ARG A 85 -0.46 8.91 -13.14
CA ARG A 85 0.86 8.68 -12.56
C ARG A 85 1.06 7.21 -12.22
N ASN A 86 2.18 6.65 -12.67
CA ASN A 86 2.49 5.24 -12.42
C ASN A 86 2.78 5.00 -10.93
N ILE A 87 1.94 4.20 -10.30
CA ILE A 87 2.10 3.89 -8.88
C ILE A 87 2.31 2.40 -8.67
N ASP A 88 2.72 2.03 -7.45
CA ASP A 88 2.96 0.63 -7.12
C ASP A 88 2.75 0.40 -5.63
N PRO A 89 1.70 -0.36 -5.29
CA PRO A 89 1.36 -0.68 -3.89
C PRO A 89 2.37 -1.63 -3.27
N LYS A 90 2.30 -1.78 -1.94
CA LYS A 90 3.20 -2.67 -1.22
C LYS A 90 2.50 -3.30 -0.02
N PRO A 91 2.90 -4.54 0.30
CA PRO A 91 2.32 -5.27 1.43
C PRO A 91 2.73 -4.69 2.77
N CYS A 92 3.52 -3.63 2.74
CA CYS A 92 3.99 -2.97 3.96
C CYS A 92 4.83 -3.93 4.80
N THR A 93 5.51 -4.86 4.14
CA THR A 93 6.35 -5.82 4.82
C THR A 93 7.81 -5.66 4.41
N PRO A 94 8.72 -6.09 5.29
CA PRO A 94 10.16 -6.02 5.05
C PRO A 94 10.63 -6.99 3.96
N ARG A 95 11.75 -6.69 3.34
CA ARG A 95 12.30 -7.54 2.29
C ARG A 95 12.20 -9.01 2.68
N GLY A 96 12.07 -9.88 1.68
CA GLY A 96 11.97 -11.30 1.94
C GLY A 96 10.94 -11.98 1.07
N MET A 97 11.36 -12.99 0.32
CA MET A 97 10.46 -13.72 -0.57
C MET A 97 9.72 -14.82 0.19
N GLN A 98 8.47 -14.55 0.56
CA GLN A 98 7.66 -15.51 1.28
C GLN A 98 6.58 -16.13 0.39
N PRO A 99 6.08 -17.30 0.79
CA PRO A 99 5.04 -18.01 0.03
C PRO A 99 3.70 -17.30 0.07
N SER A 100 3.67 -16.13 0.72
CA SER A 100 2.44 -15.35 0.84
C SER A 100 1.38 -16.13 1.59
N GLY A 101 1.72 -16.61 2.78
CA GLY A 101 0.78 -17.36 3.58
C GLY A 101 1.08 -18.85 3.57
N PRO A 102 0.08 -19.66 3.98
CA PRO A 102 0.21 -21.11 4.02
C PRO A 102 0.29 -21.73 2.62
N SER A 103 0.85 -22.94 2.54
CA SER A 103 0.99 -23.63 1.27
C SER A 103 -0.38 -23.85 0.62
N SER A 104 -1.37 -24.20 1.44
CA SER A 104 -2.72 -24.44 0.93
C SER A 104 -3.36 -23.14 0.45
N GLY A 105 -3.73 -22.28 1.40
CA GLY A 105 -4.34 -21.02 1.05
C GLY A 105 -5.84 -21.01 1.28
N GLY A 1 12.61 4.69 6.39
CA GLY A 1 13.61 3.88 7.07
C GLY A 1 15.00 4.44 6.92
N SER A 2 15.73 4.53 8.03
CA SER A 2 17.09 5.05 8.02
C SER A 2 18.02 4.12 7.25
N SER A 3 18.92 4.70 6.48
CA SER A 3 19.88 3.92 5.69
C SER A 3 20.75 3.06 6.60
N GLY A 4 20.57 1.74 6.49
CA GLY A 4 21.36 0.82 7.30
C GLY A 4 20.48 -0.13 8.08
N SER A 5 20.68 -0.18 9.40
CA SER A 5 19.90 -1.06 10.25
C SER A 5 18.47 -0.58 10.39
N SER A 6 17.64 -0.92 9.41
CA SER A 6 16.23 -0.52 9.42
C SER A 6 15.39 -1.50 10.23
N GLY A 7 15.92 -1.91 11.38
CA GLY A 7 15.20 -2.85 12.22
C GLY A 7 13.75 -2.45 12.43
N MET A 8 12.83 -3.37 12.17
CA MET A 8 11.40 -3.12 12.33
C MET A 8 10.90 -3.66 13.66
N ASN A 9 9.82 -3.05 14.17
CA ASN A 9 9.24 -3.47 15.44
C ASN A 9 8.85 -4.95 15.39
N ASN A 10 9.10 -5.66 16.50
CA ASN A 10 8.78 -7.07 16.58
C ASN A 10 7.44 -7.37 15.91
N SER A 11 6.38 -6.72 16.40
CA SER A 11 5.04 -6.91 15.85
C SER A 11 5.08 -6.97 14.33
N GLY A 12 4.40 -7.96 13.76
CA GLY A 12 4.37 -8.11 12.33
C GLY A 12 2.96 -8.23 11.77
N ALA A 13 2.07 -8.81 12.57
CA ALA A 13 0.67 -8.98 12.17
C ALA A 13 -0.14 -7.72 12.44
N ASP A 14 0.33 -6.60 11.92
CA ASP A 14 -0.36 -5.32 12.11
C ASP A 14 -0.58 -4.62 10.77
N GLU A 15 0.46 -4.61 9.93
CA GLU A 15 0.38 -3.97 8.62
C GLU A 15 -0.07 -4.96 7.56
N ILE A 16 -0.79 -6.00 8.00
CA ILE A 16 -1.27 -7.02 7.09
C ILE A 16 -2.25 -6.43 6.07
N GLY A 17 -3.32 -5.83 6.58
CA GLY A 17 -4.32 -5.24 5.70
C GLY A 17 -3.90 -3.86 5.21
N LYS A 18 -2.63 -3.51 5.41
CA LYS A 18 -2.11 -2.22 4.99
C LYS A 18 -1.46 -2.32 3.61
N LEU A 19 -1.58 -1.26 2.84
CA LEU A 19 -1.00 -1.22 1.50
C LEU A 19 -0.20 0.06 1.29
N PHE A 20 1.12 -0.09 1.18
CA PHE A 20 2.02 1.05 0.98
C PHE A 20 2.20 1.33 -0.50
N VAL A 21 1.71 2.49 -0.95
CA VAL A 21 1.82 2.88 -2.35
C VAL A 21 3.09 3.70 -2.59
N GLY A 22 3.92 3.23 -3.51
CA GLY A 22 5.15 3.94 -3.82
C GLY A 22 5.18 4.47 -5.24
N GLY A 23 4.76 5.72 -5.42
CA GLY A 23 4.75 6.32 -6.74
C GLY A 23 3.52 7.18 -6.97
N LEU A 24 3.21 8.02 -6.00
CA LEU A 24 2.04 8.91 -6.11
C LEU A 24 2.38 10.15 -6.93
N ASP A 25 1.38 10.99 -7.14
CA ASP A 25 1.56 12.21 -7.91
C ASP A 25 1.25 13.45 -7.06
N TRP A 26 2.00 14.52 -7.29
CA TRP A 26 1.80 15.76 -6.54
C TRP A 26 0.33 16.17 -6.54
N SER A 27 -0.43 15.63 -7.48
CA SER A 27 -1.85 15.94 -7.59
C SER A 27 -2.69 14.93 -6.81
N THR A 28 -2.28 13.68 -6.86
CA THR A 28 -3.00 12.61 -6.16
C THR A 28 -3.45 13.07 -4.78
N THR A 29 -4.72 12.83 -4.47
CA THR A 29 -5.28 13.23 -3.18
C THR A 29 -5.73 12.01 -2.38
N GLN A 30 -5.83 12.17 -1.07
CA GLN A 30 -6.26 11.08 -0.19
C GLN A 30 -7.68 10.64 -0.53
N GLU A 31 -8.48 11.57 -1.02
CA GLU A 31 -9.87 11.28 -1.38
C GLU A 31 -9.93 10.34 -2.59
N THR A 32 -9.45 10.83 -3.73
CA THR A 32 -9.45 10.03 -4.95
C THR A 32 -8.73 8.71 -4.75
N LEU A 33 -7.58 8.75 -4.08
CA LEU A 33 -6.80 7.56 -3.82
C LEU A 33 -7.67 6.46 -3.22
N ARG A 34 -8.45 6.81 -2.21
CA ARG A 34 -9.33 5.85 -1.55
C ARG A 34 -10.09 5.01 -2.58
N SER A 35 -11.01 5.65 -3.31
CA SER A 35 -11.79 4.96 -4.32
C SER A 35 -10.90 4.12 -5.23
N TYR A 36 -9.93 4.77 -5.86
CA TYR A 36 -9.01 4.09 -6.76
C TYR A 36 -8.68 2.69 -6.24
N PHE A 37 -8.49 2.58 -4.93
CA PHE A 37 -8.18 1.30 -4.31
C PHE A 37 -9.45 0.57 -3.88
N SER A 38 -10.47 1.34 -3.53
CA SER A 38 -11.74 0.77 -3.09
C SER A 38 -12.26 -0.24 -4.12
N GLN A 39 -12.10 0.08 -5.40
CA GLN A 39 -12.55 -0.79 -6.46
C GLN A 39 -12.02 -2.21 -6.27
N TYR A 40 -10.91 -2.33 -5.54
CA TYR A 40 -10.29 -3.63 -5.28
C TYR A 40 -10.70 -4.15 -3.91
N GLY A 41 -10.50 -3.34 -2.88
CA GLY A 41 -10.85 -3.73 -1.54
C GLY A 41 -11.45 -2.59 -0.73
N GLU A 42 -12.40 -2.91 0.13
CA GLU A 42 -13.05 -1.90 0.98
C GLU A 42 -12.00 -1.06 1.71
N VAL A 43 -11.78 0.15 1.22
CA VAL A 43 -10.81 1.06 1.83
C VAL A 43 -11.29 1.52 3.20
N VAL A 44 -10.53 1.17 4.23
CA VAL A 44 -10.87 1.55 5.60
C VAL A 44 -10.28 2.92 5.94
N ASP A 45 -9.03 3.13 5.56
CA ASP A 45 -8.36 4.40 5.83
C ASP A 45 -7.21 4.63 4.86
N CYS A 46 -7.08 5.86 4.37
CA CYS A 46 -6.02 6.19 3.43
C CYS A 46 -5.12 7.29 4.00
N VAL A 47 -3.85 7.25 3.63
CA VAL A 47 -2.88 8.24 4.10
C VAL A 47 -1.89 8.62 3.00
N ILE A 48 -1.56 9.90 2.93
CA ILE A 48 -0.63 10.38 1.92
C ILE A 48 0.51 11.19 2.57
N MET A 49 1.66 10.54 2.72
CA MET A 49 2.82 11.20 3.32
C MET A 49 3.10 12.55 2.65
N LYS A 50 3.52 13.51 3.45
CA LYS A 50 3.82 14.85 2.93
C LYS A 50 5.17 15.33 3.44
N ASP A 51 5.78 16.26 2.69
CA ASP A 51 7.07 16.81 3.07
C ASP A 51 7.03 17.38 4.49
N LYS A 52 8.21 17.56 5.08
CA LYS A 52 8.30 18.10 6.43
C LYS A 52 8.25 19.62 6.41
N THR A 53 8.58 20.21 5.27
CA THR A 53 8.57 21.66 5.12
C THR A 53 7.52 22.10 4.12
N THR A 54 7.53 21.49 2.94
CA THR A 54 6.58 21.83 1.89
C THR A 54 5.22 21.22 2.18
N ASN A 55 5.19 20.21 3.05
CA ASN A 55 3.95 19.55 3.42
C ASN A 55 2.99 19.50 2.23
N GLN A 56 3.53 19.20 1.06
CA GLN A 56 2.71 19.13 -0.16
C GLN A 56 2.43 17.68 -0.53
N SER A 57 3.47 16.96 -0.97
CA SER A 57 3.33 15.57 -1.36
C SER A 57 4.67 14.98 -1.76
N ARG A 58 5.17 14.05 -0.94
CA ARG A 58 6.45 13.41 -1.20
C ARG A 58 6.36 12.47 -2.40
N GLY A 59 5.24 11.75 -2.49
CA GLY A 59 5.06 10.82 -3.59
C GLY A 59 4.81 9.41 -3.12
N PHE A 60 4.12 9.26 -1.99
CA PHE A 60 3.82 7.95 -1.43
C PHE A 60 2.88 8.07 -0.25
N GLY A 61 2.18 6.98 0.06
CA GLY A 61 1.25 6.99 1.18
C GLY A 61 0.93 5.58 1.68
N PHE A 62 -0.33 5.35 2.00
CA PHE A 62 -0.76 4.04 2.49
C PHE A 62 -2.24 3.82 2.25
N VAL A 63 -2.71 2.60 2.50
CA VAL A 63 -4.11 2.26 2.30
C VAL A 63 -4.50 1.03 3.10
N LYS A 64 -5.48 1.19 3.99
CA LYS A 64 -5.95 0.08 4.82
C LYS A 64 -7.11 -0.65 4.16
N PHE A 65 -7.17 -1.96 4.37
CA PHE A 65 -8.24 -2.77 3.79
C PHE A 65 -8.96 -3.57 4.87
N LYS A 66 -10.27 -3.40 4.95
CA LYS A 66 -11.08 -4.10 5.94
C LYS A 66 -10.54 -5.50 6.18
N ASP A 67 -10.14 -6.18 5.10
CA ASP A 67 -9.60 -7.53 5.20
C ASP A 67 -8.21 -7.60 4.56
N PRO A 68 -7.32 -8.39 5.17
CA PRO A 68 -5.95 -8.57 4.68
C PRO A 68 -5.90 -9.37 3.38
N ASN A 69 -7.08 -9.73 2.87
CA ASN A 69 -7.17 -10.50 1.64
C ASN A 69 -7.20 -9.57 0.42
N CYS A 70 -7.69 -8.35 0.62
CA CYS A 70 -7.77 -7.37 -0.46
C CYS A 70 -6.38 -6.96 -0.92
N VAL A 71 -5.45 -6.85 0.04
CA VAL A 71 -4.09 -6.46 -0.27
C VAL A 71 -3.53 -7.27 -1.43
N GLY A 72 -3.63 -8.59 -1.32
CA GLY A 72 -3.14 -9.46 -2.38
C GLY A 72 -3.80 -9.19 -3.72
N THR A 73 -5.12 -9.23 -3.75
CA THR A 73 -5.87 -8.98 -4.97
C THR A 73 -5.28 -7.82 -5.76
N VAL A 74 -4.98 -6.74 -5.04
CA VAL A 74 -4.40 -5.56 -5.67
C VAL A 74 -2.97 -5.80 -6.12
N LEU A 75 -2.19 -6.47 -5.27
CA LEU A 75 -0.81 -6.78 -5.58
C LEU A 75 -0.69 -7.49 -6.92
N ALA A 76 -1.44 -8.57 -7.07
CA ALA A 76 -1.43 -9.34 -8.32
C ALA A 76 -1.75 -8.45 -9.51
N SER A 77 -2.61 -7.47 -9.31
CA SER A 77 -3.01 -6.55 -10.37
C SER A 77 -1.81 -5.74 -10.85
N ARG A 78 -0.87 -5.48 -9.95
CA ARG A 78 0.32 -4.70 -10.26
C ARG A 78 0.82 -5.04 -11.67
N PRO A 79 1.46 -4.07 -12.32
CA PRO A 79 1.66 -2.74 -11.75
C PRO A 79 0.38 -1.95 -11.63
N HIS A 80 0.48 -0.69 -11.21
CA HIS A 80 -0.68 0.17 -11.05
C HIS A 80 -0.41 1.57 -11.61
N THR A 81 -1.45 2.38 -11.70
CA THR A 81 -1.33 3.73 -12.21
C THR A 81 -2.57 4.57 -11.89
N LEU A 82 -2.40 5.57 -11.04
CA LEU A 82 -3.50 6.44 -10.66
C LEU A 82 -3.18 7.90 -10.95
N ASP A 83 -4.21 8.69 -11.23
CA ASP A 83 -4.04 10.10 -11.52
C ASP A 83 -2.98 10.31 -12.61
N GLY A 84 -3.03 9.46 -13.63
CA GLY A 84 -2.08 9.55 -14.73
C GLY A 84 -0.65 9.40 -14.26
N ARG A 85 -0.47 8.78 -13.10
CA ARG A 85 0.86 8.57 -12.54
C ARG A 85 1.10 7.10 -12.21
N ASN A 86 2.18 6.54 -12.74
CA ASN A 86 2.51 5.15 -12.49
C ASN A 86 2.83 4.90 -11.02
N ILE A 87 1.97 4.15 -10.34
CA ILE A 87 2.16 3.84 -8.93
C ILE A 87 2.38 2.35 -8.72
N ASP A 88 2.76 1.98 -7.50
CA ASP A 88 2.99 0.58 -7.16
C ASP A 88 2.75 0.33 -5.68
N PRO A 89 1.68 -0.42 -5.36
CA PRO A 89 1.32 -0.74 -3.99
C PRO A 89 2.31 -1.70 -3.34
N LYS A 90 2.30 -1.75 -2.01
CA LYS A 90 3.19 -2.63 -1.27
C LYS A 90 2.47 -3.27 -0.09
N PRO A 91 2.79 -4.54 0.18
CA PRO A 91 2.18 -5.30 1.29
C PRO A 91 2.63 -4.79 2.65
N CYS A 92 3.53 -3.81 2.65
CA CYS A 92 4.04 -3.24 3.89
C CYS A 92 4.78 -4.29 4.71
N THR A 93 5.42 -5.23 4.02
CA THR A 93 6.16 -6.29 4.68
C THR A 93 7.65 -6.23 4.33
N PRO A 94 8.50 -6.74 5.24
CA PRO A 94 9.95 -6.75 5.04
C PRO A 94 10.37 -7.73 3.96
N ARG A 95 11.44 -7.39 3.24
CA ARG A 95 11.95 -8.23 2.17
C ARG A 95 12.31 -9.62 2.69
N GLY A 96 12.38 -10.58 1.79
CA GLY A 96 12.71 -11.94 2.18
C GLY A 96 11.70 -12.95 1.66
N MET A 97 10.43 -12.68 1.89
CA MET A 97 9.37 -13.58 1.44
C MET A 97 9.28 -13.61 -0.08
N GLN A 98 9.90 -14.62 -0.68
CA GLN A 98 9.90 -14.77 -2.13
C GLN A 98 10.16 -16.22 -2.54
N PRO A 99 9.48 -16.67 -3.60
CA PRO A 99 9.61 -18.03 -4.10
C PRO A 99 10.97 -18.27 -4.75
N SER A 100 11.79 -19.09 -4.11
CA SER A 100 13.13 -19.41 -4.62
C SER A 100 13.06 -20.51 -5.66
N GLY A 101 12.00 -21.32 -5.58
CA GLY A 101 11.84 -22.42 -6.53
C GLY A 101 11.16 -23.61 -5.91
N PRO A 102 10.36 -24.33 -6.72
CA PRO A 102 9.62 -25.52 -6.27
C PRO A 102 10.55 -26.70 -5.99
N SER A 103 11.43 -26.99 -6.93
CA SER A 103 12.37 -28.10 -6.80
C SER A 103 13.65 -27.83 -7.58
N SER A 104 14.63 -28.70 -7.39
CA SER A 104 15.92 -28.56 -8.08
C SER A 104 16.01 -29.52 -9.26
N GLY A 105 15.67 -30.78 -9.01
CA GLY A 105 15.72 -31.77 -10.07
C GLY A 105 15.05 -33.07 -9.68
N GLY A 1 -5.80 -18.09 -13.50
CA GLY A 1 -4.86 -17.26 -12.77
C GLY A 1 -4.30 -17.96 -11.56
N SER A 2 -3.15 -17.48 -11.07
CA SER A 2 -2.51 -18.07 -9.90
C SER A 2 -3.17 -17.61 -8.61
N SER A 3 -3.34 -18.53 -7.68
CA SER A 3 -3.97 -18.21 -6.40
C SER A 3 -2.93 -18.12 -5.29
N GLY A 4 -1.99 -19.07 -5.29
CA GLY A 4 -0.95 -19.08 -4.28
C GLY A 4 -0.80 -20.43 -3.61
N SER A 5 0.08 -21.26 -4.16
CA SER A 5 0.30 -22.60 -3.62
C SER A 5 0.32 -22.57 -2.09
N SER A 6 -0.16 -23.63 -1.47
CA SER A 6 -0.20 -23.72 -0.01
C SER A 6 -0.50 -22.36 0.61
N GLY A 7 -1.46 -21.64 0.02
CA GLY A 7 -1.81 -20.34 0.53
C GLY A 7 -0.64 -19.37 0.53
N MET A 8 -0.62 -18.47 1.51
CA MET A 8 0.45 -17.49 1.60
C MET A 8 1.00 -17.42 3.03
N ASN A 9 2.32 -17.51 3.16
CA ASN A 9 2.97 -17.46 4.47
C ASN A 9 3.20 -16.01 4.90
N ASN A 10 3.49 -15.82 6.19
CA ASN A 10 3.75 -14.49 6.72
C ASN A 10 4.39 -14.58 8.10
N SER A 11 5.07 -13.50 8.49
CA SER A 11 5.74 -13.46 9.78
C SER A 11 5.35 -12.20 10.55
N GLY A 12 4.76 -12.39 11.73
CA GLY A 12 4.34 -11.26 12.54
C GLY A 12 3.15 -10.53 11.96
N ALA A 13 2.08 -10.41 12.74
CA ALA A 13 0.87 -9.73 12.30
C ALA A 13 1.00 -8.23 12.46
N ASP A 14 1.64 -7.58 11.49
CA ASP A 14 1.84 -6.14 11.53
C ASP A 14 1.83 -5.55 10.12
N GLU A 15 0.88 -4.66 9.86
CA GLU A 15 0.76 -4.03 8.55
C GLU A 15 0.33 -5.04 7.50
N ILE A 16 -0.48 -6.01 7.91
CA ILE A 16 -0.96 -7.04 6.99
C ILE A 16 -1.94 -6.46 5.98
N GLY A 17 -3.05 -5.92 6.48
CA GLY A 17 -4.06 -5.34 5.61
C GLY A 17 -3.70 -3.92 5.18
N LYS A 18 -2.42 -3.58 5.26
CA LYS A 18 -1.95 -2.26 4.89
C LYS A 18 -1.29 -2.29 3.50
N LEU A 19 -1.57 -1.27 2.70
CA LEU A 19 -1.00 -1.18 1.35
C LEU A 19 -0.25 0.12 1.17
N PHE A 20 1.09 0.03 1.12
CA PHE A 20 1.93 1.21 0.95
C PHE A 20 2.13 1.51 -0.54
N VAL A 21 1.70 2.70 -0.95
CA VAL A 21 1.83 3.12 -2.34
C VAL A 21 3.18 3.81 -2.57
N GLY A 22 3.90 3.35 -3.60
CA GLY A 22 5.19 3.92 -3.91
C GLY A 22 5.25 4.47 -5.33
N GLY A 23 4.93 5.75 -5.48
CA GLY A 23 4.95 6.37 -6.78
C GLY A 23 3.79 7.33 -7.00
N LEU A 24 3.37 7.98 -5.93
CA LEU A 24 2.27 8.93 -5.99
C LEU A 24 2.72 10.25 -6.60
N ASP A 25 1.76 11.11 -6.93
CA ASP A 25 2.06 12.40 -7.52
C ASP A 25 1.58 13.53 -6.62
N TRP A 26 2.36 14.60 -6.54
CA TRP A 26 2.02 15.74 -5.71
C TRP A 26 0.55 16.13 -5.89
N SER A 27 0.00 15.79 -7.05
CA SER A 27 -1.40 16.10 -7.34
C SER A 27 -2.33 15.10 -6.68
N THR A 28 -2.04 13.81 -6.85
CA THR A 28 -2.85 12.75 -6.27
C THR A 28 -3.42 13.18 -4.91
N THR A 29 -4.70 12.90 -4.69
CA THR A 29 -5.35 13.24 -3.44
C THR A 29 -5.80 12.01 -2.69
N GLN A 30 -5.99 12.14 -1.38
CA GLN A 30 -6.43 11.03 -0.54
C GLN A 30 -7.83 10.58 -0.93
N GLU A 31 -8.69 11.55 -1.25
CA GLU A 31 -10.07 11.24 -1.62
C GLU A 31 -10.11 10.26 -2.79
N THR A 32 -9.61 10.71 -3.94
CA THR A 32 -9.59 9.88 -5.14
C THR A 32 -8.86 8.56 -4.88
N LEU A 33 -7.82 8.62 -4.06
CA LEU A 33 -7.04 7.43 -3.74
C LEU A 33 -7.92 6.35 -3.14
N ARG A 34 -8.82 6.75 -2.25
CA ARG A 34 -9.73 5.80 -1.61
C ARG A 34 -10.44 4.95 -2.65
N SER A 35 -11.32 5.58 -3.42
CA SER A 35 -12.07 4.86 -4.46
C SER A 35 -11.14 4.02 -5.32
N TYR A 36 -10.15 4.65 -5.92
CA TYR A 36 -9.20 3.95 -6.78
C TYR A 36 -8.87 2.58 -6.21
N PHE A 37 -8.64 2.53 -4.90
CA PHE A 37 -8.31 1.27 -4.23
C PHE A 37 -9.57 0.56 -3.76
N SER A 38 -10.65 1.33 -3.57
CA SER A 38 -11.91 0.77 -3.12
C SER A 38 -12.42 -0.29 -4.10
N GLN A 39 -12.23 -0.02 -5.39
CA GLN A 39 -12.68 -0.95 -6.43
C GLN A 39 -12.09 -2.34 -6.20
N TYR A 40 -10.92 -2.39 -5.58
CA TYR A 40 -10.26 -3.66 -5.31
C TYR A 40 -10.64 -4.19 -3.93
N GLY A 41 -10.45 -3.37 -2.91
CA GLY A 41 -10.79 -3.77 -1.55
C GLY A 41 -11.41 -2.65 -0.75
N GLU A 42 -12.32 -2.99 0.16
CA GLU A 42 -12.98 -2.01 1.00
C GLU A 42 -11.96 -1.15 1.74
N VAL A 43 -11.72 0.05 1.23
CA VAL A 43 -10.77 0.97 1.84
C VAL A 43 -11.26 1.44 3.21
N VAL A 44 -10.46 1.21 4.23
CA VAL A 44 -10.81 1.61 5.60
C VAL A 44 -10.22 2.97 5.95
N ASP A 45 -8.97 3.17 5.54
CA ASP A 45 -8.28 4.44 5.81
C ASP A 45 -7.16 4.67 4.79
N CYS A 46 -7.21 5.82 4.12
CA CYS A 46 -6.20 6.16 3.12
C CYS A 46 -5.32 7.30 3.62
N VAL A 47 -4.01 7.17 3.37
CA VAL A 47 -3.06 8.19 3.78
C VAL A 47 -2.12 8.57 2.64
N ILE A 48 -1.76 9.84 2.56
CA ILE A 48 -0.87 10.32 1.52
C ILE A 48 0.23 11.22 2.11
N MET A 49 1.42 10.66 2.27
CA MET A 49 2.54 11.41 2.81
C MET A 49 2.81 12.66 1.99
N LYS A 50 2.95 13.79 2.67
CA LYS A 50 3.21 15.06 2.01
C LYS A 50 4.48 15.71 2.54
N ASP A 51 4.82 16.88 2.00
CA ASP A 51 6.02 17.59 2.42
C ASP A 51 5.75 18.40 3.69
N LYS A 52 6.78 19.04 4.21
CA LYS A 52 6.67 19.84 5.43
C LYS A 52 6.49 21.31 5.08
N THR A 53 7.08 21.74 3.97
CA THR A 53 6.99 23.12 3.53
C THR A 53 5.96 23.28 2.43
N THR A 54 6.02 22.42 1.43
CA THR A 54 5.09 22.46 0.31
C THR A 54 3.83 21.65 0.61
N ASN A 55 3.91 20.79 1.61
CA ASN A 55 2.79 19.96 2.01
C ASN A 55 2.17 19.26 0.80
N GLN A 56 3.03 18.80 -0.11
CA GLN A 56 2.58 18.12 -1.32
C GLN A 56 2.98 16.65 -1.29
N SER A 57 2.12 15.80 -1.84
CA SER A 57 2.38 14.37 -1.88
C SER A 57 3.76 14.07 -2.48
N ARG A 58 4.72 13.78 -1.60
CA ARG A 58 6.08 13.48 -2.05
C ARG A 58 6.08 12.42 -3.14
N GLY A 59 5.27 11.39 -2.95
CA GLY A 59 5.19 10.32 -3.93
C GLY A 59 4.99 8.95 -3.29
N PHE A 60 4.25 8.92 -2.19
CA PHE A 60 4.00 7.68 -1.48
C PHE A 60 2.97 7.88 -0.36
N GLY A 61 2.29 6.82 0.01
CA GLY A 61 1.29 6.91 1.07
C GLY A 61 0.96 5.56 1.67
N PHE A 62 -0.30 5.36 2.02
CA PHE A 62 -0.75 4.10 2.61
C PHE A 62 -2.25 3.89 2.40
N VAL A 63 -2.69 2.64 2.51
CA VAL A 63 -4.09 2.32 2.33
C VAL A 63 -4.48 1.09 3.14
N LYS A 64 -5.44 1.25 4.04
CA LYS A 64 -5.90 0.16 4.88
C LYS A 64 -7.08 -0.57 4.24
N PHE A 65 -7.13 -1.88 4.42
CA PHE A 65 -8.20 -2.70 3.85
C PHE A 65 -8.91 -3.49 4.94
N LYS A 66 -10.23 -3.35 5.01
CA LYS A 66 -11.03 -4.05 6.00
C LYS A 66 -10.47 -5.45 6.26
N ASP A 67 -10.10 -6.14 5.18
CA ASP A 67 -9.55 -7.48 5.29
C ASP A 67 -8.17 -7.56 4.64
N PRO A 68 -7.28 -8.35 5.25
CA PRO A 68 -5.90 -8.52 4.75
C PRO A 68 -5.85 -9.31 3.45
N ASN A 69 -7.03 -9.69 2.94
CA ASN A 69 -7.12 -10.44 1.70
C ASN A 69 -7.16 -9.51 0.50
N CYS A 70 -7.64 -8.29 0.71
CA CYS A 70 -7.72 -7.30 -0.36
C CYS A 70 -6.33 -6.94 -0.88
N VAL A 71 -5.37 -6.85 0.04
CA VAL A 71 -3.99 -6.52 -0.33
C VAL A 71 -3.52 -7.37 -1.50
N GLY A 72 -3.64 -8.68 -1.35
CA GLY A 72 -3.21 -9.59 -2.40
C GLY A 72 -3.86 -9.27 -3.74
N THR A 73 -5.19 -9.27 -3.76
CA THR A 73 -5.94 -8.99 -4.98
C THR A 73 -5.32 -7.80 -5.74
N VAL A 74 -4.94 -6.77 -4.99
CA VAL A 74 -4.34 -5.59 -5.59
C VAL A 74 -2.90 -5.85 -6.01
N LEU A 75 -2.16 -6.55 -5.16
CA LEU A 75 -0.77 -6.87 -5.45
C LEU A 75 -0.64 -7.60 -6.79
N ALA A 76 -1.61 -8.46 -7.09
CA ALA A 76 -1.60 -9.21 -8.33
C ALA A 76 -1.99 -8.33 -9.51
N SER A 77 -2.83 -7.33 -9.24
CA SER A 77 -3.28 -6.42 -10.27
C SER A 77 -2.14 -5.54 -10.78
N ARG A 78 -1.11 -5.40 -9.95
CA ARG A 78 0.05 -4.59 -10.31
C ARG A 78 0.51 -4.90 -11.72
N PRO A 79 1.15 -3.92 -12.37
CA PRO A 79 1.41 -2.61 -11.77
C PRO A 79 0.13 -1.79 -11.60
N HIS A 80 0.27 -0.60 -11.03
CA HIS A 80 -0.87 0.28 -10.81
C HIS A 80 -0.58 1.68 -11.33
N THR A 81 -1.63 2.36 -11.79
CA THR A 81 -1.48 3.72 -12.32
C THR A 81 -2.72 4.56 -12.01
N LEU A 82 -2.60 5.46 -11.05
CA LEU A 82 -3.70 6.33 -10.66
C LEU A 82 -3.35 7.79 -10.89
N ASP A 83 -4.28 8.53 -11.49
CA ASP A 83 -4.07 9.95 -11.77
C ASP A 83 -2.89 10.14 -12.71
N GLY A 84 -2.93 9.47 -13.85
CA GLY A 84 -1.84 9.59 -14.82
C GLY A 84 -0.47 9.54 -14.17
N ARG A 85 -0.38 8.86 -13.03
CA ARG A 85 0.88 8.75 -12.30
C ARG A 85 1.17 7.29 -11.97
N ASN A 86 2.29 6.78 -12.51
CA ASN A 86 2.69 5.40 -12.27
C ASN A 86 2.94 5.16 -10.79
N ILE A 87 2.14 4.26 -10.20
CA ILE A 87 2.28 3.93 -8.79
C ILE A 87 2.39 2.43 -8.57
N ASP A 88 2.82 2.03 -7.39
CA ASP A 88 2.97 0.61 -7.06
C ASP A 88 2.79 0.38 -5.56
N PRO A 89 1.71 -0.30 -5.18
CA PRO A 89 1.39 -0.60 -3.79
C PRO A 89 2.36 -1.63 -3.19
N LYS A 90 2.32 -1.77 -1.88
CA LYS A 90 3.18 -2.72 -1.18
C LYS A 90 2.49 -3.30 0.05
N PRO A 91 2.74 -4.59 0.32
CA PRO A 91 2.15 -5.28 1.46
C PRO A 91 2.70 -4.80 2.79
N CYS A 92 3.72 -3.95 2.72
CA CYS A 92 4.35 -3.40 3.92
C CYS A 92 4.99 -4.51 4.75
N THR A 93 5.64 -5.45 4.08
CA THR A 93 6.29 -6.56 4.74
C THR A 93 7.80 -6.54 4.50
N PRO A 94 8.56 -7.11 5.45
CA PRO A 94 10.02 -7.17 5.37
C PRO A 94 10.50 -8.13 4.28
N ARG A 95 9.85 -9.28 4.19
CA ARG A 95 10.20 -10.29 3.19
C ARG A 95 11.65 -10.73 3.38
N GLY A 96 11.99 -11.15 4.59
CA GLY A 96 13.35 -11.58 4.88
C GLY A 96 13.54 -11.96 6.33
N MET A 97 12.53 -12.60 6.92
CA MET A 97 12.60 -13.02 8.31
C MET A 97 12.27 -14.50 8.46
N GLN A 98 12.36 -15.00 9.68
CA GLN A 98 12.06 -16.41 9.95
C GLN A 98 10.94 -16.54 10.98
N PRO A 99 10.18 -17.65 10.89
CA PRO A 99 9.07 -17.91 11.81
C PRO A 99 9.56 -18.24 13.22
N SER A 100 8.81 -17.78 14.22
CA SER A 100 9.15 -18.02 15.61
C SER A 100 7.93 -17.90 16.51
N GLY A 101 8.12 -18.17 17.79
CA GLY A 101 7.01 -18.08 18.73
C GLY A 101 7.08 -16.84 19.59
N PRO A 102 6.29 -15.81 19.21
CA PRO A 102 6.24 -14.54 19.94
C PRO A 102 5.58 -14.67 21.30
N SER A 103 5.86 -13.72 22.18
CA SER A 103 5.29 -13.72 23.53
C SER A 103 3.77 -13.79 23.47
N SER A 104 3.17 -14.32 24.53
CA SER A 104 1.71 -14.43 24.61
C SER A 104 1.05 -13.06 24.47
N GLY A 105 -0.28 -13.07 24.38
CA GLY A 105 -1.02 -11.83 24.25
C GLY A 105 -2.51 -12.03 24.35
N GLY A 1 23.96 9.30 1.59
CA GLY A 1 22.90 9.60 0.64
C GLY A 1 21.52 9.50 1.27
N SER A 2 20.82 8.41 1.00
CA SER A 2 19.48 8.20 1.55
C SER A 2 19.46 8.47 3.04
N SER A 3 20.22 7.69 3.79
CA SER A 3 20.29 7.84 5.24
C SER A 3 19.00 7.38 5.89
N GLY A 4 18.46 6.26 5.40
CA GLY A 4 17.22 5.73 5.95
C GLY A 4 16.98 4.29 5.54
N SER A 5 17.68 3.37 6.18
CA SER A 5 17.55 1.95 5.88
C SER A 5 16.16 1.44 6.25
N SER A 6 15.79 1.63 7.51
CA SER A 6 14.48 1.19 8.01
C SER A 6 13.92 2.19 9.01
N GLY A 7 12.65 2.56 8.81
CA GLY A 7 12.01 3.50 9.71
C GLY A 7 11.61 2.87 11.03
N MET A 8 10.41 2.31 11.08
CA MET A 8 9.91 1.67 12.29
C MET A 8 10.51 0.28 12.46
N ASN A 9 10.50 -0.50 11.39
CA ASN A 9 11.05 -1.85 11.42
C ASN A 9 10.29 -2.72 12.42
N ASN A 10 8.97 -2.58 12.43
CA ASN A 10 8.14 -3.36 13.34
C ASN A 10 7.35 -4.43 12.59
N SER A 11 7.48 -5.67 13.04
CA SER A 11 6.79 -6.79 12.41
C SER A 11 5.63 -7.27 13.27
N GLY A 12 4.40 -7.02 12.82
CA GLY A 12 3.23 -7.44 13.57
C GLY A 12 2.08 -7.81 12.66
N ALA A 13 0.86 -7.63 13.17
CA ALA A 13 -0.34 -7.95 12.40
C ALA A 13 -1.18 -6.71 12.14
N ASP A 14 -0.51 -5.59 11.89
CA ASP A 14 -1.20 -4.33 11.63
C ASP A 14 -0.95 -3.86 10.20
N GLU A 15 0.14 -4.32 9.61
CA GLU A 15 0.49 -3.95 8.25
C GLU A 15 -0.12 -4.93 7.25
N ILE A 16 -0.54 -6.09 7.74
CA ILE A 16 -1.14 -7.11 6.89
C ILE A 16 -2.17 -6.50 5.95
N GLY A 17 -3.20 -5.89 6.51
CA GLY A 17 -4.23 -5.27 5.71
C GLY A 17 -3.85 -3.89 5.23
N LYS A 18 -2.57 -3.57 5.31
CA LYS A 18 -2.07 -2.26 4.88
C LYS A 18 -1.42 -2.36 3.51
N LEU A 19 -1.52 -1.29 2.74
CA LEU A 19 -0.94 -1.24 1.40
C LEU A 19 -0.23 0.08 1.16
N PHE A 20 1.09 0.03 0.97
CA PHE A 20 1.87 1.23 0.72
C PHE A 20 1.99 1.51 -0.77
N VAL A 21 1.42 2.63 -1.20
CA VAL A 21 1.45 3.02 -2.61
C VAL A 21 2.69 3.86 -2.91
N GLY A 22 3.55 3.33 -3.78
CA GLY A 22 4.76 4.04 -4.14
C GLY A 22 4.71 4.60 -5.54
N GLY A 23 4.84 5.91 -5.67
CA GLY A 23 4.80 6.55 -6.97
C GLY A 23 3.58 7.43 -7.16
N LEU A 24 3.22 8.16 -6.10
CA LEU A 24 2.07 9.05 -6.14
C LEU A 24 2.42 10.38 -6.81
N ASP A 25 1.44 11.26 -6.94
CA ASP A 25 1.65 12.56 -7.54
C ASP A 25 1.49 13.67 -6.51
N TRP A 26 2.09 14.82 -6.79
CA TRP A 26 2.02 15.96 -5.88
C TRP A 26 0.58 16.48 -5.79
N SER A 27 -0.26 16.05 -6.71
CA SER A 27 -1.66 16.48 -6.74
C SER A 27 -2.56 15.43 -6.10
N THR A 28 -2.24 14.16 -6.35
CA THR A 28 -3.03 13.05 -5.80
C THR A 28 -3.53 13.38 -4.39
N THR A 29 -4.79 13.03 -4.13
CA THR A 29 -5.39 13.30 -2.82
C THR A 29 -5.89 12.00 -2.19
N GLN A 30 -6.09 12.03 -0.87
CA GLN A 30 -6.57 10.85 -0.15
C GLN A 30 -7.94 10.43 -0.66
N GLU A 31 -8.72 11.41 -1.14
CA GLU A 31 -10.05 11.13 -1.65
C GLU A 31 -10.00 10.19 -2.86
N THR A 32 -9.39 10.66 -3.94
CA THR A 32 -9.28 9.86 -5.15
C THR A 32 -8.52 8.56 -4.89
N LEU A 33 -7.42 8.66 -4.14
CA LEU A 33 -6.61 7.50 -3.81
C LEU A 33 -7.45 6.41 -3.15
N ARG A 34 -8.38 6.84 -2.31
CA ARG A 34 -9.26 5.91 -1.60
C ARG A 34 -10.05 5.06 -2.59
N SER A 35 -10.87 5.73 -3.40
CA SER A 35 -11.69 5.04 -4.39
C SER A 35 -10.84 4.15 -5.29
N TYR A 36 -9.84 4.75 -5.93
CA TYR A 36 -8.95 4.02 -6.82
C TYR A 36 -8.64 2.63 -6.25
N PHE A 37 -8.39 2.57 -4.95
CA PHE A 37 -8.07 1.31 -4.29
C PHE A 37 -9.34 0.67 -3.73
N SER A 38 -10.37 1.48 -3.53
CA SER A 38 -11.64 0.99 -2.99
C SER A 38 -12.28 -0.01 -3.95
N GLN A 39 -12.10 0.23 -5.25
CA GLN A 39 -12.68 -0.65 -6.27
C GLN A 39 -12.16 -2.08 -6.09
N TYR A 40 -11.03 -2.22 -5.41
CA TYR A 40 -10.44 -3.53 -5.19
C TYR A 40 -10.85 -4.09 -3.83
N GLY A 41 -10.64 -3.30 -2.78
CA GLY A 41 -11.00 -3.73 -1.44
C GLY A 41 -11.57 -2.60 -0.60
N GLU A 42 -12.50 -2.94 0.28
CA GLU A 42 -13.13 -1.95 1.15
C GLU A 42 -12.09 -1.14 1.90
N VAL A 43 -11.81 0.06 1.40
CA VAL A 43 -10.83 0.95 2.03
C VAL A 43 -11.29 1.39 3.41
N VAL A 44 -10.49 1.08 4.42
CA VAL A 44 -10.81 1.45 5.80
C VAL A 44 -10.21 2.81 6.16
N ASP A 45 -8.97 3.02 5.75
CA ASP A 45 -8.29 4.27 6.02
C ASP A 45 -7.21 4.55 4.98
N CYS A 46 -7.19 5.77 4.44
CA CYS A 46 -6.22 6.14 3.43
C CYS A 46 -5.35 7.29 3.93
N VAL A 47 -4.04 7.18 3.70
CA VAL A 47 -3.09 8.21 4.13
C VAL A 47 -2.18 8.62 2.99
N ILE A 48 -1.87 9.91 2.93
CA ILE A 48 -1.00 10.44 1.87
C ILE A 48 0.08 11.32 2.46
N MET A 49 1.31 10.79 2.55
CA MET A 49 2.43 11.54 3.09
C MET A 49 2.64 12.84 2.31
N LYS A 50 2.83 13.93 3.04
CA LYS A 50 3.05 15.24 2.43
C LYS A 50 4.25 15.94 3.04
N ASP A 51 4.89 16.81 2.26
CA ASP A 51 6.06 17.54 2.73
C ASP A 51 5.77 18.22 4.07
N LYS A 52 6.82 18.51 4.83
CA LYS A 52 6.69 19.15 6.12
C LYS A 52 6.21 20.59 5.97
N THR A 53 6.64 21.24 4.88
CA THR A 53 6.25 22.61 4.61
C THR A 53 5.28 22.70 3.44
N THR A 54 5.80 22.47 2.24
CA THR A 54 4.99 22.52 1.03
C THR A 54 3.69 21.74 1.21
N ASN A 55 3.70 20.77 2.13
CA ASN A 55 2.53 19.95 2.40
C ASN A 55 1.96 19.38 1.10
N GLN A 56 2.84 18.98 0.20
CA GLN A 56 2.42 18.42 -1.08
C GLN A 56 2.78 16.95 -1.17
N SER A 57 1.82 16.13 -1.59
CA SER A 57 2.04 14.69 -1.72
C SER A 57 3.46 14.40 -2.20
N ARG A 58 4.32 14.00 -1.27
CA ARG A 58 5.71 13.69 -1.60
C ARG A 58 5.78 12.72 -2.76
N GLY A 59 4.90 11.73 -2.76
CA GLY A 59 4.88 10.74 -3.83
C GLY A 59 4.67 9.33 -3.31
N PHE A 60 3.93 9.21 -2.21
CA PHE A 60 3.66 7.91 -1.61
C PHE A 60 2.65 8.03 -0.48
N GLY A 61 1.98 6.92 -0.16
CA GLY A 61 0.99 6.93 0.89
C GLY A 61 0.69 5.53 1.42
N PHE A 62 -0.50 5.36 1.99
CA PHE A 62 -0.90 4.06 2.53
C PHE A 62 -2.39 3.85 2.35
N VAL A 63 -2.80 2.58 2.35
CA VAL A 63 -4.21 2.23 2.18
C VAL A 63 -4.58 1.03 3.04
N LYS A 64 -5.59 1.19 3.88
CA LYS A 64 -6.05 0.11 4.75
C LYS A 64 -7.22 -0.63 4.13
N PHE A 65 -7.32 -1.93 4.43
CA PHE A 65 -8.40 -2.76 3.90
C PHE A 65 -9.07 -3.55 5.02
N LYS A 66 -10.39 -3.48 5.07
CA LYS A 66 -11.16 -4.20 6.09
C LYS A 66 -10.66 -5.62 6.25
N ASP A 67 -10.15 -6.19 5.16
CA ASP A 67 -9.63 -7.55 5.18
C ASP A 67 -8.21 -7.59 4.62
N PRO A 68 -7.35 -8.41 5.24
CA PRO A 68 -5.95 -8.57 4.82
C PRO A 68 -5.82 -9.29 3.49
N ASN A 69 -6.96 -9.69 2.92
CA ASN A 69 -6.98 -10.39 1.64
C ASN A 69 -6.98 -9.40 0.48
N CYS A 70 -7.61 -8.25 0.69
CA CYS A 70 -7.69 -7.23 -0.34
C CYS A 70 -6.30 -6.83 -0.82
N VAL A 71 -5.35 -6.80 0.11
CA VAL A 71 -3.97 -6.43 -0.22
C VAL A 71 -3.45 -7.26 -1.38
N GLY A 72 -3.49 -8.57 -1.24
CA GLY A 72 -3.01 -9.45 -2.29
C GLY A 72 -3.68 -9.17 -3.63
N THR A 73 -5.01 -9.21 -3.65
CA THR A 73 -5.77 -8.97 -4.87
C THR A 73 -5.18 -7.79 -5.64
N VAL A 74 -4.84 -6.72 -4.93
CA VAL A 74 -4.26 -5.54 -5.56
C VAL A 74 -2.82 -5.78 -5.98
N LEU A 75 -2.06 -6.46 -5.12
CA LEU A 75 -0.66 -6.76 -5.41
C LEU A 75 -0.52 -7.53 -6.72
N ALA A 76 -1.48 -8.42 -6.98
CA ALA A 76 -1.47 -9.23 -8.19
C ALA A 76 -1.94 -8.40 -9.39
N SER A 77 -2.85 -7.47 -9.14
CA SER A 77 -3.39 -6.62 -10.20
C SER A 77 -2.30 -5.72 -10.77
N ARG A 78 -1.22 -5.55 -10.01
CA ARG A 78 -0.10 -4.71 -10.44
C ARG A 78 0.31 -5.04 -11.87
N PRO A 79 0.97 -4.08 -12.53
CA PRO A 79 1.29 -2.78 -11.93
C PRO A 79 0.05 -1.92 -11.72
N HIS A 80 0.25 -0.70 -11.21
CA HIS A 80 -0.84 0.22 -10.95
C HIS A 80 -0.48 1.63 -11.40
N THR A 81 -1.41 2.28 -12.09
CA THR A 81 -1.18 3.64 -12.58
C THR A 81 -2.40 4.53 -12.32
N LEU A 82 -2.32 5.33 -11.26
CA LEU A 82 -3.41 6.22 -10.90
C LEU A 82 -3.07 7.67 -11.26
N ASP A 83 -4.04 8.37 -11.84
CA ASP A 83 -3.84 9.77 -12.23
C ASP A 83 -2.67 9.90 -13.20
N GLY A 84 -2.71 9.11 -14.27
CA GLY A 84 -1.65 9.16 -15.26
C GLY A 84 -0.27 9.13 -14.63
N ARG A 85 -0.13 8.40 -13.53
CA ARG A 85 1.14 8.30 -12.83
C ARG A 85 1.49 6.82 -12.55
N ASN A 86 2.77 6.51 -12.64
CA ASN A 86 3.24 5.15 -12.40
C ASN A 86 3.39 4.88 -10.91
N ILE A 87 2.46 4.13 -10.35
CA ILE A 87 2.49 3.80 -8.92
C ILE A 87 2.63 2.29 -8.71
N ASP A 88 3.01 1.91 -7.50
CA ASP A 88 3.18 0.49 -7.18
C ASP A 88 2.96 0.26 -5.68
N PRO A 89 1.88 -0.44 -5.35
CA PRO A 89 1.53 -0.76 -3.96
C PRO A 89 2.49 -1.76 -3.33
N LYS A 90 2.41 -1.91 -2.01
CA LYS A 90 3.27 -2.84 -1.29
C LYS A 90 2.54 -3.43 -0.09
N PRO A 91 2.83 -4.71 0.21
CA PRO A 91 2.22 -5.42 1.33
C PRO A 91 2.68 -4.88 2.69
N CYS A 92 3.66 -3.98 2.66
CA CYS A 92 4.19 -3.39 3.88
C CYS A 92 4.83 -4.47 4.77
N THR A 93 5.65 -5.32 4.16
CA THR A 93 6.31 -6.38 4.89
C THR A 93 7.78 -6.50 4.49
N PRO A 94 8.61 -7.02 5.41
CA PRO A 94 10.04 -7.20 5.16
C PRO A 94 10.32 -8.30 4.14
N ARG A 95 11.48 -8.22 3.50
CA ARG A 95 11.87 -9.21 2.50
C ARG A 95 11.67 -10.63 3.03
N GLY A 96 11.74 -10.77 4.35
CA GLY A 96 11.56 -12.08 4.96
C GLY A 96 10.25 -12.73 4.57
N MET A 97 10.24 -13.40 3.42
CA MET A 97 9.03 -14.07 2.94
C MET A 97 8.70 -15.28 3.80
N GLN A 98 8.05 -15.03 4.93
CA GLN A 98 7.67 -16.10 5.84
C GLN A 98 6.29 -15.85 6.44
N PRO A 99 5.54 -16.93 6.67
CA PRO A 99 4.19 -16.85 7.24
C PRO A 99 4.20 -16.43 8.70
N SER A 100 5.24 -16.85 9.43
CA SER A 100 5.37 -16.52 10.84
C SER A 100 4.06 -16.76 11.57
N GLY A 101 3.39 -17.86 11.25
CA GLY A 101 2.13 -18.18 11.89
C GLY A 101 1.00 -17.29 11.42
N PRO A 102 0.29 -17.73 10.37
CA PRO A 102 -0.83 -16.97 9.81
C PRO A 102 -2.04 -16.94 10.75
N SER A 103 -2.74 -15.80 10.76
CA SER A 103 -3.91 -15.65 11.62
C SER A 103 -5.11 -16.37 11.02
N SER A 104 -5.78 -17.17 11.85
CA SER A 104 -6.94 -17.94 11.40
C SER A 104 -8.20 -17.47 12.13
N GLY A 105 -8.16 -17.52 13.46
CA GLY A 105 -9.30 -17.10 14.25
C GLY A 105 -10.26 -18.24 14.53
N GLY A 1 15.77 -20.05 19.03
CA GLY A 1 14.48 -20.07 18.37
C GLY A 1 13.35 -19.68 19.30
N SER A 2 12.18 -19.42 18.73
CA SER A 2 11.01 -19.04 19.52
C SER A 2 10.53 -20.21 20.39
N SER A 3 9.85 -19.87 21.49
CA SER A 3 9.34 -20.89 22.39
C SER A 3 8.03 -21.48 21.88
N GLY A 4 7.07 -20.60 21.59
CA GLY A 4 5.79 -21.05 21.09
C GLY A 4 4.67 -20.10 21.43
N SER A 5 3.43 -20.54 21.26
CA SER A 5 2.27 -19.72 21.55
C SER A 5 1.08 -20.57 22.00
N SER A 6 0.54 -20.24 23.17
CA SER A 6 -0.60 -20.99 23.72
C SER A 6 -1.57 -21.37 22.62
N GLY A 7 -1.74 -22.68 22.40
CA GLY A 7 -2.65 -23.15 21.38
C GLY A 7 -2.28 -22.65 19.99
N MET A 8 -3.29 -22.39 19.18
CA MET A 8 -3.07 -21.91 17.82
C MET A 8 -3.39 -20.42 17.71
N ASN A 9 -2.37 -19.59 17.83
CA ASN A 9 -2.54 -18.14 17.74
C ASN A 9 -1.71 -17.55 16.60
N ASN A 10 -2.11 -16.38 16.14
CA ASN A 10 -1.39 -15.71 15.05
C ASN A 10 -0.49 -14.60 15.59
N SER A 11 0.36 -14.07 14.72
CA SER A 11 1.29 -13.02 15.11
C SER A 11 0.59 -11.65 15.11
N GLY A 12 -0.63 -11.63 15.62
CA GLY A 12 -1.38 -10.39 15.67
C GLY A 12 -1.52 -9.73 14.31
N ALA A 13 -2.03 -8.51 14.28
CA ALA A 13 -2.21 -7.78 13.04
C ALA A 13 -1.64 -6.36 13.15
N ASP A 14 -0.77 -6.01 12.21
CA ASP A 14 -0.15 -4.68 12.20
C ASP A 14 -0.21 -4.07 10.81
N GLU A 15 0.63 -4.57 9.91
CA GLU A 15 0.68 -4.06 8.55
C GLU A 15 0.16 -5.11 7.56
N ILE A 16 -0.66 -6.03 8.07
CA ILE A 16 -1.24 -7.07 7.24
C ILE A 16 -2.19 -6.49 6.19
N GLY A 17 -3.26 -5.86 6.66
CA GLY A 17 -4.23 -5.27 5.77
C GLY A 17 -3.81 -3.90 5.28
N LYS A 18 -2.52 -3.60 5.38
CA LYS A 18 -1.99 -2.32 4.96
C LYS A 18 -1.40 -2.41 3.55
N LEU A 19 -1.52 -1.32 2.80
CA LEU A 19 -0.99 -1.28 1.44
C LEU A 19 -0.24 0.02 1.18
N PHE A 20 1.09 -0.06 1.21
CA PHE A 20 1.93 1.11 0.98
C PHE A 20 2.12 1.36 -0.51
N VAL A 21 1.54 2.45 -1.00
CA VAL A 21 1.63 2.81 -2.40
C VAL A 21 2.85 3.70 -2.66
N GLY A 22 3.74 3.24 -3.55
CA GLY A 22 4.93 4.00 -3.87
C GLY A 22 4.91 4.53 -5.29
N GLY A 23 4.86 5.85 -5.44
CA GLY A 23 4.85 6.45 -6.75
C GLY A 23 3.69 7.41 -6.94
N LEU A 24 3.31 8.09 -5.86
CA LEU A 24 2.21 9.04 -5.90
C LEU A 24 2.63 10.33 -6.59
N ASP A 25 1.65 11.18 -6.91
CA ASP A 25 1.93 12.46 -7.56
C ASP A 25 1.55 13.63 -6.67
N TRP A 26 2.29 14.73 -6.78
CA TRP A 26 2.03 15.91 -5.98
C TRP A 26 0.55 16.29 -6.03
N SER A 27 -0.12 15.85 -7.09
CA SER A 27 -1.54 16.14 -7.27
C SER A 27 -2.41 15.10 -6.58
N THR A 28 -2.06 13.84 -6.76
CA THR A 28 -2.80 12.74 -6.15
C THR A 28 -3.33 13.12 -4.78
N THR A 29 -4.61 12.84 -4.54
CA THR A 29 -5.24 13.17 -3.27
C THR A 29 -5.73 11.91 -2.56
N GLN A 30 -5.92 12.00 -1.26
CA GLN A 30 -6.39 10.87 -0.46
C GLN A 30 -7.82 10.50 -0.83
N GLU A 31 -8.63 11.52 -1.11
CA GLU A 31 -10.02 11.30 -1.48
C GLU A 31 -10.14 10.38 -2.69
N THR A 32 -9.59 10.84 -3.83
CA THR A 32 -9.64 10.05 -5.06
C THR A 32 -8.94 8.70 -4.87
N LEU A 33 -7.80 8.72 -4.20
CA LEU A 33 -7.04 7.49 -3.96
C LEU A 33 -7.96 6.40 -3.42
N ARG A 34 -8.57 6.64 -2.27
CA ARG A 34 -9.46 5.67 -1.66
C ARG A 34 -10.25 4.91 -2.71
N SER A 35 -11.09 5.63 -3.45
CA SER A 35 -11.90 5.03 -4.49
C SER A 35 -11.07 4.13 -5.39
N TYR A 36 -9.96 4.67 -5.89
CA TYR A 36 -9.07 3.92 -6.77
C TYR A 36 -8.77 2.54 -6.19
N PHE A 37 -8.28 2.52 -4.96
CA PHE A 37 -7.95 1.27 -4.29
C PHE A 37 -9.20 0.62 -3.69
N SER A 38 -10.29 1.38 -3.67
CA SER A 38 -11.56 0.88 -3.12
C SER A 38 -12.16 -0.17 -4.04
N GLN A 39 -12.21 0.14 -5.33
CA GLN A 39 -12.76 -0.79 -6.32
C GLN A 39 -12.26 -2.20 -6.08
N TYR A 40 -11.08 -2.32 -5.49
CA TYR A 40 -10.48 -3.63 -5.21
C TYR A 40 -10.91 -4.14 -3.84
N GLY A 41 -10.78 -3.28 -2.82
CA GLY A 41 -11.15 -3.66 -1.48
C GLY A 41 -11.66 -2.48 -0.67
N GLU A 42 -12.57 -2.77 0.26
CA GLU A 42 -13.16 -1.74 1.10
C GLU A 42 -12.06 -0.94 1.82
N VAL A 43 -11.74 0.23 1.28
CA VAL A 43 -10.71 1.08 1.88
C VAL A 43 -11.13 1.57 3.26
N VAL A 44 -10.42 1.12 4.28
CA VAL A 44 -10.70 1.51 5.66
C VAL A 44 -10.13 2.90 5.97
N ASP A 45 -8.90 3.13 5.52
CA ASP A 45 -8.23 4.41 5.75
C ASP A 45 -7.16 4.67 4.70
N CYS A 46 -7.12 5.88 4.18
CA CYS A 46 -6.14 6.25 3.16
C CYS A 46 -5.26 7.40 3.65
N VAL A 47 -3.97 7.29 3.38
CA VAL A 47 -3.01 8.32 3.79
C VAL A 47 -2.06 8.67 2.65
N ILE A 48 -1.75 9.95 2.53
CA ILE A 48 -0.85 10.43 1.47
C ILE A 48 0.18 11.40 2.04
N MET A 49 1.39 10.91 2.26
CA MET A 49 2.46 11.74 2.79
C MET A 49 2.61 13.02 1.99
N LYS A 50 3.01 14.10 2.67
CA LYS A 50 3.18 15.40 2.01
C LYS A 50 4.42 16.11 2.53
N ASP A 51 4.91 17.09 1.77
CA ASP A 51 6.09 17.84 2.16
C ASP A 51 5.87 18.54 3.50
N LYS A 52 6.96 18.88 4.17
CA LYS A 52 6.90 19.55 5.46
C LYS A 52 6.55 21.03 5.28
N THR A 53 6.67 21.51 4.05
CA THR A 53 6.36 22.91 3.75
C THR A 53 5.36 23.01 2.60
N THR A 54 5.78 22.58 1.42
CA THR A 54 4.93 22.63 0.23
C THR A 54 3.64 21.85 0.46
N ASN A 55 3.63 21.02 1.49
CA ASN A 55 2.45 20.21 1.82
C ASN A 55 1.86 19.59 0.56
N GLN A 56 2.72 19.10 -0.31
CA GLN A 56 2.28 18.48 -1.56
C GLN A 56 2.67 17.00 -1.60
N SER A 57 1.71 16.14 -1.95
CA SER A 57 1.95 14.72 -2.03
C SER A 57 3.37 14.43 -2.51
N ARG A 58 4.27 14.16 -1.56
CA ARG A 58 5.66 13.87 -1.88
C ARG A 58 5.75 12.83 -3.00
N GLY A 59 4.99 11.75 -2.86
CA GLY A 59 5.01 10.71 -3.88
C GLY A 59 4.87 9.32 -3.27
N PHE A 60 4.13 9.22 -2.17
CA PHE A 60 3.93 7.95 -1.50
C PHE A 60 2.92 8.09 -0.35
N GLY A 61 2.30 6.98 0.02
CA GLY A 61 1.32 7.01 1.09
C GLY A 61 1.00 5.62 1.62
N PHE A 62 -0.24 5.41 2.04
CA PHE A 62 -0.66 4.13 2.57
C PHE A 62 -2.16 3.91 2.35
N VAL A 63 -2.59 2.65 2.38
CA VAL A 63 -3.99 2.31 2.19
C VAL A 63 -4.37 1.07 2.98
N LYS A 64 -5.34 1.23 3.89
CA LYS A 64 -5.80 0.13 4.71
C LYS A 64 -6.96 -0.60 4.05
N PHE A 65 -7.09 -1.89 4.35
CA PHE A 65 -8.17 -2.70 3.79
C PHE A 65 -8.89 -3.49 4.88
N LYS A 66 -10.20 -3.35 4.92
CA LYS A 66 -11.01 -4.05 5.92
C LYS A 66 -10.55 -5.50 6.07
N ASP A 67 -10.12 -6.11 4.97
CA ASP A 67 -9.65 -7.49 4.99
C ASP A 67 -8.20 -7.57 4.51
N PRO A 68 -7.39 -8.36 5.22
CA PRO A 68 -5.98 -8.56 4.88
C PRO A 68 -5.78 -9.34 3.59
N ASN A 69 -6.89 -9.75 2.99
CA ASN A 69 -6.84 -10.51 1.74
C ASN A 69 -6.91 -9.59 0.53
N CYS A 70 -7.59 -8.46 0.70
CA CYS A 70 -7.73 -7.49 -0.39
C CYS A 70 -6.38 -7.01 -0.86
N VAL A 71 -5.42 -6.93 0.07
CA VAL A 71 -4.08 -6.48 -0.25
C VAL A 71 -3.50 -7.27 -1.42
N GLY A 72 -3.51 -8.60 -1.30
CA GLY A 72 -2.97 -9.45 -2.35
C GLY A 72 -3.68 -9.22 -3.68
N THR A 73 -4.99 -9.33 -3.68
CA THR A 73 -5.78 -9.14 -4.89
C THR A 73 -5.24 -7.97 -5.71
N VAL A 74 -4.90 -6.89 -5.04
CA VAL A 74 -4.36 -5.70 -5.71
C VAL A 74 -2.93 -5.93 -6.17
N LEU A 75 -2.11 -6.49 -5.27
CA LEU A 75 -0.71 -6.76 -5.58
C LEU A 75 -0.58 -7.51 -6.90
N ALA A 76 -1.40 -8.54 -7.07
CA ALA A 76 -1.37 -9.34 -8.29
C ALA A 76 -1.76 -8.50 -9.50
N SER A 77 -2.70 -7.57 -9.31
CA SER A 77 -3.16 -6.71 -10.38
C SER A 77 -2.02 -5.83 -10.90
N ARG A 78 -1.07 -5.51 -10.02
CA ARG A 78 0.06 -4.68 -10.38
C ARG A 78 0.51 -4.97 -11.81
N PRO A 79 1.14 -3.97 -12.45
CA PRO A 79 1.40 -2.67 -11.82
C PRO A 79 0.11 -1.87 -11.63
N HIS A 80 0.26 -0.64 -11.12
CA HIS A 80 -0.89 0.22 -10.89
C HIS A 80 -0.59 1.65 -11.34
N THR A 81 -1.60 2.33 -11.86
CA THR A 81 -1.45 3.70 -12.33
C THR A 81 -2.70 4.52 -12.06
N LEU A 82 -2.63 5.39 -11.04
CA LEU A 82 -3.75 6.23 -10.68
C LEU A 82 -3.44 7.70 -10.95
N ASP A 83 -4.39 8.39 -11.57
CA ASP A 83 -4.22 9.81 -11.88
C ASP A 83 -3.00 10.03 -12.78
N GLY A 84 -2.98 9.32 -13.91
CA GLY A 84 -1.86 9.44 -14.84
C GLY A 84 -0.52 9.43 -14.13
N ARG A 85 -0.48 8.86 -12.94
CA ARG A 85 0.75 8.79 -12.17
C ARG A 85 1.14 7.35 -11.87
N ASN A 86 2.34 6.96 -12.28
CA ASN A 86 2.83 5.60 -12.06
C ASN A 86 2.98 5.31 -10.57
N ILE A 87 2.26 4.29 -10.10
CA ILE A 87 2.32 3.91 -8.69
C ILE A 87 2.49 2.41 -8.54
N ASP A 88 2.85 1.98 -7.33
CA ASP A 88 3.04 0.56 -7.05
C ASP A 88 2.77 0.25 -5.59
N PRO A 89 1.69 -0.48 -5.32
CA PRO A 89 1.30 -0.86 -3.95
C PRO A 89 2.26 -1.88 -3.33
N LYS A 90 2.29 -1.92 -2.01
CA LYS A 90 3.16 -2.85 -1.29
C LYS A 90 2.44 -3.46 -0.09
N PRO A 91 2.73 -4.75 0.18
CA PRO A 91 2.12 -5.47 1.30
C PRO A 91 2.60 -4.97 2.65
N CYS A 92 3.59 -4.08 2.63
CA CYS A 92 4.14 -3.52 3.85
C CYS A 92 4.74 -4.61 4.72
N THR A 93 5.53 -5.49 4.11
CA THR A 93 6.17 -6.58 4.83
C THR A 93 7.61 -6.78 4.37
N PRO A 94 8.46 -7.32 5.26
CA PRO A 94 9.87 -7.57 4.96
C PRO A 94 10.06 -8.70 3.95
N ARG A 95 11.25 -8.78 3.38
CA ARG A 95 11.56 -9.81 2.40
C ARG A 95 11.07 -11.18 2.88
N GLY A 96 10.29 -11.84 2.03
CA GLY A 96 9.76 -13.15 2.39
C GLY A 96 8.31 -13.31 2.01
N MET A 97 8.07 -13.91 0.84
CA MET A 97 6.71 -14.12 0.36
C MET A 97 5.91 -14.96 1.34
N GLN A 98 6.55 -15.98 1.91
CA GLN A 98 5.91 -16.86 2.87
C GLN A 98 6.10 -16.35 4.29
N PRO A 99 5.01 -16.35 5.07
CA PRO A 99 5.04 -15.89 6.47
C PRO A 99 5.82 -16.84 7.38
N SER A 100 5.80 -18.12 7.03
CA SER A 100 6.49 -19.14 7.82
C SER A 100 7.77 -19.60 7.11
N GLY A 101 8.63 -20.28 7.84
CA GLY A 101 9.87 -20.77 7.27
C GLY A 101 11.08 -20.30 8.03
N PRO A 102 12.20 -21.03 7.89
CA PRO A 102 13.46 -20.70 8.57
C PRO A 102 14.10 -19.43 8.01
N SER A 103 13.92 -18.33 8.71
CA SER A 103 14.48 -17.05 8.29
C SER A 103 15.99 -17.06 8.41
N SER A 104 16.67 -17.57 7.39
CA SER A 104 18.12 -17.63 7.39
C SER A 104 18.63 -18.41 8.59
N GLY A 105 17.96 -19.52 8.91
CA GLY A 105 18.36 -20.33 10.04
C GLY A 105 17.46 -21.53 10.24
#